data_4P5M
#
_entry.id   4P5M
#
_cell.length_a   81.631
_cell.length_b   130.468
_cell.length_c   107.994
_cell.angle_alpha   90.00
_cell.angle_beta   107.16
_cell.angle_gamma   90.00
#
_symmetry.space_group_name_H-M   'P 1 21 1'
#
loop_
_entity.id
_entity.type
_entity.pdbx_description
1 polymer 'HLA class II histocompatibility antigen, DP alpha 1 chain'
2 polymer 'peptide,HLA class II histocompatibility antigen, DP beta 1 chain'
3 branched 2-acetamido-2-deoxy-beta-D-glucopyranose-(1-4)-2-acetamido-2-deoxy-beta-D-glucopyranose
4 branched 2-acetamido-2-deoxy-beta-D-glucopyranose-(1-3)-[2-acetamido-2-deoxy-beta-D-glucopyranose-(1-4)][2-acetamido-2-deoxy-beta-D-glucopyranose-(1-6)]2-acetamido-2-deoxy-beta-D-glucopyranose
5 branched 2-acetamido-2-deoxy-beta-D-glucopyranose-(1-3)-[2-acetamido-2-deoxy-beta-D-glucopyranose-(1-4)]2-acetamido-2-deoxy-beta-D-glucopyranose
6 branched 2-acetamido-2-deoxy-beta-D-glucopyranose-(1-4)-2-acetamido-2-deoxy-beta-D-glucopyranose-(1-4)-[beta-D-mannopyranose-(1-3)]2-acetamido-2-deoxy-beta-D-glucopyranose
7 branched beta-D-mannopyranose-(1-3)-[2-acetamido-2-deoxy-beta-D-glucopyranose-(1-4)]2-acetamido-2-deoxy-beta-D-glucopyranose
8 non-polymer 'SODIUM ION'
9 non-polymer 2-acetamido-2-deoxy-beta-D-glucopyranose
10 water water
#
loop_
_entity_poly.entity_id
_entity_poly.type
_entity_poly.pdbx_seq_one_letter_code
_entity_poly.pdbx_strand_id
1 'polypeptide(L)'
;IKADHVSTYAAFVQTHRPTGEFMFEFDEDEMFYVDLDKKETVWHLEEFGQAFSFEAQGGLANIAILNNNLNTLIQRSNHT
QATNDPPEVTVFPKEPVELGQPNTLICHIDKFFPPVLNVTWLCNGELVTEGVAESLFLPRTDYSFHKFHYLTFVPSAEDF
YDCRVEHWGLDQPLLKHWEAQEP
;
A,C,E,G
2 'polypeptide(L)'
;QAYDGKDYIALKGGSLVPRGSGGGGSPENYLFQGRQECYAFNGTQRFLERYIYNREEFVRFDSDVGEFRAVTELGRPDEE
YWNSQKDILEEERAVPDRMCRHNYELGGPMTLQRRVQPRVNVSPSKKGPLQHHNLLVCHVTDFYPGSIQVRWFLNGQEET
AGVVSTNLIRNGDWTFQILVMLEMTPQQGDVYTCQVEHTSLDSPVTVEWKAQ
;
B,D,F,H
#
# COMPACT_ATOMS: atom_id res chain seq x y z
N ILE A 1 -30.36 -11.45 11.46
CA ILE A 1 -31.02 -10.30 10.87
C ILE A 1 -30.17 -9.74 9.75
N LYS A 2 -30.75 -9.50 8.58
CA LYS A 2 -29.95 -8.98 7.46
C LYS A 2 -29.63 -7.52 7.73
N ALA A 3 -28.39 -7.15 7.52
CA ALA A 3 -27.96 -5.80 7.74
C ALA A 3 -26.72 -5.46 6.95
N ASP A 4 -26.77 -4.30 6.31
CA ASP A 4 -25.65 -3.64 5.71
C ASP A 4 -24.70 -3.16 6.83
N HIS A 5 -25.32 -2.61 7.87
CA HIS A 5 -24.62 -2.10 9.08
C HIS A 5 -25.45 -2.32 10.32
N VAL A 6 -24.78 -2.51 11.45
CA VAL A 6 -25.44 -2.59 12.79
C VAL A 6 -24.88 -1.55 13.71
N SER A 7 -25.76 -0.75 14.27
CA SER A 7 -25.37 0.38 15.12
C SER A 7 -26.05 0.05 16.47
N THR A 8 -25.28 -0.03 17.55
CA THR A 8 -25.79 -0.56 18.83
C THR A 8 -25.33 0.30 20.00
N TYR A 9 -26.31 0.70 20.84
CA TYR A 9 -25.96 1.20 22.16
C TYR A 9 -25.95 0.00 23.10
N ALA A 10 -24.90 -0.11 23.89
CA ALA A 10 -24.81 -1.15 24.91
C ALA A 10 -24.39 -0.55 26.20
N ALA A 11 -24.98 -1.01 27.28
CA ALA A 11 -24.71 -0.50 28.57
C ALA A 11 -24.91 -1.62 29.60
N PHE A 12 -24.17 -1.51 30.69
CA PHE A 12 -24.33 -2.38 31.83
C PHE A 12 -24.12 -1.69 33.13
N VAL A 13 -24.73 -2.24 34.17
CA VAL A 13 -24.43 -1.84 35.55
C VAL A 13 -24.21 -3.14 36.38
N GLN A 14 -23.30 -3.09 37.31
CA GLN A 14 -23.05 -4.22 38.21
C GLN A 14 -22.60 -3.80 39.58
N THR A 15 -22.48 -4.80 40.47
CA THR A 15 -22.10 -4.46 41.84
C THR A 15 -20.62 -4.01 42.01
N HIS A 16 -19.68 -4.67 41.33
CA HIS A 16 -18.25 -4.45 41.45
C HIS A 16 -17.71 -3.48 40.37
N ARG A 17 -16.54 -2.89 40.58
CA ARG A 17 -15.94 -1.96 39.63
C ARG A 17 -15.54 -2.75 38.39
N PRO A 18 -15.85 -2.22 37.20
CA PRO A 18 -16.59 -0.98 36.90
C PRO A 18 -18.06 -1.15 37.10
N THR A 19 -18.65 -0.25 37.85
CA THR A 19 -20.01 -0.44 38.25
C THR A 19 -21.02 0.01 37.14
N GLY A 20 -20.52 0.64 36.07
CA GLY A 20 -21.36 1.07 34.99
C GLY A 20 -20.49 1.31 33.75
N GLU A 21 -21.11 1.10 32.60
CA GLU A 21 -20.49 1.44 31.30
C GLU A 21 -21.63 1.71 30.34
N PHE A 22 -21.44 2.71 29.48
CA PHE A 22 -22.41 3.15 28.52
C PHE A 22 -21.66 3.48 27.22
N MET A 23 -21.92 2.74 26.14
CA MET A 23 -21.17 2.90 24.87
CA MET A 23 -21.17 2.89 24.88
C MET A 23 -22.02 2.68 23.64
N PHE A 24 -21.50 3.11 22.48
CA PHE A 24 -22.10 2.98 21.19
C PHE A 24 -21.08 2.32 20.24
N GLU A 25 -21.48 1.23 19.61
CA GLU A 25 -20.65 0.57 18.63
C GLU A 25 -21.29 0.56 17.24
N PHE A 26 -20.46 0.57 16.19
CA PHE A 26 -20.87 0.58 14.83
C PHE A 26 -20.11 -0.62 14.20
N ASP A 27 -20.81 -1.56 13.59
CA ASP A 27 -20.22 -2.81 13.13
C ASP A 27 -19.18 -3.43 14.04
N GLU A 28 -19.53 -3.48 15.32
CA GLU A 28 -18.75 -4.09 16.39
C GLU A 28 -17.51 -3.35 16.86
N ASP A 29 -17.32 -2.13 16.41
CA ASP A 29 -16.22 -1.33 16.93
C ASP A 29 -16.77 -0.16 17.79
N GLU A 30 -16.14 0.04 18.93
CA GLU A 30 -16.68 1.14 19.83
C GLU A 30 -16.38 2.48 19.25
N MET A 31 -17.43 3.27 19.00
CA MET A 31 -17.34 4.60 18.50
C MET A 31 -17.14 5.71 19.56
N PHE A 32 -17.94 5.60 20.64
CA PHE A 32 -17.90 6.54 21.73
C PHE A 32 -18.42 5.90 22.96
N TYR A 33 -18.03 6.42 24.10
CA TYR A 33 -18.63 6.03 25.34
C TYR A 33 -18.77 7.28 26.21
N VAL A 34 -19.54 7.14 27.28
CA VAL A 34 -19.68 8.19 28.31
C VAL A 34 -18.81 7.84 29.45
N ASP A 35 -17.92 8.74 29.77
CA ASP A 35 -17.10 8.59 31.00
C ASP A 35 -18.01 8.97 32.18
N LEU A 36 -18.34 7.99 33.00
CA LEU A 36 -19.37 8.19 34.09
C LEU A 36 -18.89 9.07 35.25
N ASP A 37 -17.59 9.10 35.46
CA ASP A 37 -16.97 9.96 36.50
C ASP A 37 -16.75 11.41 36.06
N LYS A 38 -16.18 11.59 34.86
CA LYS A 38 -16.11 12.92 34.21
C LYS A 38 -17.46 13.41 33.67
N LYS A 39 -18.41 12.51 33.42
CA LYS A 39 -19.67 12.93 32.86
C LYS A 39 -19.54 13.54 31.42
N GLU A 40 -18.72 12.90 30.60
CA GLU A 40 -18.40 13.40 29.30
C GLU A 40 -18.33 12.31 28.26
N THR A 41 -18.64 12.67 27.04
CA THR A 41 -18.58 11.73 25.93
C THR A 41 -17.13 11.64 25.43
N VAL A 42 -16.61 10.43 25.25
CA VAL A 42 -15.30 10.22 24.82
C VAL A 42 -15.33 9.44 23.46
N TRP A 43 -14.78 10.05 22.43
CA TRP A 43 -14.80 9.55 21.08
C TRP A 43 -13.51 8.72 20.79
N HIS A 44 -13.65 7.52 20.23
CA HIS A 44 -12.55 6.67 20.01
C HIS A 44 -11.52 7.22 18.96
N LEU A 45 -12.03 7.71 17.84
CA LEU A 45 -11.21 8.31 16.77
C LEU A 45 -11.40 9.85 16.83
N GLU A 46 -10.31 10.55 16.79
CA GLU A 46 -10.33 12.01 16.88
C GLU A 46 -11.17 12.68 15.81
N GLU A 47 -11.12 12.21 14.55
CA GLU A 47 -11.91 12.82 13.52
C GLU A 47 -13.40 12.68 13.72
N PHE A 48 -13.83 11.59 14.40
CA PHE A 48 -15.21 11.45 14.72
C PHE A 48 -15.66 12.41 15.80
N GLY A 49 -14.81 12.58 16.81
CA GLY A 49 -15.08 13.53 17.87
C GLY A 49 -15.17 14.94 17.32
N GLN A 50 -14.40 15.20 16.26
N GLN A 50 -14.43 15.25 16.28
CA GLN A 50 -14.41 16.52 15.63
CA GLN A 50 -14.58 16.59 15.73
C GLN A 50 -15.66 16.77 14.79
C GLN A 50 -15.93 16.70 15.01
N ALA A 51 -16.22 15.72 14.19
CA ALA A 51 -17.44 15.83 13.37
C ALA A 51 -18.79 15.64 14.03
N PHE A 52 -18.86 14.81 15.12
CA PHE A 52 -20.12 14.37 15.63
C PHE A 52 -20.15 14.70 17.15
N SER A 53 -21.33 14.56 17.73
CA SER A 53 -21.48 14.67 19.18
C SER A 53 -22.56 13.74 19.69
N PHE A 54 -22.59 13.58 21.02
CA PHE A 54 -23.55 12.87 21.73
C PHE A 54 -23.70 13.54 23.14
N GLU A 55 -24.93 13.69 23.58
CA GLU A 55 -25.25 14.30 24.89
C GLU A 55 -25.00 13.26 26.00
N ALA A 56 -23.94 13.49 26.74
CA ALA A 56 -23.50 12.59 27.81
C ALA A 56 -24.60 12.42 28.81
N GLN A 57 -25.37 13.48 29.11
CA GLN A 57 -26.39 13.28 30.11
C GLN A 57 -27.45 12.23 29.78
N GLY A 58 -27.72 11.91 28.53
CA GLY A 58 -28.62 10.78 28.23
C GLY A 58 -28.00 9.45 28.62
N GLY A 59 -26.68 9.39 28.64
CA GLY A 59 -26.02 8.16 29.05
C GLY A 59 -26.17 8.00 30.54
N LEU A 60 -25.91 9.09 31.25
CA LEU A 60 -26.03 9.08 32.68
C LEU A 60 -27.40 8.78 33.10
N ALA A 61 -28.38 9.31 32.41
CA ALA A 61 -29.80 8.96 32.72
C ALA A 61 -30.13 7.47 32.50
N ASN A 62 -29.65 6.89 31.41
CA ASN A 62 -29.78 5.47 31.23
C ASN A 62 -29.03 4.58 32.21
N ILE A 63 -27.87 4.97 32.73
CA ILE A 63 -27.15 4.24 33.80
C ILE A 63 -28.10 4.29 35.05
N ALA A 64 -28.72 5.41 35.28
CA ALA A 64 -29.64 5.48 36.53
C ALA A 64 -30.85 4.55 36.32
N ILE A 65 -31.37 4.46 35.11
CA ILE A 65 -32.53 3.53 34.81
C ILE A 65 -32.09 2.09 34.93
N LEU A 66 -30.89 1.80 34.43
CA LEU A 66 -30.43 0.45 34.51
C LEU A 66 -30.15 0.04 35.96
N ASN A 67 -29.68 0.93 36.79
CA ASN A 67 -29.49 0.65 38.20
C ASN A 67 -30.84 0.36 38.87
N ASN A 68 -31.86 1.11 38.53
CA ASN A 68 -33.23 0.76 38.96
C ASN A 68 -33.63 -0.60 38.50
N ASN A 69 -33.31 -0.94 37.24
CA ASN A 69 -33.66 -2.19 36.70
C ASN A 69 -32.84 -3.34 37.35
N LEU A 70 -31.59 -3.09 37.69
CA LEU A 70 -30.83 -4.07 38.40
C LEU A 70 -31.46 -4.40 39.80
N ASN A 71 -31.74 -3.36 40.60
CA ASN A 71 -32.41 -3.56 41.91
C ASN A 71 -33.67 -4.45 41.74
N THR A 72 -34.48 -4.18 40.71
CA THR A 72 -35.70 -4.96 40.41
C THR A 72 -35.45 -6.43 40.11
N LEU A 73 -34.47 -6.71 39.27
CA LEU A 73 -34.14 -8.07 38.89
C LEU A 73 -33.39 -8.88 39.94
N ILE A 74 -32.60 -8.21 40.77
CA ILE A 74 -31.97 -8.86 41.93
C ILE A 74 -33.15 -9.51 42.80
N GLN A 75 -34.08 -8.66 43.23
CA GLN A 75 -35.33 -9.10 43.94
C GLN A 75 -36.14 -10.16 43.18
N ARG A 76 -36.42 -9.93 41.91
CA ARG A 76 -37.21 -10.86 41.16
C ARG A 76 -36.57 -12.19 40.89
N SER A 77 -35.24 -12.23 40.82
CA SER A 77 -34.52 -13.45 40.55
C SER A 77 -34.12 -14.16 41.85
N ASN A 78 -34.47 -13.57 43.01
CA ASN A 78 -34.04 -14.05 44.31
C ASN A 78 -32.51 -14.04 44.48
N HIS A 79 -31.84 -12.94 44.09
CA HIS A 79 -30.39 -12.85 44.25
C HIS A 79 -29.66 -13.96 43.48
N THR A 80 -30.03 -14.19 42.22
CA THR A 80 -29.29 -15.17 41.40
C THR A 80 -28.06 -14.44 40.87
N GLN A 81 -26.93 -15.06 41.17
CA GLN A 81 -25.64 -14.68 40.69
C GLN A 81 -25.28 -15.63 39.54
N ALA A 82 -24.74 -15.08 38.44
CA ALA A 82 -24.31 -15.97 37.39
C ALA A 82 -23.03 -16.72 37.65
N THR A 83 -22.85 -17.82 36.96
CA THR A 83 -21.56 -18.48 37.00
C THR A 83 -20.44 -17.63 36.40
N ASN A 84 -19.22 -17.82 36.87
CA ASN A 84 -18.10 -17.10 36.35
C ASN A 84 -17.54 -17.78 35.11
N ASP A 85 -17.60 -17.13 33.95
CA ASP A 85 -17.14 -17.76 32.67
C ASP A 85 -15.76 -17.22 32.37
N PRO A 86 -14.71 -18.06 32.42
CA PRO A 86 -13.37 -17.50 32.35
C PRO A 86 -12.97 -17.13 30.93
N PRO A 87 -11.99 -16.22 30.80
CA PRO A 87 -11.57 -15.73 29.48
C PRO A 87 -10.67 -16.66 28.68
N GLU A 88 -10.72 -16.53 27.36
CA GLU A 88 -9.71 -17.02 26.42
C GLU A 88 -8.83 -15.82 26.09
N VAL A 89 -7.52 -16.00 26.01
CA VAL A 89 -6.54 -14.93 25.89
C VAL A 89 -5.65 -15.24 24.70
N THR A 90 -5.40 -14.24 23.86
CA THR A 90 -4.48 -14.35 22.75
C THR A 90 -3.63 -13.06 22.78
N VAL A 91 -2.36 -13.22 22.47
CA VAL A 91 -1.45 -12.14 22.34
C VAL A 91 -0.88 -12.12 20.94
N PHE A 92 -0.81 -10.95 20.30
CA PHE A 92 -0.31 -10.80 18.90
C PHE A 92 0.09 -9.41 18.64
N PRO A 93 1.08 -9.20 17.78
CA PRO A 93 1.48 -7.88 17.39
C PRO A 93 0.53 -7.23 16.33
N LYS A 94 0.48 -5.91 16.39
CA LYS A 94 -0.29 -5.16 15.40
C LYS A 94 0.29 -5.16 14.01
N GLU A 95 1.62 -5.08 13.93
CA GLU A 95 2.36 -5.04 12.65
C GLU A 95 3.27 -6.24 12.62
N PRO A 96 3.69 -6.62 11.39
CA PRO A 96 4.75 -7.64 11.30
C PRO A 96 5.99 -7.21 12.14
N VAL A 97 6.60 -8.19 12.77
CA VAL A 97 7.68 -7.86 13.70
C VAL A 97 8.93 -7.64 12.96
N GLU A 98 9.52 -6.52 13.20
CA GLU A 98 10.89 -6.23 12.77
C GLU A 98 11.66 -5.79 13.99
N LEU A 99 12.70 -6.53 14.28
CA LEU A 99 13.53 -6.16 15.44
C LEU A 99 14.09 -4.74 15.37
N GLY A 100 13.92 -4.02 16.47
CA GLY A 100 14.36 -2.67 16.55
C GLY A 100 13.40 -1.62 15.98
N GLN A 101 12.25 -2.07 15.44
CA GLN A 101 11.29 -1.12 14.91
C GLN A 101 10.04 -1.10 15.78
N PRO A 102 9.55 0.09 16.12
CA PRO A 102 8.48 0.20 17.10
C PRO A 102 7.19 -0.54 16.59
N ASN A 103 6.46 -1.10 17.50
CA ASN A 103 5.28 -1.89 17.18
C ASN A 103 4.37 -1.78 18.36
N THR A 104 3.32 -2.55 18.37
CA THR A 104 2.31 -2.60 19.45
C THR A 104 1.85 -4.06 19.70
N LEU A 105 1.87 -4.52 20.93
CA LEU A 105 1.43 -5.84 21.32
C LEU A 105 0.01 -5.77 21.80
N ILE A 106 -0.77 -6.67 21.29
CA ILE A 106 -2.20 -6.71 21.65
C ILE A 106 -2.49 -7.96 22.43
N CYS A 107 -3.15 -7.77 23.52
CA CYS A 107 -3.73 -8.86 24.34
C CYS A 107 -5.24 -8.80 24.28
N HIS A 108 -5.83 -9.81 23.65
CA HIS A 108 -7.26 -9.86 23.44
C HIS A 108 -7.81 -10.87 24.46
N ILE A 109 -8.74 -10.46 25.28
CA ILE A 109 -9.31 -11.24 26.33
C ILE A 109 -10.79 -11.41 26.02
N ASP A 110 -11.20 -12.66 25.85
CA ASP A 110 -12.51 -12.91 25.14
C ASP A 110 -13.39 -13.87 25.88
N LYS A 111 -14.68 -13.72 25.67
CA LYS A 111 -15.71 -14.67 26.10
C LYS A 111 -15.85 -14.82 27.57
N PHE A 112 -15.65 -13.76 28.33
CA PHE A 112 -15.74 -13.87 29.77
C PHE A 112 -16.91 -13.12 30.42
N PHE A 113 -17.24 -13.51 31.66
CA PHE A 113 -18.39 -12.97 32.39
C PHE A 113 -18.13 -13.29 33.88
N PRO A 114 -18.25 -12.31 34.76
CA PRO A 114 -18.69 -10.96 34.55
C PRO A 114 -17.56 -10.07 34.07
N PRO A 115 -17.86 -8.79 33.77
CA PRO A 115 -16.84 -7.82 33.35
C PRO A 115 -16.12 -7.23 34.52
N VAL A 116 -15.34 -8.10 35.15
CA VAL A 116 -14.49 -7.80 36.27
C VAL A 116 -13.17 -8.54 36.05
N LEU A 117 -12.04 -7.82 35.93
CA LEU A 117 -10.77 -8.40 35.52
C LEU A 117 -9.63 -7.59 36.09
N ASN A 118 -8.49 -8.20 36.27
CA ASN A 118 -7.29 -7.51 36.38
C ASN A 118 -6.36 -7.95 35.27
N VAL A 119 -5.74 -7.00 34.56
CA VAL A 119 -4.80 -7.37 33.54
C VAL A 119 -3.57 -6.56 33.71
N THR A 120 -2.44 -7.19 33.54
CA THR A 120 -1.17 -6.52 33.47
C THR A 120 -0.25 -7.08 32.46
N TRP A 121 0.65 -6.23 32.00
CA TRP A 121 1.73 -6.70 31.10
C TRP A 121 3.02 -6.93 31.91
N LEU A 122 3.74 -7.99 31.56
CA LEU A 122 5.08 -8.27 32.11
C LEU A 122 6.06 -8.29 30.97
N CYS A 123 7.24 -7.73 31.20
CA CYS A 123 8.38 -7.88 30.24
C CYS A 123 9.54 -8.52 30.97
N ASN A 124 9.98 -9.70 30.52
CA ASN A 124 11.03 -10.41 31.28
C ASN A 124 10.65 -10.63 32.71
N GLY A 125 9.39 -10.99 32.90
CA GLY A 125 8.86 -11.24 34.21
C GLY A 125 8.66 -10.04 35.11
N GLU A 126 8.91 -8.84 34.66
CA GLU A 126 8.65 -7.62 35.49
C GLU A 126 7.45 -6.78 34.98
N LEU A 127 6.71 -6.11 35.87
CA LEU A 127 5.56 -5.31 35.48
C LEU A 127 5.88 -4.20 34.55
N VAL A 128 5.05 -3.97 33.55
CA VAL A 128 5.21 -2.85 32.67
C VAL A 128 3.97 -2.00 32.77
N THR A 129 4.17 -0.73 33.16
CA THR A 129 3.06 0.18 33.26
C THR A 129 3.01 1.38 32.33
N GLU A 130 4.04 1.61 31.54
CA GLU A 130 4.00 2.70 30.59
C GLU A 130 3.90 2.23 29.14
N GLY A 131 3.38 3.06 28.29
CA GLY A 131 3.09 2.68 26.88
C GLY A 131 1.98 1.69 26.75
N VAL A 132 1.11 1.69 27.74
CA VAL A 132 -0.03 0.78 27.85
C VAL A 132 -1.37 1.49 27.64
N ALA A 133 -2.36 0.78 27.08
CA ALA A 133 -3.68 1.34 26.87
C ALA A 133 -4.66 0.14 26.93
N GLU A 134 -5.96 0.43 27.04
CA GLU A 134 -6.94 -0.65 27.11
C GLU A 134 -8.22 -0.16 26.60
N SER A 135 -9.03 -1.04 26.07
CA SER A 135 -10.37 -0.73 25.64
C SER A 135 -11.33 -0.78 26.81
N LEU A 136 -12.59 -0.47 26.53
CA LEU A 136 -13.68 -0.75 27.40
C LEU A 136 -13.89 -2.25 27.54
N PHE A 137 -14.82 -2.62 28.42
CA PHE A 137 -15.37 -3.95 28.39
C PHE A 137 -16.37 -4.00 27.27
N LEU A 138 -16.09 -4.71 26.21
CA LEU A 138 -16.88 -4.61 24.98
C LEU A 138 -17.92 -5.70 24.94
N PRO A 139 -19.14 -5.43 24.52
CA PRO A 139 -20.21 -6.43 24.56
C PRO A 139 -20.10 -7.45 23.45
N ARG A 140 -20.55 -8.66 23.70
CA ARG A 140 -20.63 -9.73 22.73
C ARG A 140 -22.11 -10.06 22.60
N THR A 141 -22.49 -10.58 21.44
CA THR A 141 -23.88 -11.02 21.22
C THR A 141 -24.40 -12.13 22.08
N ASP A 142 -23.52 -12.85 22.77
CA ASP A 142 -23.95 -13.88 23.72
C ASP A 142 -23.96 -13.38 25.15
N TYR A 143 -23.80 -12.05 25.26
CA TYR A 143 -23.89 -11.36 26.57
C TYR A 143 -22.74 -11.56 27.51
N SER A 144 -21.66 -12.15 27.00
CA SER A 144 -20.37 -12.15 27.66
C SER A 144 -19.62 -10.91 27.14
N PHE A 145 -18.38 -10.77 27.54
CA PHE A 145 -17.58 -9.60 27.19
C PHE A 145 -16.23 -9.98 26.58
N HIS A 146 -15.65 -8.99 25.91
CA HIS A 146 -14.32 -9.02 25.52
C HIS A 146 -13.59 -7.70 25.81
N LYS A 147 -12.27 -7.71 25.72
CA LYS A 147 -11.44 -6.53 26.05
C LYS A 147 -10.10 -6.63 25.41
N PHE A 148 -9.51 -5.49 25.04
CA PHE A 148 -8.22 -5.41 24.47
C PHE A 148 -7.30 -4.61 25.39
N HIS A 149 -6.08 -5.11 25.53
CA HIS A 149 -4.96 -4.43 26.18
C HIS A 149 -3.82 -4.26 25.21
N TYR A 150 -3.15 -3.13 25.30
CA TYR A 150 -2.13 -2.76 24.33
C TYR A 150 -0.85 -2.34 25.01
N LEU A 151 0.27 -2.69 24.37
CA LEU A 151 1.62 -2.26 24.83
C LEU A 151 2.46 -1.81 23.69
N THR A 152 2.89 -0.53 23.66
CA THR A 152 3.79 -0.04 22.61
C THR A 152 5.18 -0.51 23.05
N PHE A 153 5.95 -1.07 22.10
CA PHE A 153 7.24 -1.68 22.49
C PHE A 153 8.13 -1.67 21.20
N VAL A 154 9.41 -1.87 21.44
CA VAL A 154 10.36 -2.11 20.36
C VAL A 154 10.85 -3.56 20.44
N PRO A 155 10.48 -4.41 19.47
CA PRO A 155 10.87 -5.79 19.63
C PRO A 155 12.35 -5.96 19.65
N SER A 156 12.78 -6.94 20.45
CA SER A 156 14.17 -7.26 20.60
C SER A 156 14.28 -8.77 20.81
N ALA A 157 15.40 -9.37 20.36
CA ALA A 157 15.61 -10.82 20.46
C ALA A 157 15.59 -11.32 21.90
N GLU A 158 16.02 -10.56 22.84
CA GLU A 158 16.15 -11.19 24.15
C GLU A 158 14.89 -11.14 25.01
N ASP A 159 13.95 -10.21 24.71
CA ASP A 159 12.80 -9.97 25.59
C ASP A 159 11.67 -10.96 25.45
N PHE A 160 11.02 -11.21 26.54
CA PHE A 160 9.81 -12.00 26.46
C PHE A 160 8.71 -11.21 27.14
N TYR A 161 7.45 -11.42 26.74
CA TYR A 161 6.35 -10.66 27.37
C TYR A 161 5.31 -11.67 27.80
N ASP A 162 4.53 -11.28 28.78
CA ASP A 162 3.33 -11.95 29.19
C ASP A 162 2.19 -10.96 29.39
N CYS A 163 1.01 -11.36 28.92
CA CYS A 163 -0.19 -10.77 29.33
C CYS A 163 -0.72 -11.61 30.50
N ARG A 164 -0.87 -10.98 31.65
CA ARG A 164 -1.34 -11.67 32.87
C ARG A 164 -2.75 -11.22 33.27
N VAL A 165 -3.65 -12.20 33.25
CA VAL A 165 -5.08 -12.01 33.44
C VAL A 165 -5.59 -12.76 34.71
N GLU A 166 -6.34 -12.07 35.55
CA GLU A 166 -7.05 -12.60 36.71
C GLU A 166 -8.53 -12.39 36.45
N HIS A 167 -9.28 -13.45 36.69
CA HIS A 167 -10.74 -13.43 36.57
C HIS A 167 -11.32 -14.43 37.53
N TRP A 168 -12.52 -14.19 38.07
CA TRP A 168 -13.11 -15.16 39.03
C TRP A 168 -13.38 -16.55 38.53
N GLY A 169 -13.45 -16.75 37.21
CA GLY A 169 -13.63 -18.05 36.62
C GLY A 169 -12.35 -18.82 36.51
N LEU A 170 -11.23 -18.19 36.87
CA LEU A 170 -9.94 -18.88 36.68
C LEU A 170 -9.45 -19.25 38.04
N ASP A 171 -8.85 -20.44 38.11
CA ASP A 171 -8.34 -20.95 39.40
C ASP A 171 -7.10 -20.18 39.82
N GLN A 172 -6.32 -19.70 38.85
CA GLN A 172 -5.15 -18.90 39.15
C GLN A 172 -4.92 -17.95 37.98
N PRO A 173 -4.03 -16.99 38.15
CA PRO A 173 -3.81 -16.10 36.99
C PRO A 173 -3.36 -16.83 35.73
N LEU A 174 -3.84 -16.28 34.62
CA LEU A 174 -3.51 -16.81 33.32
C LEU A 174 -2.43 -15.91 32.74
N LEU A 175 -1.26 -16.47 32.46
CA LEU A 175 -0.14 -15.81 31.80
C LEU A 175 -0.01 -16.22 30.36
N LYS A 176 -0.24 -15.31 29.42
CA LYS A 176 -0.14 -15.67 28.02
C LYS A 176 1.14 -15.07 27.49
N HIS A 177 2.00 -15.96 26.98
CA HIS A 177 3.38 -15.64 26.68
C HIS A 177 3.54 -15.21 25.24
N TRP A 178 4.43 -14.31 24.98
CA TRP A 178 4.82 -13.91 23.65
C TRP A 178 6.30 -13.56 23.57
N GLU A 179 6.95 -13.99 22.49
CA GLU A 179 8.30 -13.52 22.18
C GLU A 179 8.52 -13.31 20.70
N ALA A 180 9.42 -12.41 20.40
CA ALA A 180 9.84 -12.16 18.99
C ALA A 180 10.74 -13.29 18.54
N GLN B 1 -25.32 16.55 13.04
CA GLN B 1 -24.19 15.73 13.53
C GLN B 1 -24.25 15.25 15.05
N ALA B 2 -25.31 15.55 15.80
CA ALA B 2 -25.55 14.90 17.11
C ALA B 2 -26.23 13.56 17.00
N TYR B 3 -25.66 12.48 17.53
CA TYR B 3 -26.35 11.25 17.67
C TYR B 3 -27.53 11.32 18.62
N ASP B 4 -28.64 10.73 18.22
CA ASP B 4 -29.84 10.54 19.08
C ASP B 4 -29.65 9.30 19.91
N GLY B 5 -30.03 9.38 21.18
CA GLY B 5 -30.15 8.19 21.98
C GLY B 5 -31.59 7.99 22.41
N LYS B 6 -31.78 7.07 23.33
CA LYS B 6 -33.12 6.65 23.74
C LYS B 6 -33.08 6.16 25.18
N ASP B 7 -34.05 6.56 26.01
CA ASP B 7 -34.15 6.04 27.39
C ASP B 7 -34.68 4.60 27.38
N TYR B 8 -34.04 3.76 28.14
CA TYR B 8 -34.60 2.42 28.43
C TYR B 8 -35.90 2.63 29.30
N ILE B 9 -36.68 1.61 29.37
CA ILE B 9 -37.84 1.56 30.30
C ILE B 9 -37.38 1.15 31.70
N ALA B 10 -37.97 1.78 32.73
CA ALA B 10 -37.72 1.43 34.13
C ALA B 10 -38.76 0.38 34.53
N LEU B 11 -38.34 -0.87 34.65
CA LEU B 11 -39.22 -2.02 34.88
C LEU B 11 -39.78 -1.93 36.30
N LYS B 12 -40.87 -2.61 36.53
CA LYS B 12 -41.62 -2.45 37.79
C LYS B 12 -41.34 -3.59 38.73
N GLY B 13 -41.06 -3.25 39.99
CA GLY B 13 -40.82 -4.25 41.03
C GLY B 13 -41.72 -5.46 40.84
N PRO B 27 -17.11 -13.61 45.26
CA PRO B 27 -17.65 -12.31 45.70
C PRO B 27 -19.02 -12.08 45.07
N GLU B 28 -19.87 -11.38 45.80
CA GLU B 28 -21.26 -11.22 45.40
C GLU B 28 -21.35 -10.14 44.30
N ASN B 29 -21.91 -10.56 43.15
CA ASN B 29 -22.06 -9.64 41.96
C ASN B 29 -23.31 -9.98 41.21
N TYR B 30 -24.03 -8.92 40.88
CA TYR B 30 -25.17 -8.97 40.00
C TYR B 30 -25.00 -7.90 38.93
N LEU B 31 -25.55 -8.21 37.77
CA LEU B 31 -25.38 -7.35 36.58
C LEU B 31 -26.65 -7.22 35.79
N PHE B 32 -26.92 -6.02 35.25
CA PHE B 32 -28.00 -5.82 34.34
C PHE B 32 -27.44 -5.13 33.07
N GLN B 33 -27.73 -5.62 31.90
CA GLN B 33 -27.26 -4.94 30.68
C GLN B 33 -28.37 -4.80 29.67
N GLY B 34 -28.18 -3.86 28.77
CA GLY B 34 -29.14 -3.60 27.74
C GLY B 34 -28.47 -3.45 26.40
N ARG B 35 -29.31 -3.54 25.39
CA ARG B 35 -28.98 -3.25 24.02
C ARG B 35 -30.07 -2.45 23.38
N GLN B 36 -29.68 -1.48 22.58
CA GLN B 36 -30.57 -0.78 21.69
C GLN B 36 -29.99 -0.85 20.28
N GLU B 37 -30.44 -1.78 19.46
CA GLU B 37 -29.78 -2.17 18.21
C GLU B 37 -30.55 -1.66 17.01
N CYS B 38 -29.85 -1.05 16.05
CA CYS B 38 -30.45 -0.61 14.82
C CYS B 38 -29.81 -1.35 13.69
N TYR B 39 -30.63 -2.09 12.96
CA TYR B 39 -30.14 -2.88 11.80
C TYR B 39 -30.55 -2.19 10.50
N ALA B 40 -29.57 -1.72 9.73
CA ALA B 40 -29.83 -0.96 8.54
C ALA B 40 -29.68 -1.94 7.39
N PHE B 41 -30.66 -1.94 6.50
CA PHE B 41 -30.63 -2.88 5.33
C PHE B 41 -31.52 -2.35 4.21
N ASN B 42 -30.91 -1.97 3.09
CA ASN B 42 -31.63 -1.70 1.86
C ASN B 42 -32.71 -0.65 2.01
N GLY B 43 -32.35 0.43 2.70
CA GLY B 43 -33.24 1.61 2.89
C GLY B 43 -34.20 1.47 4.06
N THR B 44 -34.13 0.37 4.80
CA THR B 44 -35.01 0.06 5.93
C THR B 44 -34.20 0.00 7.23
N GLN B 45 -34.92 0.10 8.32
CA GLN B 45 -34.32 0.04 9.65
C GLN B 45 -35.14 -0.90 10.50
N ARG B 46 -34.50 -1.74 11.28
CA ARG B 46 -35.14 -2.55 12.34
C ARG B 46 -34.52 -2.34 13.71
N PHE B 47 -35.35 -2.19 14.76
CA PHE B 47 -34.91 -1.78 16.06
C PHE B 47 -35.17 -2.89 16.99
N LEU B 48 -34.16 -3.24 17.77
CA LEU B 48 -34.34 -4.19 18.87
C LEU B 48 -33.86 -3.58 20.15
N GLU B 49 -34.67 -3.70 21.20
CA GLU B 49 -34.28 -3.28 22.52
C GLU B 49 -34.31 -4.48 23.39
N ARG B 50 -33.16 -4.85 23.96
CA ARG B 50 -33.02 -6.03 24.82
C ARG B 50 -32.72 -5.69 26.28
N TYR B 51 -33.34 -6.42 27.20
CA TYR B 51 -33.20 -6.26 28.67
C TYR B 51 -32.67 -7.62 29.15
N ILE B 52 -31.52 -7.55 29.85
CA ILE B 52 -30.66 -8.71 30.15
C ILE B 52 -30.22 -8.69 31.55
N TYR B 53 -30.47 -9.82 32.22
CA TYR B 53 -30.12 -9.94 33.62
C TYR B 53 -29.02 -10.93 33.68
N ASN B 54 -27.82 -10.46 34.12
CA ASN B 54 -26.59 -11.27 34.01
C ASN B 54 -26.35 -11.58 32.49
N ARG B 55 -26.47 -12.84 32.05
CA ARG B 55 -26.39 -13.25 30.65
C ARG B 55 -27.69 -13.75 30.04
N GLU B 56 -28.78 -13.52 30.72
CA GLU B 56 -30.11 -13.97 30.34
C GLU B 56 -30.96 -12.80 29.84
N GLU B 57 -31.14 -12.73 28.54
CA GLU B 57 -32.05 -11.80 27.93
C GLU B 57 -33.45 -12.33 28.31
N PHE B 58 -34.24 -11.48 28.96
CA PHE B 58 -35.53 -11.94 29.45
C PHE B 58 -36.72 -11.28 28.76
N VAL B 59 -36.55 -10.04 28.25
CA VAL B 59 -37.59 -9.40 27.45
C VAL B 59 -36.93 -8.56 26.35
N ARG B 60 -37.64 -8.42 25.25
CA ARG B 60 -37.14 -7.69 24.08
C ARG B 60 -38.31 -6.96 23.42
N PHE B 61 -38.11 -5.75 22.89
CA PHE B 61 -38.95 -5.19 21.83
C PHE B 61 -38.23 -5.33 20.48
N ASP B 62 -38.86 -5.97 19.49
CA ASP B 62 -38.40 -6.02 18.12
C ASP B 62 -39.41 -5.33 17.23
N SER B 63 -39.00 -4.31 16.48
CA SER B 63 -39.90 -3.53 15.61
C SER B 63 -40.57 -4.43 14.57
N ASP B 64 -39.94 -5.53 14.18
CA ASP B 64 -40.61 -6.46 13.26
C ASP B 64 -41.80 -7.20 13.91
N VAL B 65 -41.90 -7.20 15.25
CA VAL B 65 -43.03 -7.82 15.99
C VAL B 65 -43.96 -6.71 16.39
N GLY B 66 -43.43 -5.58 16.86
CA GLY B 66 -44.23 -4.42 17.18
C GLY B 66 -44.76 -4.36 18.59
N GLU B 67 -44.38 -5.35 19.36
CA GLU B 67 -44.62 -5.31 20.82
C GLU B 67 -43.53 -6.05 21.62
N PHE B 68 -43.59 -5.87 22.93
CA PHE B 68 -42.70 -6.56 23.86
C PHE B 68 -43.04 -8.07 23.86
N ARG B 69 -42.02 -8.93 23.87
CA ARG B 69 -42.14 -10.36 23.99
C ARG B 69 -41.22 -10.82 25.10
N ALA B 70 -41.72 -11.57 26.10
CA ALA B 70 -40.86 -12.25 27.05
C ALA B 70 -39.95 -13.23 26.34
N VAL B 71 -38.66 -13.20 26.64
CA VAL B 71 -37.75 -14.15 26.00
C VAL B 71 -37.68 -15.35 26.89
N THR B 72 -37.90 -15.11 28.17
CA THR B 72 -37.71 -16.09 29.20
C THR B 72 -38.84 -15.86 30.22
N GLU B 73 -39.03 -16.79 31.12
CA GLU B 73 -40.10 -16.67 32.10
C GLU B 73 -39.95 -15.44 33.02
N LEU B 74 -38.70 -15.06 33.34
CA LEU B 74 -38.45 -13.84 34.12
C LEU B 74 -39.12 -12.64 33.48
N GLY B 75 -39.28 -12.68 32.16
CA GLY B 75 -39.82 -11.52 31.43
C GLY B 75 -41.34 -11.44 31.35
N ARG B 76 -42.01 -12.48 31.86
CA ARG B 76 -43.46 -12.63 31.76
C ARG B 76 -44.16 -11.41 32.30
N PRO B 77 -43.84 -10.99 33.53
CA PRO B 77 -44.55 -9.77 33.98
C PRO B 77 -44.33 -8.49 33.16
N ASP B 78 -43.15 -8.31 32.54
CA ASP B 78 -42.92 -7.07 31.79
C ASP B 78 -43.63 -7.06 30.44
N GLU B 79 -43.71 -8.21 29.79
CA GLU B 79 -44.45 -8.28 28.58
C GLU B 79 -45.89 -7.86 28.85
N GLU B 80 -46.46 -8.39 29.94
CA GLU B 80 -47.90 -8.24 30.15
C GLU B 80 -48.18 -6.78 30.40
N TYR B 81 -47.43 -6.15 31.30
CA TYR B 81 -47.61 -4.77 31.62
C TYR B 81 -47.31 -3.79 30.50
N TRP B 82 -46.10 -3.88 29.96
CA TRP B 82 -45.72 -2.85 29.03
C TRP B 82 -46.53 -2.86 27.75
N ASN B 83 -46.97 -4.00 27.32
CA ASN B 83 -47.84 -4.12 26.12
C ASN B 83 -49.25 -3.53 26.23
N SER B 84 -49.72 -3.28 27.43
CA SER B 84 -50.93 -2.50 27.63
C SER B 84 -50.64 -1.02 27.89
N GLN B 85 -49.38 -0.60 27.79
CA GLN B 85 -49.05 0.83 27.77
C GLN B 85 -48.91 1.33 26.32
N LYS B 86 -49.89 2.08 25.84
CA LYS B 86 -49.94 2.46 24.42
C LYS B 86 -48.96 3.55 24.04
N ASP B 87 -48.74 4.48 24.94
CA ASP B 87 -47.77 5.56 24.75
C ASP B 87 -46.33 5.00 24.63
N ILE B 88 -45.99 3.98 25.43
CA ILE B 88 -44.69 3.36 25.43
C ILE B 88 -44.56 2.57 24.14
N LEU B 89 -45.57 1.77 23.79
CA LEU B 89 -45.51 1.06 22.51
C LEU B 89 -45.37 1.95 21.27
N GLU B 90 -46.03 3.10 21.31
CA GLU B 90 -45.96 4.03 20.20
C GLU B 90 -44.50 4.60 20.11
N GLU B 91 -43.89 4.92 21.25
CA GLU B 91 -42.53 5.40 21.29
C GLU B 91 -41.62 4.29 20.72
N GLU B 92 -41.77 3.03 21.14
CA GLU B 92 -40.85 1.98 20.65
C GLU B 92 -41.03 1.76 19.13
N ARG B 93 -42.28 1.80 18.65
CA ARG B 93 -42.56 1.61 17.17
C ARG B 93 -42.04 2.70 16.27
N ALA B 94 -41.86 3.89 16.81
CA ALA B 94 -41.31 5.01 16.12
C ALA B 94 -39.74 5.05 16.03
N VAL B 95 -39.05 4.16 16.76
CA VAL B 95 -37.58 4.27 16.88
C VAL B 95 -36.94 4.02 15.49
N PRO B 96 -37.44 3.09 14.71
CA PRO B 96 -36.77 2.90 13.39
C PRO B 96 -36.75 4.05 12.49
N ASP B 97 -37.84 4.79 12.43
CA ASP B 97 -37.83 5.97 11.62
C ASP B 97 -37.31 7.20 12.28
N ARG B 98 -37.16 7.25 13.60
CA ARG B 98 -36.57 8.38 14.28
C ARG B 98 -35.12 8.05 14.63
N MET B 99 -34.80 7.61 15.85
CA MET B 99 -33.41 7.40 16.19
C MET B 99 -32.60 6.59 15.16
N CYS B 100 -33.08 5.43 14.71
CA CYS B 100 -32.22 4.59 13.83
C CYS B 100 -31.88 5.30 12.53
N ARG B 101 -32.93 5.77 11.86
CA ARG B 101 -32.75 6.45 10.58
C ARG B 101 -31.93 7.72 10.76
N HIS B 102 -32.25 8.48 11.78
CA HIS B 102 -31.51 9.72 12.06
C HIS B 102 -30.03 9.52 12.19
N ASN B 103 -29.64 8.52 12.98
CA ASN B 103 -28.26 8.25 13.25
C ASN B 103 -27.57 7.69 11.97
N TYR B 104 -28.25 6.84 11.23
CA TYR B 104 -27.72 6.25 9.99
C TYR B 104 -27.49 7.30 8.94
N GLU B 105 -28.44 8.22 8.81
CA GLU B 105 -28.33 9.34 7.87
C GLU B 105 -27.28 10.39 8.24
N LEU B 106 -26.89 10.56 9.50
CA LEU B 106 -25.95 11.56 9.82
C LEU B 106 -24.54 11.15 9.65
N GLY B 107 -24.29 9.86 9.50
CA GLY B 107 -22.91 9.36 9.52
C GLY B 107 -22.12 9.78 8.29
N GLY B 108 -22.80 9.89 7.14
CA GLY B 108 -22.17 10.19 5.85
C GLY B 108 -21.19 9.13 5.39
N PRO B 109 -20.44 9.47 4.31
CA PRO B 109 -19.41 8.58 3.86
C PRO B 109 -18.38 8.27 4.88
N MET B 110 -18.05 9.23 5.73
CA MET B 110 -17.00 8.98 6.69
C MET B 110 -17.29 7.90 7.65
N THR B 111 -18.56 7.65 7.93
CA THR B 111 -18.90 6.55 8.73
C THR B 111 -19.25 5.24 7.92
N LEU B 112 -20.09 5.40 6.89
CA LEU B 112 -20.67 4.25 6.26
C LEU B 112 -19.70 3.77 5.16
N GLN B 113 -18.73 4.58 4.80
CA GLN B 113 -17.80 4.22 3.72
C GLN B 113 -16.36 4.48 4.14
N ARG B 114 -16.09 4.34 5.40
CA ARG B 114 -14.73 4.42 5.89
C ARG B 114 -13.83 3.41 5.28
N ARG B 115 -12.66 3.87 4.89
CA ARG B 115 -11.68 2.99 4.18
C ARG B 115 -10.29 3.26 4.76
N VAL B 116 -9.53 2.20 5.05
CA VAL B 116 -8.17 2.33 5.48
C VAL B 116 -7.37 1.24 4.75
N GLN B 117 -6.41 1.69 3.98
CA GLN B 117 -5.67 0.72 3.12
C GLN B 117 -4.75 -0.23 3.87
N PRO B 118 -4.70 -1.49 3.44
CA PRO B 118 -3.81 -2.44 4.03
C PRO B 118 -2.34 -2.26 3.77
N ARG B 119 -1.52 -2.68 4.74
CA ARG B 119 -0.13 -2.98 4.48
C ARG B 119 0.04 -4.48 4.27
N VAL B 120 0.95 -4.86 3.39
CA VAL B 120 1.17 -6.27 2.97
C VAL B 120 2.66 -6.66 3.14
N ASN B 121 2.91 -7.68 3.91
CA ASN B 121 4.23 -8.25 4.08
C ASN B 121 4.25 -9.74 3.79
N VAL B 122 5.27 -10.23 3.08
CA VAL B 122 5.39 -11.65 2.85
C VAL B 122 6.73 -12.15 3.40
N SER B 123 6.66 -13.18 4.21
CA SER B 123 7.85 -13.84 4.68
C SER B 123 7.59 -15.22 5.11
N PRO B 124 8.64 -16.06 5.07
CA PRO B 124 8.51 -17.43 5.55
C PRO B 124 8.26 -17.48 7.00
N SER B 125 7.45 -18.42 7.44
CA SER B 125 7.17 -18.62 8.83
C SER B 125 8.47 -19.01 9.50
N LYS B 126 8.70 -18.55 10.71
CA LYS B 126 9.93 -19.02 11.40
C LYS B 126 9.60 -20.24 12.29
N LYS B 127 8.34 -20.65 12.29
CA LYS B 127 7.77 -21.51 13.34
C LYS B 127 7.66 -23.01 12.87
N GLY B 128 8.40 -23.39 11.82
CA GLY B 128 8.31 -24.80 11.30
C GLY B 128 8.25 -25.94 12.36
N PRO B 129 9.24 -25.93 13.27
CA PRO B 129 9.26 -26.93 14.33
C PRO B 129 7.93 -27.10 15.09
N LEU B 130 7.19 -26.01 15.24
CA LEU B 130 5.96 -26.03 16.01
C LEU B 130 4.81 -26.13 15.08
N GLN B 131 4.96 -25.74 13.80
CA GLN B 131 3.83 -25.83 12.85
C GLN B 131 3.81 -27.12 12.08
N HIS B 132 5.01 -27.67 11.89
CA HIS B 132 5.24 -28.94 11.26
C HIS B 132 5.02 -28.87 9.73
N HIS B 133 4.90 -27.62 9.18
CA HIS B 133 4.66 -27.36 7.80
C HIS B 133 5.50 -26.20 7.38
N ASN B 134 5.89 -26.17 6.12
CA ASN B 134 6.69 -25.11 5.55
C ASN B 134 5.76 -24.05 4.96
N LEU B 135 5.56 -22.94 5.68
CA LEU B 135 4.48 -22.00 5.26
C LEU B 135 5.10 -20.65 4.92
N LEU B 136 4.57 -20.07 3.88
CA LEU B 136 4.93 -18.71 3.43
C LEU B 136 3.72 -17.85 3.91
N VAL B 137 4.02 -16.78 4.59
CA VAL B 137 3.00 -15.97 5.29
C VAL B 137 2.80 -14.63 4.59
N CYS B 138 1.56 -14.39 4.16
CA CYS B 138 1.10 -13.03 3.71
C CYS B 138 0.35 -12.36 4.86
N HIS B 139 1.07 -11.47 5.57
CA HIS B 139 0.50 -10.76 6.69
C HIS B 139 0.00 -9.43 6.25
N VAL B 140 -1.31 -9.24 6.29
CA VAL B 140 -2.01 -8.12 5.76
C VAL B 140 -2.55 -7.38 7.00
N THR B 141 -2.13 -6.12 7.18
CA THR B 141 -2.40 -5.38 8.43
C THR B 141 -2.97 -3.97 8.17
N ASP B 142 -3.64 -3.55 9.21
CA ASP B 142 -4.11 -2.20 9.42
C ASP B 142 -5.15 -1.75 8.41
N PHE B 143 -6.14 -2.55 8.12
CA PHE B 143 -7.08 -2.24 7.11
C PHE B 143 -8.51 -2.10 7.63
N TYR B 144 -9.38 -1.48 6.86
CA TYR B 144 -10.81 -1.37 7.16
C TYR B 144 -11.53 -1.05 5.87
N PRO B 145 -12.72 -1.63 5.62
CA PRO B 145 -13.47 -2.52 6.41
C PRO B 145 -12.90 -3.94 6.36
N GLY B 146 -13.56 -4.83 7.05
CA GLY B 146 -13.03 -6.16 7.22
C GLY B 146 -13.05 -7.10 6.05
N SER B 147 -13.88 -6.87 5.06
CA SER B 147 -13.94 -7.77 3.90
C SER B 147 -12.66 -7.65 3.05
N ILE B 148 -11.98 -8.76 2.78
CA ILE B 148 -10.79 -8.70 2.00
C ILE B 148 -10.59 -10.05 1.26
N GLN B 149 -9.85 -10.05 0.17
CA GLN B 149 -9.55 -11.32 -0.50
C GLN B 149 -8.03 -11.39 -0.76
N VAL B 150 -7.44 -12.52 -0.42
CA VAL B 150 -6.00 -12.68 -0.54
C VAL B 150 -5.84 -13.91 -1.43
N ARG B 151 -5.09 -13.80 -2.53
CA ARG B 151 -4.80 -14.90 -3.44
C ARG B 151 -3.26 -15.16 -3.48
N TRP B 152 -2.89 -16.41 -3.73
CA TRP B 152 -1.49 -16.79 -3.90
C TRP B 152 -1.23 -17.31 -5.32
N PHE B 153 -0.05 -17.01 -5.89
CA PHE B 153 0.40 -17.41 -7.16
C PHE B 153 1.83 -17.97 -7.06
N LEU B 154 2.17 -18.97 -7.93
CA LEU B 154 3.52 -19.58 -7.91
C LEU B 154 3.87 -19.56 -9.39
N ASN B 155 4.92 -18.82 -9.73
CA ASN B 155 5.36 -18.57 -11.10
C ASN B 155 4.20 -18.13 -11.95
N GLY B 156 3.38 -17.21 -11.40
CA GLY B 156 2.25 -16.67 -12.14
C GLY B 156 0.96 -17.48 -12.22
N GLN B 157 0.93 -18.69 -11.69
CA GLN B 157 -0.25 -19.52 -11.73
C GLN B 157 -0.84 -19.45 -10.40
N GLU B 158 -2.15 -19.29 -10.36
CA GLU B 158 -2.82 -19.27 -9.08
C GLU B 158 -2.72 -20.58 -8.38
N GLU B 159 -2.48 -20.55 -7.04
CA GLU B 159 -2.44 -21.69 -6.13
C GLU B 159 -3.62 -21.62 -5.24
N THR B 160 -4.41 -22.66 -5.32
CA THR B 160 -5.63 -22.76 -4.53
C THR B 160 -5.57 -23.91 -3.54
N ALA B 161 -4.64 -24.83 -3.69
CA ALA B 161 -4.46 -25.86 -2.74
C ALA B 161 -3.34 -25.37 -1.79
N GLY B 162 -3.44 -25.78 -0.58
CA GLY B 162 -2.42 -25.62 0.42
C GLY B 162 -2.46 -24.23 1.09
N VAL B 163 -3.57 -23.51 0.94
CA VAL B 163 -3.77 -22.15 1.56
C VAL B 163 -4.58 -22.26 2.85
N VAL B 164 -4.02 -21.74 3.97
CA VAL B 164 -4.75 -21.72 5.20
C VAL B 164 -4.70 -20.29 5.74
N SER B 165 -5.66 -19.91 6.58
CA SER B 165 -5.74 -18.48 7.01
C SER B 165 -6.09 -18.44 8.45
N THR B 166 -5.70 -17.35 9.12
CA THR B 166 -6.33 -17.08 10.41
C THR B 166 -7.73 -16.64 10.16
N ASN B 167 -8.47 -16.49 11.27
CA ASN B 167 -9.67 -15.71 11.25
C ASN B 167 -9.29 -14.26 10.92
N LEU B 168 -10.28 -13.54 10.40
CA LEU B 168 -10.15 -12.08 10.32
C LEU B 168 -10.00 -11.58 11.76
N ILE B 169 -8.94 -10.85 12.02
CA ILE B 169 -8.60 -10.39 13.40
C ILE B 169 -8.89 -8.89 13.58
N ARG B 170 -9.74 -8.60 14.56
CA ARG B 170 -10.10 -7.25 14.89
C ARG B 170 -9.05 -6.75 15.92
N ASN B 171 -8.40 -5.66 15.61
CA ASN B 171 -7.41 -5.07 16.50
C ASN B 171 -8.00 -4.27 17.65
N GLY B 172 -9.25 -3.87 17.55
CA GLY B 172 -9.93 -3.10 18.56
C GLY B 172 -9.80 -1.59 18.39
N ASP B 173 -8.99 -1.14 17.42
CA ASP B 173 -8.64 0.24 17.16
C ASP B 173 -9.23 0.73 15.84
N TRP B 174 -10.27 0.07 15.37
CA TRP B 174 -10.94 0.35 14.09
C TRP B 174 -10.06 -0.08 12.91
N THR B 175 -9.26 -1.13 13.11
CA THR B 175 -8.53 -1.78 11.97
C THR B 175 -8.58 -3.28 12.19
N PHE B 176 -8.23 -3.99 11.13
CA PHE B 176 -8.20 -5.42 11.11
C PHE B 176 -6.83 -5.90 10.63
N GLN B 177 -6.56 -7.19 10.81
CA GLN B 177 -5.40 -7.80 10.18
C GLN B 177 -5.86 -9.26 9.85
N ILE B 178 -5.08 -9.87 9.03
CA ILE B 178 -5.27 -11.32 8.68
C ILE B 178 -3.96 -11.91 8.26
N LEU B 179 -3.72 -13.17 8.51
CA LEU B 179 -2.52 -13.85 7.98
C LEU B 179 -2.97 -15.00 7.07
N VAL B 180 -2.51 -14.96 5.83
CA VAL B 180 -2.89 -15.98 4.88
C VAL B 180 -1.63 -16.71 4.48
N MET B 181 -1.64 -18.07 4.62
CA MET B 181 -0.43 -18.85 4.58
C MET B 181 -0.50 -19.86 3.44
N LEU B 182 0.56 -19.94 2.69
CA LEU B 182 0.69 -20.90 1.62
C LEU B 182 1.72 -21.96 2.05
N GLU B 183 1.29 -23.21 1.95
CA GLU B 183 2.19 -24.29 2.16
C GLU B 183 3.03 -24.54 0.90
N MET B 184 4.32 -24.54 1.06
CA MET B 184 5.15 -24.47 -0.11
C MET B 184 6.20 -25.61 -0.12
N THR B 185 6.61 -25.98 -1.33
CA THR B 185 7.71 -26.92 -1.53
CA THR B 185 7.70 -26.94 -1.54
C THR B 185 8.63 -26.26 -2.54
N PRO B 186 9.40 -25.22 -2.13
CA PRO B 186 10.00 -24.36 -3.14
C PRO B 186 11.17 -25.06 -3.83
N GLN B 187 11.43 -24.61 -5.04
CA GLN B 187 12.58 -25.04 -5.83
C GLN B 187 13.27 -23.77 -6.18
N GLN B 188 14.57 -23.80 -6.35
CA GLN B 188 15.29 -22.59 -6.71
C GLN B 188 14.68 -21.96 -7.99
N GLY B 189 14.51 -20.66 -7.97
CA GLY B 189 13.84 -20.00 -9.05
C GLY B 189 12.35 -19.81 -8.91
N ASP B 190 11.73 -20.51 -8.00
CA ASP B 190 10.27 -20.30 -7.78
C ASP B 190 9.96 -18.89 -7.25
N VAL B 191 8.96 -18.27 -7.82
CA VAL B 191 8.62 -16.89 -7.46
C VAL B 191 7.20 -16.97 -6.94
N TYR B 192 7.00 -16.59 -5.67
CA TYR B 192 5.66 -16.65 -5.11
C TYR B 192 5.13 -15.24 -5.06
N THR B 193 3.85 -15.04 -5.33
CA THR B 193 3.20 -13.73 -5.23
C THR B 193 1.94 -13.83 -4.37
N CYS B 194 1.78 -12.91 -3.42
CA CYS B 194 0.55 -12.73 -2.63
C CYS B 194 -0.14 -11.51 -3.25
N GLN B 195 -1.43 -11.62 -3.58
CA GLN B 195 -2.19 -10.54 -4.16
C GLN B 195 -3.38 -10.25 -3.19
N VAL B 196 -3.47 -9.01 -2.81
CA VAL B 196 -4.50 -8.53 -1.89
C VAL B 196 -5.47 -7.63 -2.65
N GLU B 197 -6.77 -7.95 -2.58
CA GLU B 197 -7.84 -7.14 -3.11
C GLU B 197 -8.70 -6.62 -1.94
N HIS B 198 -8.95 -5.34 -1.90
CA HIS B 198 -9.69 -4.67 -0.83
C HIS B 198 -10.36 -3.41 -1.41
N THR B 199 -11.50 -3.04 -0.88
CA THR B 199 -12.21 -1.95 -1.41
C THR B 199 -11.51 -0.59 -1.22
N SER B 200 -10.59 -0.45 -0.28
CA SER B 200 -9.82 0.79 -0.11
C SER B 200 -8.78 0.97 -1.19
N LEU B 201 -8.54 -0.05 -2.02
CA LEU B 201 -7.49 0.01 -3.05
C LEU B 201 -8.15 0.13 -4.44
N ASP B 202 -7.63 0.93 -5.34
CA ASP B 202 -8.15 0.87 -6.75
C ASP B 202 -7.68 -0.35 -7.53
N SER B 203 -6.45 -0.75 -7.24
CA SER B 203 -5.93 -1.90 -7.87
C SER B 203 -5.42 -2.84 -6.81
N PRO B 204 -5.33 -4.11 -7.12
CA PRO B 204 -4.76 -5.06 -6.18
C PRO B 204 -3.31 -4.78 -5.88
N VAL B 205 -2.89 -5.17 -4.70
CA VAL B 205 -1.50 -5.01 -4.20
C VAL B 205 -0.86 -6.38 -4.32
N THR B 206 0.24 -6.49 -5.03
CA THR B 206 1.01 -7.70 -5.00
C THR B 206 2.39 -7.56 -4.36
N VAL B 207 2.82 -8.61 -3.70
CA VAL B 207 4.10 -8.73 -3.07
C VAL B 207 4.71 -10.09 -3.49
N GLU B 208 5.94 -10.04 -3.91
CA GLU B 208 6.70 -11.19 -4.41
C GLU B 208 7.68 -11.68 -3.38
N TRP B 209 7.91 -13.01 -3.32
CA TRP B 209 8.91 -13.58 -2.51
C TRP B 209 9.54 -14.70 -3.38
N LYS B 210 10.85 -14.70 -3.39
CA LYS B 210 11.64 -15.59 -4.19
C LYS B 210 12.45 -16.48 -3.29
N ALA B 211 12.42 -17.70 -3.75
CA ALA B 211 13.10 -18.78 -3.20
C ALA B 211 14.60 -18.53 -3.56
N GLN B 212 15.24 -17.80 -2.62
CA GLN B 212 16.65 -17.80 -2.25
C GLN B 212 17.53 -18.68 -3.14
N ILE C 1 28.43 19.36 2.12
CA ILE C 1 29.05 18.36 2.98
C ILE C 1 28.35 17.05 2.70
N LYS C 2 29.14 16.05 2.33
CA LYS C 2 28.67 14.66 2.22
C LYS C 2 28.11 14.17 3.56
N ALA C 3 26.90 13.64 3.50
CA ALA C 3 26.29 13.11 4.69
C ALA C 3 25.28 12.02 4.34
N ASP C 4 25.30 10.97 5.14
CA ASP C 4 24.23 9.97 5.15
C ASP C 4 23.06 10.57 5.93
N HIS C 5 23.36 11.29 7.02
CA HIS C 5 22.33 11.89 7.87
C HIS C 5 22.93 13.17 8.47
N VAL C 6 22.06 14.13 8.75
CA VAL C 6 22.42 15.39 9.34
C VAL C 6 21.56 15.53 10.60
N SER C 7 22.24 15.72 11.71
CA SER C 7 21.56 15.94 13.01
C SER C 7 21.96 17.28 13.54
N THR C 8 20.96 18.15 13.84
CA THR C 8 21.23 19.51 14.19
C THR C 8 20.51 19.96 15.43
N TYR C 9 21.23 20.49 16.41
CA TYR C 9 20.61 21.38 17.33
C TYR C 9 20.50 22.80 16.79
N ALA C 10 19.31 23.36 16.80
CA ALA C 10 19.09 24.73 16.38
C ALA C 10 18.38 25.52 17.46
N ALA C 11 18.78 26.75 17.68
CA ALA C 11 18.17 27.52 18.74
C ALA C 11 18.22 29.00 18.37
N PHE C 12 17.27 29.74 18.88
CA PHE C 12 17.28 31.20 18.75
C PHE C 12 16.69 31.88 19.93
N VAL C 13 17.08 33.15 20.10
CA VAL C 13 16.50 34.09 21.06
C VAL C 13 16.27 35.39 20.37
N GLN C 14 15.20 36.09 20.74
CA GLN C 14 14.96 37.38 20.17
C GLN C 14 14.14 38.25 21.13
N THR C 15 13.98 39.52 20.73
CA THR C 15 13.21 40.46 21.58
C THR C 15 11.75 40.18 21.74
N HIS C 16 11.09 39.88 20.64
CA HIS C 16 9.65 39.63 20.62
C HIS C 16 9.30 38.18 20.74
N ARG C 17 8.02 37.88 20.94
CA ARG C 17 7.58 36.54 21.20
C ARG C 17 7.44 35.77 19.88
N PRO C 18 7.95 34.56 19.81
CA PRO C 18 8.53 33.77 20.90
C PRO C 18 9.94 34.23 21.19
N THR C 19 10.29 34.44 22.47
CA THR C 19 11.57 35.06 22.76
C THR C 19 12.66 34.02 22.79
N GLY C 20 12.33 32.73 22.68
CA GLY C 20 13.34 31.72 22.61
C GLY C 20 12.75 30.45 21.99
N GLU C 21 13.63 29.69 21.41
CA GLU C 21 13.34 28.29 21.00
C GLU C 21 14.58 27.47 21.00
N PHE C 22 14.49 26.19 21.36
CA PHE C 22 15.59 25.27 21.39
C PHE C 22 15.12 23.91 20.92
N MET C 23 15.69 23.41 19.79
CA MET C 23 15.19 22.18 19.19
CA MET C 23 15.18 22.19 19.18
C MET C 23 16.28 21.33 18.54
N PHE C 24 15.96 20.07 18.25
CA PHE C 24 16.86 19.12 17.64
C PHE C 24 16.14 18.55 16.43
N GLU C 25 16.77 18.66 15.27
CA GLU C 25 16.22 18.13 14.05
C GLU C 25 17.12 17.05 13.49
N PHE C 26 16.48 16.07 12.90
CA PHE C 26 17.18 14.96 12.23
C PHE C 26 16.70 14.94 10.78
N ASP C 27 17.64 14.99 9.84
CA ASP C 27 17.30 15.15 8.37
C ASP C 27 16.14 16.11 8.16
N GLU C 28 16.26 17.28 8.80
CA GLU C 28 15.39 18.38 8.63
C GLU C 28 13.97 18.21 9.23
N ASP C 29 13.73 17.20 10.03
CA ASP C 29 12.43 17.15 10.71
C ASP C 29 12.68 17.30 12.25
N GLU C 30 11.79 18.03 12.89
CA GLU C 30 11.99 18.28 14.33
C GLU C 30 11.70 17.08 15.15
N MET C 31 12.71 16.60 15.92
CA MET C 31 12.59 15.44 16.78
C MET C 31 12.14 15.70 18.21
N PHE C 32 12.73 16.77 18.81
CA PHE C 32 12.29 17.22 20.11
C PHE C 32 12.66 18.66 20.29
N TYR C 33 12.00 19.28 21.21
CA TYR C 33 12.36 20.61 21.63
C TYR C 33 12.21 20.73 23.15
N VAL C 34 12.85 21.76 23.70
CA VAL C 34 12.65 22.06 25.17
C VAL C 34 11.59 23.16 25.28
N ASP C 35 10.51 22.85 26.00
CA ASP C 35 9.46 23.81 26.29
C ASP C 35 9.99 24.79 27.31
N LEU C 36 10.12 26.07 26.95
CA LEU C 36 10.84 27.03 27.86
C LEU C 36 9.96 27.52 29.06
N ASP C 37 8.65 27.37 28.98
CA ASP C 37 7.72 27.53 30.09
C ASP C 37 7.67 26.34 31.07
N LYS C 38 7.62 25.10 30.55
CA LYS C 38 7.53 23.92 31.38
C LYS C 38 8.87 23.33 31.77
N LYS C 39 9.97 23.79 31.12
CA LYS C 39 11.30 23.38 31.50
C LYS C 39 11.56 21.92 31.25
N GLU C 40 10.88 21.37 30.24
CA GLU C 40 10.94 20.02 29.96
C GLU C 40 10.99 19.76 28.44
N THR C 41 11.56 18.62 28.11
CA THR C 41 11.66 18.11 26.69
C THR C 41 10.34 17.58 26.16
N VAL C 42 9.98 18.01 24.96
CA VAL C 42 8.79 17.53 24.28
C VAL C 42 9.23 16.79 23.02
N TRP C 43 8.78 15.58 22.86
CA TRP C 43 9.16 14.71 21.73
C TRP C 43 8.07 14.75 20.65
N HIS C 44 8.44 14.91 19.35
CA HIS C 44 7.47 14.96 18.30
C HIS C 44 6.62 13.70 18.09
N LEU C 45 7.29 12.55 18.08
CA LEU C 45 6.69 11.25 17.92
C LEU C 45 6.71 10.55 19.27
N GLU C 46 5.52 10.03 19.67
CA GLU C 46 5.39 9.27 20.95
C GLU C 46 6.39 8.15 21.09
N GLU C 47 6.67 7.33 20.06
CA GLU C 47 7.61 6.27 20.28
C GLU C 47 9.01 6.71 20.53
N PHE C 48 9.39 7.88 20.01
CA PHE C 48 10.71 8.37 20.29
C PHE C 48 10.86 8.87 21.72
N GLY C 49 9.82 9.51 22.23
CA GLY C 49 9.79 9.94 23.63
C GLY C 49 9.83 8.72 24.53
N GLN C 50 9.22 7.60 24.11
CA GLN C 50 9.32 6.39 24.91
C GLN C 50 10.71 5.79 24.90
N ALA C 51 11.46 5.81 23.84
CA ALA C 51 12.76 5.20 23.75
C ALA C 51 13.95 6.02 24.23
N PHE C 52 13.87 7.36 24.07
CA PHE C 52 15.02 8.22 24.19
C PHE C 52 14.68 9.34 25.20
N SER C 53 15.68 10.05 25.66
CA SER C 53 15.49 11.21 26.54
C SER C 53 16.51 12.31 26.23
N PHE C 54 16.22 13.47 26.73
CA PHE C 54 17.10 14.61 26.64
C PHE C 54 16.87 15.43 27.92
N GLU C 55 17.97 15.74 28.58
CA GLU C 55 17.98 16.56 29.78
C GLU C 55 17.78 18.01 29.45
N ALA C 56 16.60 18.51 29.77
CA ALA C 56 16.19 19.80 29.32
C ALA C 56 17.07 20.96 29.89
N GLN C 57 17.68 20.77 31.05
CA GLN C 57 18.58 21.80 31.55
C GLN C 57 19.68 22.18 30.53
N GLY C 58 20.10 21.26 29.68
CA GLY C 58 21.13 21.59 28.70
C GLY C 58 20.62 22.63 27.69
N GLY C 59 19.35 22.50 27.31
CA GLY C 59 18.70 23.39 26.43
C GLY C 59 18.47 24.74 27.10
N LEU C 60 17.98 24.72 28.36
CA LEU C 60 17.73 25.96 29.05
C LEU C 60 19.04 26.74 29.32
N ALA C 61 20.11 26.01 29.60
CA ALA C 61 21.48 26.64 29.77
C ALA C 61 21.89 27.32 28.47
N ASN C 62 21.65 26.66 27.33
CA ASN C 62 22.00 27.28 26.08
C ASN C 62 21.20 28.55 25.76
N ILE C 63 19.91 28.60 26.16
CA ILE C 63 19.11 29.73 25.85
C ILE C 63 19.64 30.94 26.71
N ALA C 64 20.03 30.66 27.94
CA ALA C 64 20.68 31.73 28.77
C ALA C 64 22.01 32.21 28.13
N ILE C 65 22.84 31.33 27.62
CA ILE C 65 24.03 31.70 26.87
C ILE C 65 23.70 32.51 25.62
N LEU C 66 22.71 32.08 24.83
CA LEU C 66 22.40 32.84 23.65
C LEU C 66 21.80 34.18 23.97
N ASN C 67 21.08 34.28 25.07
CA ASN C 67 20.56 35.58 25.47
C ASN C 67 21.73 36.53 25.84
N ASN C 68 22.79 35.96 26.43
CA ASN C 68 24.06 36.76 26.72
C ASN C 68 24.70 37.18 25.40
N ASN C 69 24.73 36.25 24.44
CA ASN C 69 25.27 36.55 23.18
C ASN C 69 24.46 37.57 22.49
N LEU C 70 23.11 37.57 22.61
CA LEU C 70 22.31 38.51 21.85
C LEU C 70 22.65 40.00 22.36
N ASN C 71 22.64 40.16 23.66
CA ASN C 71 23.04 41.46 24.29
C ASN C 71 24.39 41.93 23.83
N THR C 72 25.36 41.02 23.78
CA THR C 72 26.70 41.31 23.30
C THR C 72 26.67 41.79 21.83
N LEU C 73 25.95 41.08 20.99
CA LEU C 73 25.85 41.51 19.58
C LEU C 73 24.97 42.71 19.27
N ILE C 74 23.96 42.96 20.07
CA ILE C 74 23.16 44.17 19.89
C ILE C 74 24.14 45.39 20.09
N GLN C 75 24.89 45.38 21.18
CA GLN C 75 25.94 46.42 21.43
C GLN C 75 26.89 46.46 20.23
N ARG C 76 27.51 45.31 19.93
CA ARG C 76 28.59 45.31 18.97
C ARG C 76 28.12 45.76 17.63
N SER C 77 26.90 45.41 17.24
CA SER C 77 26.36 45.83 15.96
C SER C 77 25.75 47.24 15.97
N ASN C 78 25.83 47.97 17.08
CA ASN C 78 25.15 49.25 17.16
C ASN C 78 23.67 49.13 16.83
N HIS C 79 23.00 48.14 17.44
CA HIS C 79 21.57 48.00 17.37
C HIS C 79 21.12 47.83 15.96
N THR C 80 21.80 46.96 15.23
CA THR C 80 21.38 46.63 13.90
C THR C 80 20.20 45.62 13.85
N GLN C 81 19.10 46.06 13.24
CA GLN C 81 17.90 45.26 13.07
C GLN C 81 17.86 44.77 11.63
N ALA C 82 17.57 43.51 11.38
CA ALA C 82 17.53 43.03 9.98
C ALA C 82 16.27 43.51 9.25
N THR C 83 16.28 43.45 7.92
CA THR C 83 15.09 43.69 7.16
C THR C 83 14.08 42.55 7.39
N ASN C 84 12.79 42.88 7.30
CA ASN C 84 11.67 41.93 7.42
C ASN C 84 11.53 41.25 6.11
N ASP C 85 11.70 39.93 6.09
CA ASP C 85 11.64 39.15 4.84
C ASP C 85 10.26 38.48 4.93
N PRO C 86 9.36 38.79 4.00
CA PRO C 86 8.02 38.26 4.09
C PRO C 86 7.91 36.79 3.64
N PRO C 87 6.92 36.07 4.18
CA PRO C 87 6.76 34.66 3.84
C PRO C 87 6.18 34.39 2.49
N GLU C 88 6.48 33.19 1.96
CA GLU C 88 5.79 32.53 0.85
C GLU C 88 4.89 31.49 1.46
N VAL C 89 3.65 31.45 1.07
CA VAL C 89 2.66 30.56 1.69
C VAL C 89 2.06 29.62 0.68
N THR C 90 1.94 28.33 1.00
CA THR C 90 1.25 27.36 0.16
C THR C 90 0.27 26.59 1.01
N VAL C 91 -0.88 26.22 0.45
CA VAL C 91 -1.89 25.46 1.18
C VAL C 91 -2.15 24.18 0.35
N PHE C 92 -2.14 23.04 1.01
CA PHE C 92 -2.33 21.75 0.36
C PHE C 92 -2.81 20.69 1.34
N PRO C 93 -3.59 19.70 0.83
CA PRO C 93 -4.00 18.62 1.66
C PRO C 93 -2.93 17.56 1.88
N LYS C 94 -3.04 16.91 3.01
CA LYS C 94 -2.16 15.84 3.42
C LYS C 94 -2.45 14.57 2.58
N GLU C 95 -3.72 14.32 2.37
CA GLU C 95 -4.20 13.12 1.65
C GLU C 95 -4.92 13.54 0.37
N PRO C 96 -5.09 12.62 -0.61
CA PRO C 96 -5.92 12.92 -1.74
C PRO C 96 -7.35 13.27 -1.32
N VAL C 97 -7.90 14.27 -1.96
CA VAL C 97 -9.18 14.81 -1.54
C VAL C 97 -10.32 13.88 -1.99
N GLU C 98 -11.09 13.41 -1.04
N GLU C 98 -11.13 13.42 -1.07
CA GLU C 98 -12.27 12.58 -1.25
CA GLU C 98 -12.41 12.82 -1.38
C GLU C 98 -13.39 13.25 -0.44
C GLU C 98 -13.46 13.54 -0.55
N LEU C 99 -14.28 13.93 -1.15
N LEU C 99 -14.52 13.96 -1.23
CA LEU C 99 -15.37 14.65 -0.50
CA LEU C 99 -15.56 14.68 -0.52
C LEU C 99 -16.00 13.76 0.50
C LEU C 99 -16.24 13.80 0.45
N GLY C 100 -16.34 14.33 1.66
CA GLY C 100 -16.96 13.63 2.76
C GLY C 100 -16.01 12.71 3.57
N GLN C 101 -14.72 12.59 3.15
CA GLN C 101 -13.77 11.76 3.92
C GLN C 101 -12.77 12.67 4.65
N PRO C 102 -12.49 12.42 5.94
CA PRO C 102 -11.55 13.22 6.76
C PRO C 102 -10.19 13.44 6.15
N ASN C 103 -9.66 14.63 6.30
CA ASN C 103 -8.35 14.98 5.75
C ASN C 103 -7.75 16.05 6.65
N THR C 104 -6.61 16.56 6.24
CA THR C 104 -5.87 17.58 6.99
C THR C 104 -5.39 18.58 5.96
N LEU C 105 -5.69 19.88 6.14
CA LEU C 105 -5.16 20.91 5.30
C LEU C 105 -3.90 21.48 5.93
N ILE C 106 -2.87 21.61 5.15
CA ILE C 106 -1.57 22.07 5.58
C ILE C 106 -1.29 23.44 5.05
N CYS C 107 -0.96 24.40 5.88
CA CYS C 107 -0.54 25.70 5.42
C CYS C 107 0.98 25.81 5.75
N HIS C 108 1.81 25.89 4.72
CA HIS C 108 3.25 25.95 4.85
C HIS C 108 3.72 27.37 4.63
N ILE C 109 4.33 27.95 5.64
CA ILE C 109 4.73 29.38 5.61
C ILE C 109 6.26 29.35 5.58
N ASP C 110 6.90 29.92 4.54
CA ASP C 110 8.27 29.67 4.32
C ASP C 110 9.11 30.94 4.06
N LYS C 111 10.40 30.84 4.28
CA LYS C 111 11.40 31.81 3.89
C LYS C 111 11.24 33.16 4.53
N PHE C 112 10.81 33.19 5.77
CA PHE C 112 10.50 34.47 6.44
C PHE C 112 11.45 34.78 7.61
N PHE C 113 11.59 36.08 7.93
CA PHE C 113 12.41 36.51 9.00
C PHE C 113 11.87 37.90 9.46
N PRO C 114 11.69 38.12 10.78
CA PRO C 114 11.98 37.29 11.93
C PRO C 114 10.87 36.26 12.18
N PRO C 115 11.09 35.38 13.14
CA PRO C 115 10.11 34.33 13.48
C PRO C 115 9.12 34.99 14.43
N VAL C 116 8.32 35.87 13.86
CA VAL C 116 7.23 36.54 14.52
C VAL C 116 6.06 36.56 13.55
N LEU C 117 4.95 35.94 13.91
CA LEU C 117 3.90 35.66 12.91
C LEU C 117 2.54 35.49 13.61
N ASN C 118 1.46 35.84 12.96
CA ASN C 118 0.16 35.37 13.33
C ASN C 118 -0.40 34.61 12.14
N VAL C 119 -1.00 33.46 12.44
CA VAL C 119 -1.68 32.64 11.48
C VAL C 119 -3.04 32.23 11.98
N THR C 120 -4.04 32.38 11.16
CA THR C 120 -5.30 31.81 11.46
C THR C 120 -5.88 31.15 10.23
N TRP C 121 -6.81 30.24 10.49
CA TRP C 121 -7.58 29.59 9.48
C TRP C 121 -8.98 30.21 9.42
N LEU C 122 -9.44 30.51 8.21
CA LEU C 122 -10.85 30.82 7.91
C LEU C 122 -11.52 29.81 7.09
N CYS C 123 -12.82 29.61 7.38
CA CYS C 123 -13.67 28.72 6.59
C CYS C 123 -14.90 29.54 6.22
N ASN C 124 -15.10 29.72 4.93
CA ASN C 124 -16.16 30.62 4.40
C ASN C 124 -16.09 31.98 5.03
N GLY C 125 -14.86 32.47 5.22
CA GLY C 125 -14.60 33.79 5.78
C GLY C 125 -14.67 33.92 7.29
N GLU C 126 -14.92 32.83 7.97
CA GLU C 126 -14.99 32.96 9.40
C GLU C 126 -13.95 32.18 10.14
N LEU C 127 -13.58 32.68 11.29
CA LEU C 127 -12.51 32.10 12.07
C LEU C 127 -12.78 30.64 12.43
N VAL C 128 -11.80 29.77 12.17
CA VAL C 128 -11.83 28.37 12.64
C VAL C 128 -10.82 28.17 13.75
N THR C 129 -11.27 27.66 14.92
CA THR C 129 -10.41 27.37 16.04
C THR C 129 -10.33 25.94 16.45
N GLU C 130 -11.25 25.09 16.06
CA GLU C 130 -11.17 23.66 16.44
C GLU C 130 -10.43 22.86 15.39
N GLY C 131 -9.68 21.84 15.80
CA GLY C 131 -8.99 20.98 14.85
C GLY C 131 -7.73 21.58 14.30
N VAL C 132 -7.17 22.56 14.99
CA VAL C 132 -5.97 23.27 14.50
C VAL C 132 -4.71 22.83 15.27
N ALA C 133 -3.55 22.89 14.61
CA ALA C 133 -2.30 22.54 15.24
C ALA C 133 -1.18 23.28 14.47
N GLU C 134 0.03 23.31 15.05
CA GLU C 134 1.12 24.03 14.43
C GLU C 134 2.41 23.46 14.82
N SER C 135 3.44 23.70 14.02
CA SER C 135 4.79 23.25 14.30
C SER C 135 5.51 24.39 15.06
N LEU C 136 6.75 24.12 15.48
CA LEU C 136 7.69 25.15 15.92
C LEU C 136 8.03 26.08 14.76
N PHE C 137 8.74 27.20 15.07
CA PHE C 137 9.42 27.97 14.02
C PHE C 137 10.64 27.15 13.62
N LEU C 138 10.69 26.61 12.40
CA LEU C 138 11.68 25.71 12.04
C LEU C 138 12.82 26.44 11.33
N PRO C 139 14.08 25.99 11.55
CA PRO C 139 15.20 26.68 10.92
C PRO C 139 15.43 26.30 9.48
N ARG C 140 15.97 27.23 8.71
CA ARG C 140 16.42 26.91 7.33
C ARG C 140 17.90 27.17 7.24
N THR C 141 18.56 26.56 6.26
CA THR C 141 20.00 26.72 6.13
C THR C 141 20.46 28.13 5.71
N ASP C 142 19.55 28.98 5.26
CA ASP C 142 19.78 30.38 4.98
C ASP C 142 19.36 31.35 6.09
N TYR C 143 19.01 30.77 7.25
CA TYR C 143 18.87 31.44 8.52
C TYR C 143 17.55 32.18 8.62
N SER C 144 16.70 32.04 7.62
CA SER C 144 15.28 32.38 7.70
C SER C 144 14.57 31.12 8.37
N PHE C 145 13.27 31.21 8.43
CA PHE C 145 12.40 30.23 9.12
C PHE C 145 11.26 29.79 8.23
N HIS C 146 10.75 28.59 8.56
CA HIS C 146 9.49 28.12 8.08
C HIS C 146 8.66 27.54 9.18
N LYS C 147 7.41 27.29 8.89
CA LYS C 147 6.43 26.84 9.89
C LYS C 147 5.29 26.16 9.16
N PHE C 148 4.66 25.19 9.83
CA PHE C 148 3.48 24.53 9.34
C PHE C 148 2.30 24.76 10.24
N HIS C 149 1.16 25.00 9.67
CA HIS C 149 -0.16 25.02 10.38
C HIS C 149 -1.04 23.98 9.78
N TYR C 150 -1.86 23.36 10.59
CA TYR C 150 -2.67 22.21 10.24
C TYR C 150 -4.11 22.45 10.62
N LEU C 151 -5.04 21.97 9.83
CA LEU C 151 -6.47 21.99 10.11
C LEU C 151 -7.09 20.68 9.72
N THR C 152 -7.59 19.95 10.69
CA THR C 152 -8.30 18.68 10.34
C THR C 152 -9.69 19.08 9.87
N PHE C 153 -10.20 18.50 8.81
CA PHE C 153 -11.45 18.91 8.22
C PHE C 153 -12.03 17.77 7.41
N VAL C 154 -13.27 18.00 6.96
CA VAL C 154 -13.94 17.01 6.03
C VAL C 154 -14.26 17.83 4.78
N PRO C 155 -13.56 17.61 3.67
CA PRO C 155 -13.86 18.32 2.43
C PRO C 155 -15.29 18.20 1.96
N SER C 156 -15.79 19.34 1.48
CA SER C 156 -17.09 19.41 0.91
C SER C 156 -17.09 20.43 -0.23
N ALA C 157 -17.98 20.22 -1.17
CA ALA C 157 -18.05 21.07 -2.33
C ALA C 157 -18.39 22.53 -2.01
N GLU C 158 -19.12 22.86 -0.97
CA GLU C 158 -19.44 24.28 -0.85
C GLU C 158 -18.51 25.09 0.07
N ASP C 159 -17.44 24.51 0.55
CA ASP C 159 -16.60 25.22 1.52
C ASP C 159 -15.35 25.81 0.87
N PHE C 160 -14.92 26.93 1.38
CA PHE C 160 -13.67 27.41 0.94
C PHE C 160 -12.87 27.82 2.16
N TYR C 161 -11.59 27.65 2.04
CA TYR C 161 -10.70 27.93 3.20
C TYR C 161 -9.72 28.99 2.82
N ASP C 162 -9.19 29.65 3.83
CA ASP C 162 -8.05 30.48 3.67
C ASP C 162 -7.11 30.34 4.90
N CYS C 163 -5.80 30.38 4.63
CA CYS C 163 -4.83 30.46 5.65
C CYS C 163 -4.47 31.95 5.63
N ARG C 164 -4.58 32.62 6.77
CA ARG C 164 -4.40 34.08 6.82
C ARG C 164 -3.18 34.38 7.64
N VAL C 165 -2.19 34.98 7.02
CA VAL C 165 -0.88 35.12 7.59
C VAL C 165 -0.52 36.62 7.75
N GLU C 166 -0.10 36.97 8.96
CA GLU C 166 0.47 38.33 9.18
C GLU C 166 1.91 38.25 9.62
N HIS C 167 2.72 39.16 9.07
CA HIS C 167 4.15 39.20 9.29
C HIS C 167 4.55 40.69 9.00
N TRP C 168 5.55 41.17 9.73
CA TRP C 168 6.03 42.57 9.60
C TRP C 168 6.49 42.92 8.20
N GLY C 169 6.90 41.96 7.39
CA GLY C 169 7.25 42.16 6.07
C GLY C 169 6.15 42.23 5.06
N LEU C 170 4.91 41.99 5.49
CA LEU C 170 3.77 42.19 4.62
C LEU C 170 2.99 43.46 5.04
N ASP C 171 2.42 44.11 4.04
CA ASP C 171 1.59 45.33 4.23
C ASP C 171 0.19 45.01 4.70
N GLN C 172 -0.38 43.95 4.14
CA GLN C 172 -1.74 43.50 4.45
C GLN C 172 -1.59 42.03 4.92
N PRO C 173 -2.54 41.54 5.66
CA PRO C 173 -2.58 40.08 5.84
C PRO C 173 -2.57 39.39 4.46
N LEU C 174 -1.87 38.26 4.40
CA LEU C 174 -1.80 37.39 3.20
C LEU C 174 -2.81 36.26 3.35
N LEU C 175 -3.81 36.20 2.48
CA LEU C 175 -4.79 35.15 2.55
C LEU C 175 -4.52 34.18 1.45
N LYS C 176 -4.16 32.96 1.78
CA LYS C 176 -3.94 31.92 0.75
C LYS C 176 -5.17 31.01 0.74
N HIS C 177 -5.82 30.92 -0.42
CA HIS C 177 -7.11 30.31 -0.57
C HIS C 177 -6.95 28.85 -0.99
N TRP C 178 -7.85 28.01 -0.53
CA TRP C 178 -7.99 26.61 -0.98
C TRP C 178 -9.42 26.19 -1.06
N GLU C 179 -9.75 25.47 -2.13
CA GLU C 179 -11.05 24.84 -2.19
C GLU C 179 -10.91 23.46 -2.81
N ALA C 180 -11.84 22.58 -2.49
CA ALA C 180 -11.85 21.18 -3.04
C ALA C 180 -12.14 21.08 -4.54
N GLN D 1 19.89 5.53 26.51
CA GLN D 1 19.26 6.21 25.36
C GLN D 1 19.02 7.75 25.59
N ALA D 2 19.88 8.39 26.37
CA ALA D 2 19.90 9.87 26.53
C ALA D 2 20.73 10.59 25.52
N TYR D 3 20.15 11.49 24.74
CA TYR D 3 20.91 12.35 23.80
C TYR D 3 21.85 13.29 24.59
N ASP D 4 23.04 13.50 24.04
CA ASP D 4 23.99 14.48 24.55
C ASP D 4 23.90 15.80 23.83
N GLY D 5 24.05 16.89 24.57
CA GLY D 5 24.17 18.18 23.94
C GLY D 5 25.43 18.89 24.32
N LYS D 6 25.54 20.14 23.92
CA LYS D 6 26.79 20.88 24.13
C LYS D 6 26.45 22.31 24.46
N ASP D 7 27.15 22.96 25.42
CA ASP D 7 26.99 24.43 25.57
C ASP D 7 27.65 25.22 24.44
N TYR D 8 26.99 26.24 24.00
CA TYR D 8 27.57 27.24 23.11
C TYR D 8 28.60 28.04 23.98
N ILE D 9 29.52 28.68 23.30
CA ILE D 9 30.43 29.69 23.94
C ILE D 9 29.72 31.00 24.25
N ALA D 10 30.13 31.69 25.31
CA ALA D 10 29.54 32.97 25.63
C ALA D 10 30.52 33.97 25.11
N LEU D 11 30.12 34.75 24.10
CA LEU D 11 31.05 35.63 23.38
C LEU D 11 31.38 36.85 24.27
N LYS D 12 32.52 37.44 23.99
CA LYS D 12 33.05 38.59 24.77
C LYS D 12 32.63 39.88 24.15
N GLY D 13 32.56 40.94 24.98
CA GLY D 13 32.59 42.33 24.49
C GLY D 13 31.50 43.24 25.02
N PRO D 27 8.21 47.28 14.81
CA PRO D 27 8.66 47.16 16.21
C PRO D 27 10.14 46.79 16.29
N GLU D 28 10.78 47.15 17.37
CA GLU D 28 12.22 46.92 17.49
C GLU D 28 12.52 45.44 17.88
N ASN D 29 13.32 44.78 17.08
CA ASN D 29 13.61 43.37 17.31
C ASN D 29 15.02 43.02 16.89
N TYR D 30 15.70 42.34 17.78
CA TYR D 30 17.02 41.75 17.54
C TYR D 30 16.96 40.21 17.84
N LEU D 31 17.74 39.46 17.08
CA LEU D 31 17.79 37.96 17.16
C LEU D 31 19.21 37.41 17.10
N PHE D 32 19.46 36.40 17.93
CA PHE D 32 20.66 35.62 17.89
C PHE D 32 20.22 34.18 17.70
N GLN D 33 20.89 33.50 16.82
CA GLN D 33 20.66 32.06 16.58
C GLN D 33 21.91 31.26 16.47
N GLY D 34 21.79 29.96 16.73
CA GLY D 34 22.93 29.09 16.72
C GLY D 34 22.61 27.80 15.95
N ARG D 35 23.65 27.10 15.51
CA ARG D 35 23.52 25.75 15.01
C ARG D 35 24.62 24.88 15.56
N GLN D 36 24.33 23.62 15.89
CA GLN D 36 25.31 22.64 16.33
C GLN D 36 25.01 21.45 15.50
N GLU D 37 25.74 21.31 14.41
CA GLU D 37 25.40 20.36 13.29
C GLU D 37 26.38 19.15 13.25
N CYS D 38 25.86 17.92 13.17
CA CYS D 38 26.63 16.72 13.08
C CYS D 38 26.33 16.05 11.74
N TYR D 39 27.35 15.94 10.91
CA TYR D 39 27.27 15.35 9.56
C TYR D 39 27.90 13.94 9.61
N ALA D 40 27.05 12.91 9.47
CA ALA D 40 27.48 11.53 9.63
C ALA D 40 27.65 10.95 8.23
N PHE D 41 28.81 10.39 7.94
CA PHE D 41 29.07 9.89 6.61
C PHE D 41 30.08 8.75 6.62
N ASN D 42 29.65 7.58 6.21
CA ASN D 42 30.60 6.49 6.05
C ASN D 42 31.46 6.20 7.31
N GLY D 43 30.82 6.21 8.49
CA GLY D 43 31.48 5.98 9.77
C GLY D 43 32.24 7.17 10.32
N THR D 44 32.10 8.34 9.73
CA THR D 44 32.82 9.49 10.19
C THR D 44 31.77 10.49 10.57
N GLN D 45 32.21 11.47 11.39
CA GLN D 45 31.43 12.59 11.83
C GLN D 45 32.17 13.87 11.59
N ARG D 46 31.48 14.89 11.13
CA ARG D 46 32.03 16.23 10.96
C ARG D 46 31.11 17.20 11.77
N PHE D 47 31.66 18.04 12.66
CA PHE D 47 30.89 18.92 13.48
C PHE D 47 31.05 20.41 13.07
N LEU D 48 29.94 21.16 12.98
CA LEU D 48 29.94 22.59 12.75
C LEU D 48 29.11 23.32 13.79
N GLU D 49 29.64 24.37 14.40
CA GLU D 49 28.98 25.15 15.36
C GLU D 49 28.94 26.57 14.78
N ARG D 50 27.76 27.09 14.54
CA ARG D 50 27.55 28.39 13.97
C ARG D 50 26.98 29.41 14.90
N TYR D 51 27.51 30.62 14.81
CA TYR D 51 27.03 31.78 15.56
C TYR D 51 26.51 32.83 14.62
N ILE D 52 25.26 33.20 14.81
CA ILE D 52 24.52 33.97 13.83
C ILE D 52 23.75 35.13 14.49
N TYR D 53 23.99 36.34 14.00
CA TYR D 53 23.28 37.51 14.46
C TYR D 53 22.33 37.92 13.40
N ASN D 54 21.06 37.85 13.74
CA ASN D 54 19.93 37.97 12.82
C ASN D 54 19.99 36.89 11.77
N ARG D 55 20.27 37.22 10.50
CA ARG D 55 20.60 36.24 9.47
C ARG D 55 22.10 36.16 9.05
N GLU D 56 22.99 36.80 9.79
CA GLU D 56 24.39 36.83 9.40
C GLU D 56 25.17 35.91 10.25
N GLU D 57 25.61 34.80 9.65
CA GLU D 57 26.56 33.90 10.30
C GLU D 57 27.91 34.65 10.36
N PHE D 58 28.43 34.85 11.54
CA PHE D 58 29.70 35.69 11.70
C PHE D 58 30.93 34.91 12.18
N VAL D 59 30.76 33.78 12.86
CA VAL D 59 31.85 32.95 13.22
C VAL D 59 31.33 31.51 13.27
N ARG D 60 32.22 30.60 12.98
CA ARG D 60 31.95 29.20 12.87
C ARG D 60 33.11 28.39 13.42
N PHE D 61 32.83 27.27 14.08
CA PHE D 61 33.77 26.19 14.27
C PHE D 61 33.41 25.03 13.35
N ASP D 62 34.39 24.57 12.58
CA ASP D 62 34.26 23.39 11.72
C ASP D 62 35.36 22.44 12.07
N SER D 63 35.00 21.19 12.43
CA SER D 63 35.98 20.20 12.79
C SER D 63 36.92 19.82 11.59
N ASP D 64 36.56 20.03 10.34
CA ASP D 64 37.54 19.75 9.24
C ASP D 64 38.63 20.82 9.23
N VAL D 65 38.36 21.96 9.86
CA VAL D 65 39.32 23.07 9.98
C VAL D 65 40.09 22.95 11.27
N GLY D 66 39.41 22.73 12.40
CA GLY D 66 39.99 22.52 13.66
C GLY D 66 40.13 23.79 14.44
N GLU D 67 39.63 24.90 13.90
CA GLU D 67 39.55 26.10 14.74
C GLU D 67 38.44 27.03 14.31
N PHE D 68 38.21 28.05 15.14
CA PHE D 68 37.24 29.08 14.84
C PHE D 68 37.70 29.88 13.67
N ARG D 69 36.74 30.27 12.84
CA ARG D 69 36.91 31.17 11.73
C ARG D 69 35.83 32.18 11.65
N ALA D 70 36.24 33.44 11.47
CA ALA D 70 35.31 34.54 11.18
C ALA D 70 34.74 34.34 9.82
N VAL D 71 33.41 34.42 9.74
CA VAL D 71 32.71 34.24 8.47
C VAL D 71 32.46 35.62 7.93
N THR D 72 32.35 36.63 8.80
CA THR D 72 32.26 38.03 8.35
C THR D 72 33.13 38.85 9.27
N GLU D 73 33.34 40.11 8.88
CA GLU D 73 34.16 41.01 9.75
C GLU D 73 33.59 41.12 11.15
N LEU D 74 32.26 40.97 11.29
CA LEU D 74 31.66 40.96 12.63
C LEU D 74 32.28 39.98 13.61
N GLY D 75 32.78 38.86 13.11
CA GLY D 75 33.38 37.82 13.95
C GLY D 75 34.89 37.82 14.19
N ARG D 76 35.60 38.82 13.64
CA ARG D 76 37.07 38.80 13.76
C ARG D 76 37.50 38.77 15.21
N PRO D 77 36.88 39.57 16.11
CA PRO D 77 37.41 39.46 17.46
C PRO D 77 37.16 38.14 18.13
N ASP D 78 36.15 37.43 17.63
CA ASP D 78 35.82 36.12 18.21
C ASP D 78 36.81 35.13 17.73
N GLU D 79 37.15 35.17 16.46
CA GLU D 79 38.08 34.20 15.96
C GLU D 79 39.44 34.37 16.71
N GLU D 80 39.90 35.62 16.83
CA GLU D 80 41.15 35.92 17.56
C GLU D 80 41.17 35.46 19.02
N TYR D 81 40.16 35.81 19.81
CA TYR D 81 40.12 35.41 21.19
C TYR D 81 40.01 33.91 21.32
N TRP D 82 38.99 33.29 20.69
CA TRP D 82 38.73 31.88 21.04
C TRP D 82 39.80 30.96 20.56
N ASN D 83 40.46 31.34 19.48
CA ASN D 83 41.57 30.51 19.01
C ASN D 83 42.84 30.56 19.89
N SER D 84 42.93 31.55 20.76
CA SER D 84 43.97 31.62 21.78
C SER D 84 43.58 30.75 23.00
N GLN D 85 42.33 30.25 23.07
CA GLN D 85 41.87 29.43 24.22
C GLN D 85 42.02 27.91 24.00
N LYS D 86 43.11 27.35 24.51
CA LYS D 86 43.52 25.95 24.20
C LYS D 86 42.48 24.93 24.56
N ASP D 87 41.94 25.06 25.75
CA ASP D 87 40.97 24.11 26.26
C ASP D 87 39.58 24.21 25.53
N ILE D 88 39.14 25.41 25.14
CA ILE D 88 37.93 25.51 24.31
C ILE D 88 38.12 24.80 22.97
N LEU D 89 39.24 25.06 22.34
CA LEU D 89 39.63 24.35 21.15
C LEU D 89 39.61 22.83 21.29
N GLU D 90 40.13 22.31 22.39
CA GLU D 90 40.18 20.87 22.59
C GLU D 90 38.76 20.33 22.73
N GLU D 91 37.92 21.10 23.42
CA GLU D 91 36.55 20.69 23.62
C GLU D 91 35.82 20.61 22.25
N GLU D 92 35.97 21.62 21.41
CA GLU D 92 35.23 21.61 20.09
C GLU D 92 35.78 20.54 19.23
N ARG D 93 37.10 20.33 19.30
CA ARG D 93 37.70 19.31 18.44
C ARG D 93 37.28 17.89 18.78
N ALA D 94 36.85 17.67 20.01
CA ALA D 94 36.40 16.40 20.49
C ALA D 94 34.91 16.04 20.17
N VAL D 95 34.16 17.05 19.72
CA VAL D 95 32.69 16.86 19.48
C VAL D 95 32.41 15.72 18.49
N PRO D 96 33.16 15.60 17.39
CA PRO D 96 32.80 14.50 16.45
C PRO D 96 32.80 13.14 17.05
N ASP D 97 33.79 12.82 17.88
CA ASP D 97 33.85 11.53 18.46
C ASP D 97 33.09 11.40 19.77
N ARG D 98 32.66 12.48 20.35
CA ARG D 98 31.90 12.41 21.59
C ARG D 98 30.41 12.66 21.20
N MET D 99 29.89 13.89 21.30
CA MET D 99 28.47 14.13 21.08
C MET D 99 27.98 13.53 19.73
N CYS D 100 28.68 13.81 18.65
CA CYS D 100 28.09 13.47 17.31
C CYS D 100 27.99 11.95 17.21
N ARG D 101 29.07 11.25 17.53
CA ARG D 101 29.06 9.82 17.41
C ARG D 101 28.14 9.14 18.41
N HIS D 102 28.13 9.67 19.63
CA HIS D 102 27.25 9.14 20.69
C HIS D 102 25.79 9.20 20.24
N ASN D 103 25.37 10.37 19.77
CA ASN D 103 24.00 10.57 19.29
C ASN D 103 23.64 9.65 18.13
N TYR D 104 24.53 9.55 17.17
CA TYR D 104 24.34 8.71 16.04
C TYR D 104 24.21 7.25 16.36
N GLU D 105 25.06 6.75 17.26
CA GLU D 105 25.04 5.38 17.69
C GLU D 105 23.82 5.07 18.55
N LEU D 106 23.17 6.03 19.16
CA LEU D 106 22.10 5.61 20.08
C LEU D 106 20.73 5.45 19.39
N GLY D 107 20.60 6.02 18.21
CA GLY D 107 19.31 6.09 17.52
C GLY D 107 18.84 4.73 17.05
N GLY D 108 19.77 3.89 16.62
CA GLY D 108 19.43 2.56 16.19
C GLY D 108 18.61 2.54 14.92
N PRO D 109 18.06 1.37 14.63
CA PRO D 109 17.21 1.19 13.45
C PRO D 109 16.00 2.15 13.38
N MET D 110 15.39 2.37 14.51
CA MET D 110 14.16 3.12 14.59
C MET D 110 14.39 4.53 14.18
N THR D 111 15.61 5.05 14.40
CA THR D 111 15.96 6.40 13.97
C THR D 111 16.58 6.42 12.53
N LEU D 112 17.65 5.65 12.32
CA LEU D 112 18.39 5.70 11.08
C LEU D 112 17.72 4.89 9.96
N GLN D 113 16.79 4.03 10.30
CA GLN D 113 16.13 3.23 9.30
C GLN D 113 14.59 3.29 9.44
N ARG D 114 14.08 4.42 9.87
CA ARG D 114 12.64 4.62 9.98
C ARG D 114 12.01 4.47 8.60
N ARG D 115 10.91 3.71 8.53
CA ARG D 115 10.17 3.47 7.28
C ARG D 115 8.69 3.67 7.51
N VAL D 116 8.03 4.49 6.69
CA VAL D 116 6.60 4.59 6.69
C VAL D 116 6.16 4.36 5.20
N GLN D 117 5.31 3.39 5.00
CA GLN D 117 4.92 3.01 3.64
C GLN D 117 3.96 4.04 2.97
N PRO D 118 4.13 4.29 1.68
CA PRO D 118 3.28 5.24 0.96
C PRO D 118 1.88 4.72 0.72
N ARG D 119 0.94 5.65 0.64
CA ARG D 119 -0.35 5.38 -0.05
C ARG D 119 -0.27 5.93 -1.51
N VAL D 120 -0.95 5.25 -2.44
CA VAL D 120 -0.88 5.62 -3.90
C VAL D 120 -2.31 5.78 -4.42
N ASN D 121 -2.65 6.92 -5.02
CA ASN D 121 -3.93 7.17 -5.64
C ASN D 121 -3.66 7.69 -7.08
N VAL D 122 -4.43 7.25 -8.05
CA VAL D 122 -4.35 7.78 -9.40
C VAL D 122 -5.69 8.36 -9.79
N SER D 123 -5.70 9.61 -10.27
CA SER D 123 -6.91 10.28 -10.66
C SER D 123 -6.57 11.23 -11.73
N PRO D 124 -7.50 11.47 -12.62
CA PRO D 124 -7.25 12.59 -13.57
C PRO D 124 -7.29 13.93 -12.88
N SER D 125 -6.40 14.82 -13.31
CA SER D 125 -6.44 16.17 -12.82
C SER D 125 -7.77 16.84 -13.19
N LYS D 126 -8.24 17.66 -12.28
CA LYS D 126 -9.52 18.31 -12.46
C LYS D 126 -9.24 19.74 -12.91
N LYS D 127 -7.96 20.11 -13.02
CA LYS D 127 -7.54 21.48 -13.25
C LYS D 127 -7.10 21.80 -14.72
N GLY D 128 -7.68 21.08 -15.68
CA GLY D 128 -7.48 21.30 -17.14
C GLY D 128 -7.39 22.72 -17.66
N PRO D 129 -8.45 23.54 -17.39
CA PRO D 129 -8.47 24.97 -17.74
C PRO D 129 -7.27 25.75 -17.25
N LEU D 130 -6.84 25.50 -16.01
CA LEU D 130 -5.79 26.30 -15.46
C LEU D 130 -4.48 25.64 -15.75
N GLN D 131 -4.45 24.37 -16.19
CA GLN D 131 -3.09 23.72 -16.45
C GLN D 131 -2.74 23.66 -17.90
N HIS D 132 -3.81 23.62 -18.70
CA HIS D 132 -3.77 23.68 -20.18
C HIS D 132 -3.26 22.38 -20.81
N HIS D 133 -3.19 21.32 -20.01
CA HIS D 133 -2.70 20.02 -20.43
C HIS D 133 -3.61 18.96 -19.78
N ASN D 134 -3.69 17.78 -20.40
CA ASN D 134 -4.52 16.70 -19.94
C ASN D 134 -3.65 15.80 -19.09
N LEU D 135 -3.78 15.95 -17.76
CA LEU D 135 -2.84 15.25 -16.86
C LEU D 135 -3.49 14.15 -15.98
N LEU D 136 -2.84 13.02 -15.88
CA LEU D 136 -3.15 11.95 -15.00
C LEU D 136 -2.18 12.00 -13.77
N VAL D 137 -2.76 12.09 -12.59
CA VAL D 137 -1.96 12.32 -11.36
C VAL D 137 -1.75 11.06 -10.55
N CYS D 138 -0.49 10.69 -10.32
CA CYS D 138 -0.17 9.69 -9.38
C CYS D 138 0.24 10.42 -8.06
N HIS D 139 -0.67 10.40 -7.06
CA HIS D 139 -0.49 11.09 -5.83
C HIS D 139 -0.04 10.14 -4.78
N VAL D 140 1.16 10.32 -4.25
CA VAL D 140 1.79 9.33 -3.43
C VAL D 140 2.01 10.01 -2.10
N THR D 141 1.39 9.48 -1.03
CA THR D 141 1.30 10.26 0.22
C THR D 141 1.83 9.43 1.43
N ASP D 142 2.12 10.18 2.48
CA ASP D 142 2.42 9.68 3.79
C ASP D 142 3.54 8.63 3.85
N PHE D 143 4.65 8.93 3.25
CA PHE D 143 5.80 8.02 3.25
C PHE D 143 7.05 8.61 3.88
N TYR D 144 7.98 7.78 4.28
CA TYR D 144 9.24 8.16 4.87
C TYR D 144 10.19 6.94 4.69
N PRO D 145 11.44 7.16 4.30
CA PRO D 145 12.10 8.45 4.05
C PRO D 145 11.78 9.02 2.67
N GLY D 146 12.40 10.16 2.35
CA GLY D 146 12.02 10.94 1.20
C GLY D 146 12.39 10.35 -0.16
N SER D 147 13.41 9.54 -0.23
CA SER D 147 13.80 8.95 -1.56
C SER D 147 12.70 8.07 -2.08
N ILE D 148 12.29 8.28 -3.30
CA ILE D 148 11.18 7.47 -3.89
C ILE D 148 11.29 7.49 -5.41
N GLN D 149 10.84 6.43 -6.08
CA GLN D 149 10.82 6.46 -7.52
C GLN D 149 9.44 6.10 -8.03
N VAL D 150 8.94 6.93 -8.87
CA VAL D 150 7.61 6.77 -9.49
C VAL D 150 7.77 6.71 -11.01
N ARG D 151 7.21 5.68 -11.60
CA ARG D 151 7.31 5.36 -13.02
C ARG D 151 5.88 5.22 -13.61
N TRP D 152 5.68 5.81 -14.78
CA TRP D 152 4.44 5.68 -15.54
C TRP D 152 4.58 4.76 -16.74
N PHE D 153 3.52 3.96 -16.97
CA PHE D 153 3.43 3.04 -18.09
C PHE D 153 2.14 3.23 -18.80
N LEU D 154 2.16 3.06 -20.15
CA LEU D 154 0.95 3.11 -20.93
C LEU D 154 0.91 1.82 -21.72
N ASN D 155 -0.16 1.05 -21.61
CA ASN D 155 -0.23 -0.36 -22.15
C ASN D 155 1.02 -1.10 -21.92
N GLY D 156 1.57 -1.02 -20.70
CA GLY D 156 2.75 -1.84 -20.34
C GLY D 156 4.10 -1.34 -20.78
N GLN D 157 4.14 -0.25 -21.53
CA GLN D 157 5.39 0.41 -21.91
C GLN D 157 5.68 1.63 -21.12
N GLU D 158 6.89 1.73 -20.66
CA GLU D 158 7.25 2.88 -19.83
C GLU D 158 7.23 4.20 -20.55
N GLU D 159 6.68 5.22 -19.92
CA GLU D 159 6.62 6.55 -20.50
C GLU D 159 7.53 7.40 -19.67
N THR D 160 8.66 7.82 -20.23
CA THR D 160 9.57 8.66 -19.48
C THR D 160 9.45 10.14 -19.88
N ALA D 161 9.28 10.41 -21.16
CA ALA D 161 8.99 11.76 -21.55
C ALA D 161 7.50 11.93 -21.46
N GLY D 162 7.06 13.12 -21.16
CA GLY D 162 5.66 13.40 -20.93
C GLY D 162 5.31 13.44 -19.40
N VAL D 163 6.31 13.17 -18.56
CA VAL D 163 6.09 13.16 -17.06
C VAL D 163 6.60 14.43 -16.38
N VAL D 164 5.78 15.04 -15.51
CA VAL D 164 6.23 16.22 -14.76
C VAL D 164 5.88 15.89 -13.29
N SER D 165 6.61 16.47 -12.35
CA SER D 165 6.41 16.10 -10.90
C SER D 165 6.49 17.32 -10.07
N THR D 166 5.77 17.36 -8.92
CA THR D 166 6.11 18.41 -7.98
C THR D 166 7.46 18.13 -7.40
N ASN D 167 7.94 19.08 -6.60
CA ASN D 167 9.01 18.76 -5.70
C ASN D 167 8.54 17.71 -4.68
N LEU D 168 9.51 17.06 -4.08
CA LEU D 168 9.21 16.25 -2.91
C LEU D 168 8.68 17.20 -1.83
N ILE D 169 7.52 16.88 -1.26
CA ILE D 169 6.80 17.77 -0.37
C ILE D 169 6.88 17.24 1.03
N ARG D 170 7.47 18.05 1.96
CA ARG D 170 7.57 17.64 3.33
C ARG D 170 6.32 18.13 4.06
N ASN D 171 5.62 17.30 4.84
CA ASN D 171 4.30 17.62 5.47
C ASN D 171 4.56 18.20 6.88
N GLY D 172 5.79 18.04 7.39
CA GLY D 172 6.15 18.60 8.72
C GLY D 172 5.85 17.66 9.87
N ASP D 173 5.27 16.49 9.60
CA ASP D 173 4.90 15.56 10.64
C ASP D 173 5.65 14.23 10.42
N TRP D 174 6.87 14.25 9.88
CA TRP D 174 7.68 13.10 9.66
C TRP D 174 7.12 12.24 8.54
N THR D 175 6.47 12.86 7.55
CA THR D 175 6.05 12.15 6.33
C THR D 175 6.25 13.15 5.17
N PHE D 176 6.25 12.56 3.98
CA PHE D 176 6.37 13.28 2.75
C PHE D 176 5.17 12.91 1.81
N GLN D 177 5.02 13.69 0.75
CA GLN D 177 4.19 13.33 -0.36
C GLN D 177 4.85 13.78 -1.65
N ILE D 178 4.25 13.39 -2.76
CA ILE D 178 4.70 13.86 -4.10
C ILE D 178 3.62 13.56 -5.11
N LEU D 179 3.48 14.40 -6.13
CA LEU D 179 2.50 14.17 -7.18
C LEU D 179 3.32 14.08 -8.49
N VAL D 180 3.07 13.02 -9.19
CA VAL D 180 3.80 12.70 -10.49
C VAL D 180 2.73 12.57 -11.53
N MET D 181 2.85 13.41 -12.58
CA MET D 181 1.77 13.64 -13.53
C MET D 181 2.18 13.24 -14.91
N LEU D 182 1.34 12.47 -15.53
CA LEU D 182 1.57 11.98 -16.92
C LEU D 182 0.65 12.73 -17.85
N GLU D 183 1.20 13.30 -18.91
CA GLU D 183 0.34 13.97 -19.86
C GLU D 183 -0.24 12.93 -20.82
N MET D 184 -1.55 12.90 -20.97
CA MET D 184 -2.08 11.80 -21.71
C MET D 184 -2.92 12.29 -22.86
N THR D 185 -3.06 11.40 -23.86
CA THR D 185 -3.96 11.63 -24.99
C THR D 185 -4.76 10.32 -25.10
N PRO D 186 -5.65 10.04 -24.13
CA PRO D 186 -6.14 8.67 -24.04
C PRO D 186 -7.04 8.23 -25.25
N GLN D 187 -7.12 6.93 -25.43
CA GLN D 187 -7.95 6.32 -26.44
C GLN D 187 -8.68 5.23 -25.73
N GLN D 188 -9.80 4.80 -26.30
CA GLN D 188 -10.53 3.69 -25.73
C GLN D 188 -9.64 2.45 -25.67
N GLY D 189 -9.65 1.81 -24.52
CA GLY D 189 -8.80 0.62 -24.30
C GLY D 189 -7.45 0.88 -23.61
N ASP D 190 -7.05 2.13 -23.56
CA ASP D 190 -5.70 2.45 -22.99
C ASP D 190 -5.71 2.19 -21.48
N VAL D 191 -4.70 1.48 -21.02
CA VAL D 191 -4.47 1.21 -19.59
C VAL D 191 -3.17 1.93 -19.19
N TYR D 192 -3.28 2.77 -18.19
CA TYR D 192 -2.23 3.48 -17.60
C TYR D 192 -1.91 2.85 -16.26
N THR D 193 -0.65 2.78 -15.95
CA THR D 193 -0.17 2.22 -14.72
C THR D 193 0.87 3.15 -14.09
N CYS D 194 0.69 3.49 -12.80
CA CYS D 194 1.68 4.19 -11.99
CA CYS D 194 1.79 4.14 -12.08
C CYS D 194 2.38 3.14 -11.12
N GLN D 195 3.70 3.10 -11.09
CA GLN D 195 4.47 2.18 -10.29
C GLN D 195 5.32 2.96 -9.31
N VAL D 196 5.23 2.58 -8.05
CA VAL D 196 5.93 3.30 -6.98
C VAL D 196 6.86 2.32 -6.35
N GLU D 197 8.13 2.74 -6.29
CA GLU D 197 9.27 1.96 -5.67
C GLU D 197 9.82 2.80 -4.47
N HIS D 198 9.89 2.17 -3.32
CA HIS D 198 10.26 2.81 -2.06
C HIS D 198 10.90 1.76 -1.12
N THR D 199 11.83 2.21 -0.32
CA THR D 199 12.54 1.29 0.56
C THR D 199 11.60 0.64 1.62
N SER D 200 10.45 1.21 1.95
CA SER D 200 9.52 0.60 2.91
C SER D 200 8.73 -0.52 2.36
N LEU D 201 8.79 -0.71 1.04
CA LEU D 201 8.01 -1.71 0.34
C LEU D 201 8.94 -2.85 -0.13
N ASP D 202 8.56 -4.09 0.08
CA ASP D 202 9.35 -5.19 -0.52
C ASP D 202 9.20 -5.30 -2.03
N SER D 203 8.01 -4.98 -2.52
CA SER D 203 7.81 -4.99 -3.92
C SER D 203 7.22 -3.65 -4.34
N PRO D 204 7.38 -3.28 -5.59
CA PRO D 204 6.68 -2.12 -6.12
C PRO D 204 5.22 -2.17 -5.99
N VAL D 205 4.61 -1.02 -5.80
CA VAL D 205 3.17 -0.89 -5.78
C VAL D 205 2.72 -0.32 -7.11
N THR D 206 1.78 -0.98 -7.76
CA THR D 206 1.22 -0.49 -9.04
C THR D 206 -0.29 -0.19 -8.91
N VAL D 207 -0.71 0.90 -9.50
CA VAL D 207 -2.11 1.27 -9.61
C VAL D 207 -2.47 1.52 -11.08
N GLU D 208 -3.55 0.90 -11.53
N GLU D 208 -3.54 0.86 -11.54
CA GLU D 208 -4.03 1.00 -12.91
CA GLU D 208 -4.02 0.97 -12.93
C GLU D 208 -5.16 2.05 -13.00
C GLU D 208 -5.18 1.98 -13.03
N TRP D 209 -5.29 2.71 -14.16
CA TRP D 209 -6.36 3.55 -14.41
C TRP D 209 -6.68 3.40 -15.92
N LYS D 210 -7.97 3.29 -16.21
CA LYS D 210 -8.41 3.33 -17.62
C LYS D 210 -9.46 4.39 -17.86
N ALA D 211 -9.49 5.05 -19.01
CA ALA D 211 -10.57 6.08 -19.21
C ALA D 211 -11.89 5.37 -19.53
N GLN D 212 -12.96 5.87 -18.90
CA GLN D 212 -14.38 5.77 -19.32
C GLN D 212 -15.29 5.89 -18.11
N ILE E 1 23.31 22.12 -12.81
CA ILE E 1 22.13 21.90 -13.69
C ILE E 1 21.37 20.71 -13.18
N LYS E 2 20.13 20.96 -12.82
CA LYS E 2 19.25 19.91 -12.48
C LYS E 2 19.08 19.00 -13.69
N ALA E 3 19.13 17.69 -13.43
CA ALA E 3 18.89 16.72 -14.46
C ALA E 3 18.56 15.36 -13.90
N ASP E 4 17.57 14.75 -14.52
CA ASP E 4 17.27 13.35 -14.39
C ASP E 4 18.34 12.48 -15.14
N HIS E 5 18.72 12.92 -16.34
CA HIS E 5 19.69 12.19 -17.17
C HIS E 5 20.42 13.23 -18.00
N VAL E 6 21.65 12.93 -18.37
CA VAL E 6 22.46 13.80 -19.15
C VAL E 6 23.02 12.99 -20.37
N SER E 7 22.87 13.53 -21.55
CA SER E 7 23.30 12.86 -22.79
C SER E 7 24.27 13.81 -23.49
N THR E 8 25.44 13.35 -23.82
CA THR E 8 26.49 14.23 -24.28
C THR E 8 27.24 13.64 -25.48
N TYR E 9 27.35 14.45 -26.53
CA TYR E 9 28.40 14.24 -27.55
C TYR E 9 29.68 14.89 -27.06
N ALA E 10 30.77 14.18 -27.05
CA ALA E 10 32.06 14.69 -26.67
C ALA E 10 33.03 14.31 -27.77
N ALA E 11 33.88 15.25 -28.10
CA ALA E 11 34.90 15.00 -29.14
C ALA E 11 36.14 15.84 -28.85
N PHE E 12 37.28 15.31 -29.31
CA PHE E 12 38.54 16.06 -29.21
C PHE E 12 39.41 15.78 -30.43
N VAL E 13 40.32 16.70 -30.66
CA VAL E 13 41.41 16.54 -31.58
C VAL E 13 42.71 17.11 -30.90
N GLN E 14 43.83 16.53 -31.28
CA GLN E 14 45.10 16.91 -30.68
C GLN E 14 46.23 16.52 -31.64
N THR E 15 47.39 17.08 -31.32
CA THR E 15 48.63 16.79 -32.07
C THR E 15 49.05 15.37 -32.09
N HIS E 16 49.11 14.74 -30.93
CA HIS E 16 49.58 13.37 -30.78
C HIS E 16 48.53 12.30 -30.89
N ARG E 17 48.92 11.03 -31.05
CA ARG E 17 47.90 10.02 -31.16
C ARG E 17 47.28 9.68 -29.80
N PRO E 18 45.97 9.39 -29.74
CA PRO E 18 44.92 9.46 -30.84
C PRO E 18 44.65 10.93 -31.24
N THR E 19 44.72 11.21 -32.52
CA THR E 19 44.59 12.59 -32.96
C THR E 19 43.14 13.11 -32.98
N GLY E 20 42.18 12.18 -32.81
CA GLY E 20 40.77 12.55 -32.71
C GLY E 20 39.93 11.46 -32.16
N GLU E 21 38.81 11.86 -31.58
CA GLU E 21 37.85 10.95 -31.01
C GLU E 21 36.51 11.63 -31.01
N PHE E 22 35.49 10.87 -31.40
CA PHE E 22 34.11 11.39 -31.49
C PHE E 22 33.16 10.39 -30.88
N MET E 23 32.46 10.73 -29.78
CA MET E 23 31.64 9.74 -29.03
C MET E 23 30.40 10.35 -28.43
N PHE E 24 29.47 9.49 -28.07
CA PHE E 24 28.18 9.87 -27.46
C PHE E 24 28.06 9.05 -26.14
N GLU E 25 27.68 9.74 -25.04
CA GLU E 25 27.53 9.09 -23.78
C GLU E 25 26.17 9.42 -23.19
N PHE E 26 25.64 8.43 -22.51
CA PHE E 26 24.38 8.53 -21.80
C PHE E 26 24.63 8.24 -20.36
N ASP E 27 24.36 9.22 -19.52
CA ASP E 27 24.64 9.11 -18.04
C ASP E 27 26.04 8.59 -17.76
N GLU E 28 26.99 9.13 -18.52
CA GLU E 28 28.39 8.89 -18.38
C GLU E 28 28.88 7.52 -18.83
N ASP E 29 28.07 6.78 -19.56
CA ASP E 29 28.54 5.58 -20.24
C ASP E 29 28.54 5.76 -21.79
N GLU E 30 29.61 5.29 -22.40
CA GLU E 30 29.78 5.55 -23.85
C GLU E 30 28.79 4.58 -24.54
N MET E 31 27.96 5.16 -25.40
CA MET E 31 26.97 4.42 -26.17
C MET E 31 27.45 4.07 -27.59
N PHE E 32 28.04 5.04 -28.23
CA PHE E 32 28.65 4.79 -29.57
C PHE E 32 29.78 5.73 -29.83
N TYR E 33 30.57 5.40 -30.83
CA TYR E 33 31.57 6.32 -31.28
C TYR E 33 31.78 6.13 -32.78
N VAL E 34 32.41 7.10 -33.42
CA VAL E 34 32.77 6.93 -34.89
C VAL E 34 34.20 6.56 -35.01
N ASP E 35 34.50 5.37 -35.57
CA ASP E 35 35.84 4.99 -35.87
C ASP E 35 36.31 5.78 -37.06
N LEU E 36 37.31 6.62 -36.83
CA LEU E 36 37.68 7.66 -37.79
C LEU E 36 38.52 7.06 -38.97
N ASP E 37 39.07 5.87 -38.76
CA ASP E 37 39.95 5.17 -39.70
C ASP E 37 39.00 4.35 -40.62
N LYS E 38 38.03 3.69 -40.03
CA LYS E 38 37.11 2.84 -40.79
C LYS E 38 35.93 3.66 -41.31
N LYS E 39 35.72 4.89 -40.80
CA LYS E 39 34.55 5.71 -41.12
C LYS E 39 33.21 5.04 -40.87
N GLU E 40 33.07 4.38 -39.70
N GLU E 40 33.04 4.52 -39.66
CA GLU E 40 31.85 3.69 -39.36
CA GLU E 40 31.94 3.70 -39.33
C GLU E 40 31.51 3.93 -37.87
C GLU E 40 31.49 4.10 -37.91
N THR E 41 30.20 4.02 -37.65
CA THR E 41 29.69 4.09 -36.28
C THR E 41 29.86 2.76 -35.56
N VAL E 42 30.38 2.76 -34.35
CA VAL E 42 30.59 1.59 -33.58
C VAL E 42 29.77 1.67 -32.31
N TRP E 43 28.90 0.70 -32.14
CA TRP E 43 27.98 0.68 -30.99
C TRP E 43 28.60 -0.08 -29.84
N HIS E 44 28.37 0.36 -28.60
CA HIS E 44 29.03 -0.25 -27.47
C HIS E 44 28.46 -1.62 -27.15
N LEU E 45 27.14 -1.75 -27.19
CA LEU E 45 26.43 -3.04 -26.98
C LEU E 45 25.73 -3.38 -28.31
N GLU E 46 25.83 -4.66 -28.70
CA GLU E 46 25.34 -5.08 -30.01
C GLU E 46 23.88 -4.73 -30.20
N GLU E 47 23.10 -4.88 -29.16
CA GLU E 47 21.68 -4.57 -29.36
C GLU E 47 21.42 -3.13 -29.90
N PHE E 48 22.33 -2.18 -29.65
CA PHE E 48 22.10 -0.82 -29.99
C PHE E 48 22.14 -0.68 -31.52
N GLY E 49 23.01 -1.40 -32.19
CA GLY E 49 23.20 -1.18 -33.68
C GLY E 49 22.07 -1.77 -34.54
N GLN E 50 21.35 -2.67 -33.93
CA GLN E 50 20.14 -3.26 -34.44
C GLN E 50 18.92 -2.36 -34.36
N ALA E 51 18.89 -1.54 -33.32
CA ALA E 51 17.79 -0.69 -32.97
C ALA E 51 17.94 0.75 -33.43
N PHE E 52 19.20 1.24 -33.55
CA PHE E 52 19.45 2.60 -33.84
C PHE E 52 20.44 2.79 -34.93
N SER E 53 20.46 3.97 -35.48
CA SER E 53 21.51 4.36 -36.44
C SER E 53 22.14 5.69 -35.99
N PHE E 54 23.33 5.99 -36.48
CA PHE E 54 23.89 7.34 -36.38
C PHE E 54 24.76 7.46 -37.62
N GLU E 55 24.58 8.55 -38.31
CA GLU E 55 25.43 8.73 -39.57
C GLU E 55 26.88 9.13 -39.27
N ALA E 56 27.81 8.22 -39.55
CA ALA E 56 29.23 8.41 -39.27
C ALA E 56 29.74 9.69 -39.89
N GLN E 57 29.15 10.11 -41.00
CA GLN E 57 29.69 11.29 -41.67
C GLN E 57 29.59 12.51 -40.79
N GLY E 58 28.62 12.56 -39.88
CA GLY E 58 28.53 13.69 -38.93
C GLY E 58 29.66 13.76 -37.95
N GLY E 59 30.16 12.59 -37.57
CA GLY E 59 31.30 12.56 -36.66
C GLY E 59 32.51 13.04 -37.35
N LEU E 60 32.76 12.46 -38.55
CA LEU E 60 33.86 12.88 -39.36
C LEU E 60 33.87 14.39 -39.60
N ALA E 61 32.74 14.95 -40.02
CA ALA E 61 32.59 16.35 -40.29
C ALA E 61 32.94 17.16 -39.02
N ASN E 62 32.47 16.72 -37.86
CA ASN E 62 32.79 17.45 -36.60
C ASN E 62 34.26 17.40 -36.25
N ILE E 63 34.91 16.26 -36.52
CA ILE E 63 36.37 16.16 -36.34
C ILE E 63 37.12 17.14 -37.27
N ALA E 64 36.71 17.26 -38.54
CA ALA E 64 37.32 18.32 -39.34
C ALA E 64 37.11 19.76 -38.85
N ILE E 65 35.90 20.08 -38.38
CA ILE E 65 35.59 21.38 -37.76
C ILE E 65 36.49 21.60 -36.49
N LEU E 66 36.57 20.63 -35.61
CA LEU E 66 37.39 20.78 -34.41
C LEU E 66 38.89 20.96 -34.77
N ASN E 67 39.33 20.25 -35.79
CA ASN E 67 40.71 20.48 -36.32
C ASN E 67 40.98 21.90 -36.83
N ASN E 68 40.03 22.50 -37.48
CA ASN E 68 40.07 23.92 -37.85
C ASN E 68 40.21 24.75 -36.61
N ASN E 69 39.32 24.43 -35.65
CA ASN E 69 39.26 25.19 -34.42
C ASN E 69 40.59 25.07 -33.67
N LEU E 70 41.17 23.87 -33.69
CA LEU E 70 42.48 23.66 -33.02
C LEU E 70 43.52 24.61 -33.60
N ASN E 71 43.65 24.57 -34.93
CA ASN E 71 44.52 25.55 -35.65
C ASN E 71 44.32 27.02 -35.25
N THR E 72 43.09 27.47 -35.10
CA THR E 72 42.74 28.80 -34.80
C THR E 72 43.13 29.16 -33.40
N LEU E 73 42.90 28.26 -32.45
CA LEU E 73 43.21 28.52 -31.05
C LEU E 73 44.75 28.36 -30.76
N ILE E 74 45.46 27.53 -31.51
CA ILE E 74 46.94 27.43 -31.36
C ILE E 74 47.50 28.85 -31.67
N GLN E 75 47.01 29.47 -32.72
CA GLN E 75 47.46 30.81 -33.11
C GLN E 75 46.99 31.85 -32.15
N ARG E 76 45.71 31.83 -31.81
CA ARG E 76 45.14 32.81 -30.89
C ARG E 76 45.76 32.79 -29.52
N SER E 77 46.08 31.60 -29.01
CA SER E 77 46.68 31.45 -27.71
C SER E 77 48.19 31.60 -27.73
N ASN E 78 48.80 31.93 -28.88
CA ASN E 78 50.25 31.89 -29.06
C ASN E 78 50.86 30.60 -28.56
N HIS E 79 50.41 29.50 -29.17
CA HIS E 79 50.93 28.18 -28.86
C HIS E 79 51.00 27.91 -27.38
N THR E 80 49.91 28.09 -26.65
CA THR E 80 49.82 27.70 -25.25
C THR E 80 49.58 26.19 -25.15
N GLN E 81 50.52 25.50 -24.52
CA GLN E 81 50.43 24.04 -24.17
C GLN E 81 50.06 23.91 -22.73
N ALA E 82 49.13 23.01 -22.40
CA ALA E 82 48.70 22.90 -21.05
C ALA E 82 49.72 22.05 -20.25
N THR E 83 49.69 22.20 -18.93
N THR E 83 49.62 22.20 -18.94
CA THR E 83 50.53 21.37 -18.08
CA THR E 83 50.30 21.36 -17.95
C THR E 83 49.95 19.95 -18.02
C THR E 83 49.90 19.89 -18.19
N ASN E 84 50.87 18.99 -18.02
CA ASN E 84 50.55 17.56 -17.95
C ASN E 84 50.00 17.16 -16.58
N ASP E 85 48.76 16.72 -16.55
CA ASP E 85 48.10 16.31 -15.30
C ASP E 85 48.16 14.78 -15.23
N PRO E 86 48.93 14.21 -14.26
CA PRO E 86 49.12 12.79 -14.29
C PRO E 86 47.89 12.03 -13.79
N PRO E 87 47.78 10.78 -14.21
CA PRO E 87 46.72 9.94 -13.80
C PRO E 87 46.76 9.42 -12.39
N GLU E 88 45.58 9.10 -11.90
CA GLU E 88 45.41 8.22 -10.76
C GLU E 88 44.87 6.92 -11.29
N VAL E 89 45.26 5.82 -10.70
CA VAL E 89 44.90 4.52 -11.18
C VAL E 89 44.35 3.64 -10.06
N THR E 90 43.34 2.85 -10.34
CA THR E 90 42.80 1.85 -9.45
C THR E 90 42.64 0.56 -10.29
N VAL E 91 42.86 -0.56 -9.62
CA VAL E 91 42.67 -1.89 -10.20
C VAL E 91 41.75 -2.71 -9.34
N PHE E 92 40.84 -3.42 -9.97
CA PHE E 92 39.78 -4.11 -9.27
C PHE E 92 39.12 -5.17 -10.13
N PRO E 93 38.63 -6.23 -9.51
CA PRO E 93 37.98 -7.26 -10.30
C PRO E 93 36.51 -6.91 -10.58
N LYS E 94 36.02 -7.43 -11.68
CA LYS E 94 34.66 -7.24 -12.15
C LYS E 94 33.69 -8.05 -11.21
N GLU E 95 34.13 -9.25 -10.81
CA GLU E 95 33.38 -10.13 -9.91
C GLU E 95 34.16 -10.52 -8.71
N PRO E 96 33.46 -10.91 -7.64
CA PRO E 96 34.19 -11.54 -6.49
C PRO E 96 35.08 -12.67 -6.98
N VAL E 97 36.27 -12.72 -6.39
CA VAL E 97 37.32 -13.61 -6.91
C VAL E 97 37.14 -15.05 -6.35
N GLU E 98 37.00 -16.00 -7.23
CA GLU E 98 36.93 -17.42 -6.84
C GLU E 98 37.96 -18.21 -7.59
N LEU E 99 38.81 -18.93 -6.84
CA LEU E 99 39.90 -19.69 -7.46
C LEU E 99 39.40 -20.53 -8.62
N GLY E 100 40.05 -20.45 -9.75
CA GLY E 100 39.60 -21.22 -10.88
C GLY E 100 38.38 -20.78 -11.68
N GLN E 101 37.70 -19.69 -11.30
CA GLN E 101 36.53 -19.16 -12.05
C GLN E 101 36.94 -17.94 -12.86
N PRO E 102 36.66 -17.93 -14.16
CA PRO E 102 37.14 -16.84 -14.98
C PRO E 102 36.49 -15.50 -14.58
N ASN E 103 37.25 -14.44 -14.76
CA ASN E 103 36.94 -13.10 -14.17
C ASN E 103 37.63 -12.11 -15.07
N THR E 104 37.44 -10.81 -14.79
CA THR E 104 38.08 -9.77 -15.61
C THR E 104 38.65 -8.80 -14.60
N LEU E 105 39.87 -8.38 -14.83
CA LEU E 105 40.43 -7.38 -13.97
C LEU E 105 40.22 -6.05 -14.70
N ILE E 106 39.92 -5.01 -13.95
CA ILE E 106 39.68 -3.69 -14.49
C ILE E 106 40.71 -2.72 -13.97
N CYS E 107 41.32 -2.02 -14.89
CA CYS E 107 42.22 -0.92 -14.52
C CYS E 107 41.58 0.40 -14.95
N HIS E 108 41.23 1.25 -13.99
CA HIS E 108 40.62 2.52 -14.26
C HIS E 108 41.59 3.61 -14.10
N ILE E 109 41.83 4.38 -15.16
CA ILE E 109 42.83 5.43 -15.19
C ILE E 109 42.14 6.73 -15.27
N ASP E 110 42.33 7.63 -14.29
CA ASP E 110 41.46 8.79 -14.19
C ASP E 110 42.24 10.12 -13.98
N LYS E 111 41.59 11.19 -14.33
CA LYS E 111 42.04 12.59 -14.06
C LYS E 111 43.25 13.04 -14.79
N PHE E 112 43.48 12.56 -15.99
CA PHE E 112 44.72 12.88 -16.61
C PHE E 112 44.50 13.78 -17.84
N PHE E 113 45.54 14.47 -18.22
CA PHE E 113 45.55 15.36 -19.37
C PHE E 113 46.97 15.54 -19.85
N PRO E 114 47.24 15.40 -21.14
CA PRO E 114 46.41 15.13 -22.29
C PRO E 114 46.07 13.63 -22.39
N PRO E 115 45.18 13.28 -23.29
CA PRO E 115 44.83 11.87 -23.52
C PRO E 115 45.83 11.18 -24.43
N VAL E 116 47.00 10.91 -23.85
CA VAL E 116 48.12 10.30 -24.52
C VAL E 116 48.72 9.38 -23.44
N LEU E 117 48.61 8.09 -23.62
CA LEU E 117 49.01 7.10 -22.57
C LEU E 117 49.62 5.88 -23.23
N ASN E 118 50.52 5.18 -22.51
CA ASN E 118 50.78 3.78 -22.75
C ASN E 118 50.29 3.02 -21.52
N VAL E 119 49.54 1.94 -21.75
CA VAL E 119 49.06 1.11 -20.67
C VAL E 119 49.45 -0.32 -20.99
N THR E 120 50.01 -1.05 -20.04
CA THR E 120 50.28 -2.48 -20.23
C THR E 120 49.87 -3.24 -19.02
N TRP E 121 49.36 -4.43 -19.23
CA TRP E 121 49.10 -5.34 -18.15
C TRP E 121 50.35 -6.30 -17.96
N LEU E 122 50.58 -6.62 -16.74
CA LEU E 122 51.57 -7.62 -16.36
C LEU E 122 50.94 -8.67 -15.54
N CYS E 123 51.36 -9.92 -15.76
CA CYS E 123 50.94 -11.07 -14.96
C CYS E 123 52.21 -11.83 -14.48
N ASN E 124 52.43 -11.80 -13.17
CA ASN E 124 53.67 -12.34 -12.55
C ASN E 124 54.91 -11.73 -13.20
N GLY E 125 54.85 -10.43 -13.42
CA GLY E 125 55.95 -9.71 -14.02
C GLY E 125 56.18 -9.86 -15.48
N GLU E 126 55.26 -10.49 -16.23
CA GLU E 126 55.40 -10.62 -17.64
C GLU E 126 54.28 -9.92 -18.39
N LEU E 127 54.60 -9.34 -19.54
CA LEU E 127 53.66 -8.63 -20.38
C LEU E 127 52.54 -9.54 -20.88
N VAL E 128 51.29 -9.14 -20.72
CA VAL E 128 50.17 -9.91 -21.22
C VAL E 128 49.62 -9.21 -22.44
N THR E 129 49.45 -9.91 -23.58
CA THR E 129 48.81 -9.31 -24.72
C THR E 129 47.57 -10.04 -25.22
N GLU E 130 47.19 -11.12 -24.59
CA GLU E 130 45.98 -11.80 -24.92
C GLU E 130 44.90 -11.58 -23.91
N GLY E 131 43.66 -11.53 -24.34
CA GLY E 131 42.52 -11.44 -23.42
C GLY E 131 42.39 -9.99 -22.87
N VAL E 132 42.88 -9.04 -23.61
CA VAL E 132 42.90 -7.62 -23.18
C VAL E 132 41.97 -6.79 -24.03
N ALA E 133 41.45 -5.73 -23.42
CA ALA E 133 40.55 -4.79 -24.11
C ALA E 133 40.65 -3.43 -23.40
N GLU E 134 40.17 -2.40 -24.08
CA GLU E 134 40.17 -1.05 -23.53
C GLU E 134 39.02 -0.23 -24.01
N SER E 135 38.66 0.78 -23.26
CA SER E 135 37.71 1.77 -23.67
C SER E 135 38.32 2.86 -24.51
N LEU E 136 37.48 3.80 -24.95
CA LEU E 136 37.95 5.05 -25.50
CA LEU E 136 38.01 5.03 -25.52
C LEU E 136 38.56 5.92 -24.39
N PHE E 137 39.14 7.03 -24.79
CA PHE E 137 39.44 8.14 -23.85
C PHE E 137 38.15 8.83 -23.54
N LEU E 138 37.67 8.78 -22.30
CA LEU E 138 36.35 9.22 -21.96
C LEU E 138 36.40 10.59 -21.26
N PRO E 139 35.45 11.46 -21.56
CA PRO E 139 35.56 12.82 -21.06
C PRO E 139 35.15 12.95 -19.60
N ARG E 140 35.67 13.96 -18.95
CA ARG E 140 35.25 14.34 -17.60
C ARG E 140 34.75 15.79 -17.66
N THR E 141 33.92 16.13 -16.69
CA THR E 141 33.40 17.50 -16.56
C THR E 141 34.42 18.57 -16.30
N ASP E 142 35.62 18.23 -15.81
CA ASP E 142 36.73 19.15 -15.61
C ASP E 142 37.69 19.21 -16.76
N TYR E 143 37.29 18.51 -17.85
CA TYR E 143 38.02 18.48 -19.11
C TYR E 143 39.30 17.66 -19.14
N SER E 144 39.63 16.98 -18.05
CA SER E 144 40.58 15.90 -18.07
C SER E 144 39.84 14.63 -18.61
N PHE E 145 40.56 13.52 -18.68
CA PHE E 145 40.06 12.29 -19.23
C PHE E 145 40.13 11.10 -18.26
N HIS E 146 39.39 10.04 -18.55
CA HIS E 146 39.57 8.80 -17.92
C HIS E 146 39.49 7.68 -18.96
N LYS E 147 39.86 6.52 -18.52
CA LYS E 147 39.96 5.34 -19.43
C LYS E 147 39.86 4.05 -18.61
N PHE E 148 39.34 3.00 -19.22
CA PHE E 148 39.33 1.63 -18.68
C PHE E 148 40.13 0.69 -19.57
N HIS E 149 40.91 -0.18 -18.90
CA HIS E 149 41.56 -1.36 -19.48
C HIS E 149 41.06 -2.57 -18.79
N TYR E 150 40.95 -3.71 -19.53
CA TYR E 150 40.39 -4.94 -19.06
C TYR E 150 41.34 -6.11 -19.41
N LEU E 151 41.46 -7.03 -18.47
CA LEU E 151 42.19 -8.26 -18.62
C LEU E 151 41.35 -9.49 -18.19
N THR E 152 41.06 -10.40 -19.12
CA THR E 152 40.46 -11.64 -18.71
C THR E 152 41.44 -12.56 -18.06
N PHE E 153 41.03 -13.09 -16.93
CA PHE E 153 41.96 -13.96 -16.17
C PHE E 153 41.24 -15.07 -15.40
N VAL E 154 41.99 -16.13 -15.08
CA VAL E 154 41.55 -17.09 -14.12
C VAL E 154 42.35 -17.03 -12.84
N PRO E 155 41.72 -16.66 -11.72
CA PRO E 155 42.36 -16.49 -10.44
C PRO E 155 43.10 -17.79 -9.94
N SER E 156 44.30 -17.57 -9.42
CA SER E 156 45.15 -18.62 -8.75
C SER E 156 45.81 -17.96 -7.57
N ALA E 157 46.03 -18.71 -6.52
CA ALA E 157 46.42 -18.12 -5.28
C ALA E 157 47.76 -17.48 -5.37
N GLU E 158 48.62 -17.91 -6.26
CA GLU E 158 49.97 -17.38 -6.26
C GLU E 158 50.20 -16.20 -7.20
N ASP E 159 49.24 -15.93 -8.08
CA ASP E 159 49.50 -15.01 -9.19
C ASP E 159 49.43 -13.59 -8.77
N PHE E 160 50.15 -12.71 -9.46
CA PHE E 160 50.02 -11.26 -9.10
C PHE E 160 49.97 -10.49 -10.38
N TYR E 161 49.27 -9.34 -10.36
CA TYR E 161 49.01 -8.58 -11.55
C TYR E 161 49.36 -7.13 -11.31
N ASP E 162 49.70 -6.48 -12.40
CA ASP E 162 49.91 -5.02 -12.38
C ASP E 162 49.34 -4.41 -13.66
N CYS E 163 48.76 -3.24 -13.46
CA CYS E 163 48.42 -2.33 -14.55
C CYS E 163 49.46 -1.23 -14.49
N ARG E 164 50.18 -1.06 -15.58
CA ARG E 164 51.26 -0.10 -15.69
C ARG E 164 50.92 1.01 -16.66
N VAL E 165 51.02 2.26 -16.19
CA VAL E 165 50.59 3.37 -16.98
C VAL E 165 51.76 4.38 -17.13
N GLU E 166 52.05 4.76 -18.37
CA GLU E 166 52.96 5.85 -18.68
C GLU E 166 52.20 7.09 -19.20
N HIS E 167 52.63 8.23 -18.75
CA HIS E 167 51.98 9.52 -19.13
C HIS E 167 53.06 10.61 -18.99
N TRP E 168 52.95 11.64 -19.78
CA TRP E 168 53.92 12.72 -19.71
C TRP E 168 53.98 13.46 -18.37
N GLY E 169 52.96 13.37 -17.56
CA GLY E 169 52.85 14.02 -16.25
C GLY E 169 53.54 13.25 -15.10
N LEU E 170 53.96 12.05 -15.45
CA LEU E 170 54.61 11.09 -14.52
C LEU E 170 56.09 11.00 -14.85
N ASP E 171 56.96 11.10 -13.83
CA ASP E 171 58.41 10.88 -14.12
C ASP E 171 58.71 9.40 -14.36
N GLN E 172 58.07 8.56 -13.62
CA GLN E 172 58.22 7.10 -13.88
C GLN E 172 56.88 6.46 -14.22
N PRO E 173 56.88 5.19 -14.68
CA PRO E 173 55.52 4.60 -14.83
C PRO E 173 54.79 4.54 -13.50
N LEU E 174 53.44 4.56 -13.51
CA LEU E 174 52.65 4.34 -12.33
C LEU E 174 52.22 2.88 -12.39
N LEU E 175 52.51 2.08 -11.37
CA LEU E 175 52.17 0.66 -11.40
C LEU E 175 51.13 0.50 -10.34
N LYS E 176 49.99 -0.13 -10.65
CA LYS E 176 49.04 -0.43 -9.65
C LYS E 176 49.00 -1.95 -9.55
N HIS E 177 49.22 -2.44 -8.36
CA HIS E 177 49.47 -3.83 -8.15
C HIS E 177 48.24 -4.50 -7.62
N TRP E 178 48.00 -5.75 -7.97
CA TRP E 178 46.91 -6.46 -7.38
C TRP E 178 47.26 -7.97 -7.23
N GLU E 179 47.03 -8.44 -6.02
CA GLU E 179 47.43 -9.78 -5.64
C GLU E 179 46.17 -10.55 -5.44
N ALA E 180 46.17 -11.67 -6.13
CA ALA E 180 45.11 -12.57 -6.23
C ALA E 180 44.83 -13.19 -4.87
N GLN F 1 15.39 3.97 -34.70
CA GLN F 1 15.52 5.06 -35.63
C GLN F 1 16.94 5.75 -35.45
N ALA F 2 17.05 6.96 -35.94
CA ALA F 2 18.36 7.55 -36.08
C ALA F 2 18.54 8.58 -34.97
N TYR F 3 19.70 8.50 -34.38
CA TYR F 3 20.22 9.58 -33.47
C TYR F 3 20.50 10.84 -34.26
N ASP F 4 20.07 11.99 -33.77
CA ASP F 4 20.33 13.25 -34.45
C ASP F 4 21.67 13.74 -33.83
N GLY F 5 22.50 14.27 -34.69
CA GLY F 5 23.71 15.01 -34.26
C GLY F 5 23.65 16.48 -34.66
N LYS F 6 24.70 17.21 -34.35
CA LYS F 6 24.81 18.59 -34.63
C LYS F 6 26.22 18.94 -35.01
N ASP F 7 26.38 19.85 -35.97
CA ASP F 7 27.70 20.35 -36.26
C ASP F 7 28.13 21.41 -35.27
N TYR F 8 29.40 21.34 -34.88
CA TYR F 8 30.08 22.44 -34.25
C TYR F 8 30.24 23.64 -35.15
N ILE F 9 30.40 24.79 -34.52
CA ILE F 9 30.82 25.98 -35.27
C ILE F 9 32.29 26.04 -35.53
N ALA F 10 32.68 26.47 -36.74
CA ALA F 10 34.07 26.65 -37.13
C ALA F 10 34.52 28.06 -36.83
N LEU F 11 35.27 28.22 -35.77
CA LEU F 11 35.61 29.53 -35.21
C LEU F 11 36.56 30.27 -36.20
N LYS F 12 36.54 31.59 -36.08
CA LYS F 12 37.35 32.50 -36.95
C LYS F 12 38.61 32.97 -36.27
N GLY F 13 39.60 33.27 -37.09
CA GLY F 13 40.84 33.84 -36.66
C GLY F 13 40.61 35.33 -36.58
N PRO F 27 56.94 16.63 -25.00
CA PRO F 27 56.61 16.72 -26.41
C PRO F 27 55.52 17.82 -26.61
N GLU F 28 55.50 18.35 -27.80
CA GLU F 28 54.69 19.50 -28.16
C GLU F 28 53.24 18.96 -28.51
N ASN F 29 52.24 19.43 -27.81
CA ASN F 29 50.83 18.96 -28.02
C ASN F 29 49.85 20.05 -27.70
N TYR F 30 48.83 20.17 -28.55
CA TYR F 30 47.75 21.11 -28.39
C TYR F 30 46.45 20.28 -28.64
N LEU F 31 45.42 20.63 -27.94
CA LEU F 31 44.17 19.90 -28.02
C LEU F 31 42.98 20.87 -27.99
N PHE F 32 41.97 20.47 -28.77
CA PHE F 32 40.69 21.16 -28.81
C PHE F 32 39.59 20.18 -28.53
N GLN F 33 38.66 20.52 -27.64
CA GLN F 33 37.56 19.64 -27.34
C GLN F 33 36.25 20.37 -27.32
N GLY F 34 35.19 19.58 -27.50
CA GLY F 34 33.85 20.10 -27.54
C GLY F 34 32.95 19.24 -26.66
N ARG F 35 31.84 19.85 -26.28
CA ARG F 35 30.72 19.12 -25.76
C ARG F 35 29.43 19.63 -26.34
N GLN F 36 28.47 18.70 -26.57
CA GLN F 36 27.11 19.08 -26.92
C GLN F 36 26.26 18.28 -25.98
N GLU F 37 25.69 18.94 -24.92
CA GLU F 37 25.20 18.24 -23.78
C GLU F 37 23.71 18.54 -23.61
N CYS F 38 22.91 17.49 -23.45
CA CYS F 38 21.42 17.63 -23.32
C CYS F 38 21.09 17.23 -21.88
N TYR F 39 20.49 18.14 -21.12
CA TYR F 39 20.10 17.82 -19.73
C TYR F 39 18.57 17.68 -19.71
N ALA F 40 18.09 16.49 -19.36
CA ALA F 40 16.71 16.17 -19.35
C ALA F 40 16.21 16.26 -17.91
N PHE F 41 15.16 17.05 -17.72
CA PHE F 41 14.65 17.30 -16.31
C PHE F 41 13.19 17.70 -16.31
N ASN F 42 12.34 16.89 -15.73
CA ASN F 42 10.92 17.30 -15.51
C ASN F 42 10.23 17.72 -16.76
N GLY F 43 10.42 16.92 -17.83
CA GLY F 43 9.68 17.17 -19.11
C GLY F 43 10.36 18.19 -20.03
N THR F 44 11.51 18.72 -19.64
CA THR F 44 12.19 19.75 -20.29
C THR F 44 13.62 19.24 -20.68
N GLN F 45 14.20 19.99 -21.59
CA GLN F 45 15.57 19.79 -22.05
C GLN F 45 16.29 21.12 -22.03
N ARG F 46 17.51 21.11 -21.61
CA ARG F 46 18.40 22.23 -21.66
C ARG F 46 19.67 21.77 -22.44
N PHE F 47 20.12 22.60 -23.38
CA PHE F 47 21.26 22.30 -24.24
C PHE F 47 22.38 23.21 -23.92
N LEU F 48 23.58 22.64 -23.77
CA LEU F 48 24.85 23.42 -23.67
C LEU F 48 25.81 22.93 -24.78
N GLU F 49 26.42 23.85 -25.50
CA GLU F 49 27.52 23.56 -26.43
C GLU F 49 28.73 24.29 -25.93
N ARG F 50 29.80 23.56 -25.63
CA ARG F 50 31.00 24.09 -25.02
C ARG F 50 32.19 23.95 -25.94
N TYR F 51 33.00 24.98 -26.01
CA TYR F 51 34.19 25.01 -26.85
C TYR F 51 35.36 25.20 -25.88
N ILE F 52 36.33 24.30 -25.94
CA ILE F 52 37.38 24.10 -24.93
C ILE F 52 38.73 23.98 -25.59
N TYR F 53 39.68 24.82 -25.18
CA TYR F 53 41.01 24.73 -25.72
C TYR F 53 41.86 24.17 -24.53
N ASN F 54 42.51 23.04 -24.82
CA ASN F 54 43.13 22.21 -23.78
C ASN F 54 42.14 21.91 -22.70
N ARG F 55 42.27 22.45 -21.49
CA ARG F 55 41.22 22.38 -20.48
C ARG F 55 40.45 23.67 -20.17
N GLU F 56 40.61 24.69 -20.96
CA GLU F 56 39.92 25.97 -20.76
C GLU F 56 38.66 26.07 -21.60
N GLU F 57 37.50 26.00 -21.00
CA GLU F 57 36.22 26.30 -21.68
C GLU F 57 36.29 27.79 -21.91
N PHE F 58 36.16 28.24 -23.15
CA PHE F 58 36.27 29.65 -23.45
C PHE F 58 35.02 30.29 -24.00
N VAL F 59 34.08 29.53 -24.60
CA VAL F 59 32.82 30.08 -25.06
C VAL F 59 31.81 28.96 -25.00
N ARG F 60 30.58 29.32 -24.78
CA ARG F 60 29.51 28.37 -24.65
C ARG F 60 28.19 28.94 -25.13
N PHE F 61 27.35 28.09 -25.68
CA PHE F 61 25.95 28.40 -25.86
C PHE F 61 25.18 27.58 -24.80
N ASP F 62 24.31 28.26 -24.09
CA ASP F 62 23.43 27.65 -23.12
C ASP F 62 21.99 28.06 -23.50
N SER F 63 21.13 27.10 -23.72
CA SER F 63 19.76 27.39 -24.11
C SER F 63 18.99 28.19 -23.05
N ASP F 64 19.40 28.19 -21.77
CA ASP F 64 18.67 29.04 -20.84
C ASP F 64 18.99 30.51 -21.04
N VAL F 65 20.13 30.81 -21.69
CA VAL F 65 20.56 32.15 -22.01
C VAL F 65 20.02 32.56 -23.37
N GLY F 66 20.17 31.66 -24.34
CA GLY F 66 19.71 31.83 -25.72
C GLY F 66 20.70 32.47 -26.66
N GLU F 67 21.89 32.76 -26.15
CA GLU F 67 22.97 33.28 -26.95
C GLU F 67 24.35 32.77 -26.45
N PHE F 68 25.37 33.05 -27.22
CA PHE F 68 26.69 32.69 -26.84
C PHE F 68 27.22 33.62 -25.75
N ARG F 69 28.04 33.06 -24.89
CA ARG F 69 28.69 33.81 -23.81
C ARG F 69 30.10 33.37 -23.70
N ALA F 70 31.00 34.33 -23.65
CA ALA F 70 32.41 34.08 -23.33
C ALA F 70 32.57 33.61 -21.93
N VAL F 71 33.27 32.50 -21.75
CA VAL F 71 33.52 31.94 -20.38
C VAL F 71 34.80 32.52 -19.82
N THR F 72 35.76 32.78 -20.70
CA THR F 72 37.01 33.45 -20.40
C THR F 72 37.32 34.47 -21.47
N GLU F 73 38.36 35.24 -21.19
N GLU F 73 38.33 35.32 -21.27
CA GLU F 73 38.83 36.33 -22.02
CA GLU F 73 38.56 36.44 -22.25
C GLU F 73 38.98 35.88 -23.46
C GLU F 73 38.99 35.88 -23.60
N LEU F 74 39.53 34.68 -23.59
CA LEU F 74 39.84 34.04 -24.87
C LEU F 74 38.61 33.87 -25.80
N GLY F 75 37.39 33.79 -25.26
CA GLY F 75 36.23 33.65 -26.10
C GLY F 75 35.47 34.91 -26.52
N ARG F 76 35.90 36.07 -26.00
CA ARG F 76 35.24 37.31 -26.35
C ARG F 76 35.07 37.55 -27.86
N PRO F 77 36.11 37.34 -28.69
CA PRO F 77 35.90 37.48 -30.12
C PRO F 77 34.79 36.56 -30.66
N ASP F 78 34.73 35.34 -30.16
CA ASP F 78 33.73 34.37 -30.67
C ASP F 78 32.32 34.81 -30.19
N GLU F 79 32.13 35.20 -28.90
CA GLU F 79 30.78 35.55 -28.45
C GLU F 79 30.23 36.65 -29.38
N GLU F 80 31.07 37.63 -29.68
CA GLU F 80 30.58 38.77 -30.43
C GLU F 80 30.26 38.40 -31.92
N TYR F 81 31.12 37.65 -32.53
CA TYR F 81 30.85 37.28 -33.93
C TYR F 81 29.63 36.41 -34.03
N TRP F 82 29.65 35.31 -33.27
CA TRP F 82 28.61 34.28 -33.45
C TRP F 82 27.24 34.77 -32.98
N ASN F 83 27.20 35.72 -32.05
CA ASN F 83 25.96 36.31 -31.68
C ASN F 83 25.36 37.23 -32.77
N SER F 84 26.15 37.66 -33.72
CA SER F 84 25.62 38.41 -34.84
C SER F 84 24.98 37.47 -35.89
N GLN F 85 25.15 36.14 -35.79
CA GLN F 85 24.79 35.21 -36.89
C GLN F 85 23.48 34.64 -36.48
N LYS F 86 22.38 35.30 -36.88
CA LYS F 86 21.10 34.95 -36.41
C LYS F 86 20.63 33.53 -36.90
N ASP F 87 21.18 33.07 -38.00
N ASP F 87 21.22 33.08 -38.02
CA ASP F 87 20.89 31.72 -38.45
CA ASP F 87 21.01 31.74 -38.55
C ASP F 87 21.53 30.69 -37.49
C ASP F 87 21.56 30.70 -37.54
N ILE F 88 22.71 31.01 -36.97
CA ILE F 88 23.37 30.15 -35.95
C ILE F 88 22.58 30.18 -34.64
N LEU F 89 22.18 31.39 -34.18
CA LEU F 89 21.32 31.41 -33.05
C LEU F 89 19.98 30.64 -33.19
N GLU F 90 19.35 30.74 -34.36
CA GLU F 90 18.17 29.94 -34.71
C GLU F 90 18.44 28.42 -34.44
N GLU F 91 19.50 27.92 -34.99
CA GLU F 91 19.79 26.51 -34.94
C GLU F 91 20.06 26.05 -33.48
N GLU F 92 20.87 26.85 -32.75
CA GLU F 92 21.22 26.52 -31.39
C GLU F 92 20.01 26.53 -30.50
N ARG F 93 19.17 27.54 -30.68
CA ARG F 93 17.96 27.65 -29.90
C ARG F 93 16.96 26.55 -30.10
N ALA F 94 17.02 25.91 -31.28
CA ALA F 94 16.14 24.83 -31.66
C ALA F 94 16.57 23.48 -31.12
N VAL F 95 17.80 23.42 -30.57
CA VAL F 95 18.40 22.07 -30.22
C VAL F 95 17.59 21.40 -29.08
N PRO F 96 17.19 22.14 -28.04
CA PRO F 96 16.40 21.36 -27.04
C PRO F 96 15.15 20.64 -27.50
N ASP F 97 14.32 21.28 -28.32
CA ASP F 97 13.12 20.59 -28.87
C ASP F 97 13.37 19.75 -30.11
N ARG F 98 14.56 19.82 -30.66
CA ARG F 98 14.90 18.99 -31.83
C ARG F 98 15.82 17.88 -31.36
N MET F 99 17.14 17.99 -31.50
CA MET F 99 18.05 16.91 -31.15
C MET F 99 17.83 16.39 -29.71
N CYS F 100 17.91 17.26 -28.74
CA CYS F 100 17.80 16.73 -27.34
C CYS F 100 16.53 15.89 -27.11
N ARG F 101 15.36 16.47 -27.46
CA ARG F 101 14.11 15.80 -27.23
C ARG F 101 14.02 14.48 -28.05
N HIS F 102 14.41 14.62 -29.30
N HIS F 102 14.39 14.54 -29.31
CA HIS F 102 14.37 13.54 -30.27
CA HIS F 102 14.25 13.34 -30.16
C HIS F 102 15.17 12.34 -29.77
C HIS F 102 15.16 12.26 -29.65
N ASN F 103 16.40 12.59 -29.34
CA ASN F 103 17.30 11.55 -28.90
C ASN F 103 16.84 10.93 -27.58
N TYR F 104 16.26 11.72 -26.74
CA TYR F 104 15.84 11.22 -25.41
C TYR F 104 14.63 10.25 -25.59
N GLU F 105 13.70 10.62 -26.45
CA GLU F 105 12.50 9.81 -26.78
C GLU F 105 12.98 8.52 -27.47
N LEU F 106 14.07 8.58 -28.23
CA LEU F 106 14.54 7.41 -28.98
C LEU F 106 15.26 6.40 -28.10
N GLY F 107 16.26 6.86 -27.41
CA GLY F 107 17.17 5.96 -26.75
C GLY F 107 16.55 5.20 -25.60
N GLY F 108 15.46 5.78 -25.14
CA GLY F 108 14.74 5.29 -24.00
C GLY F 108 14.76 3.83 -23.67
N PRO F 109 14.07 3.07 -24.46
CA PRO F 109 13.85 1.68 -24.15
C PRO F 109 15.11 0.90 -23.79
N MET F 110 16.27 1.34 -24.30
CA MET F 110 17.51 0.53 -24.20
C MET F 110 18.61 1.05 -23.33
N THR F 111 18.35 2.21 -22.83
CA THR F 111 19.27 2.96 -22.11
C THR F 111 18.55 3.45 -20.93
N LEU F 112 17.64 4.38 -21.16
CA LEU F 112 16.94 5.04 -20.12
C LEU F 112 16.32 4.02 -19.26
N GLN F 113 15.73 2.97 -19.86
CA GLN F 113 15.02 1.95 -19.13
C GLN F 113 15.76 0.62 -19.01
N ARG F 114 17.06 0.56 -19.32
CA ARG F 114 17.85 -0.61 -19.11
C ARG F 114 17.83 -1.03 -17.59
N ARG F 115 17.70 -2.29 -17.37
CA ARG F 115 17.68 -2.91 -16.01
C ARG F 115 18.46 -4.17 -16.04
N VAL F 116 19.52 -4.23 -15.21
CA VAL F 116 20.37 -5.41 -15.12
C VAL F 116 20.52 -5.79 -13.63
N GLN F 117 20.14 -7.02 -13.30
CA GLN F 117 20.01 -7.42 -11.86
C GLN F 117 21.32 -7.65 -11.17
N PRO F 118 21.48 -7.17 -9.91
CA PRO F 118 22.67 -7.41 -9.18
C PRO F 118 22.96 -8.86 -8.78
N ARG F 119 24.22 -9.18 -8.67
CA ARG F 119 24.69 -10.41 -8.12
C ARG F 119 25.21 -10.04 -6.78
N VAL F 120 25.05 -10.93 -5.82
CA VAL F 120 25.44 -10.63 -4.48
C VAL F 120 26.29 -11.78 -3.86
N ASN F 121 27.42 -11.42 -3.27
CA ASN F 121 28.35 -12.33 -2.57
C ASN F 121 28.67 -11.78 -1.20
N VAL F 122 28.65 -12.63 -0.19
CA VAL F 122 29.11 -12.18 1.09
C VAL F 122 30.31 -13.04 1.55
N SER F 123 31.35 -12.41 1.98
CA SER F 123 32.50 -13.10 2.57
C SER F 123 33.26 -12.20 3.53
N PRO F 124 33.92 -12.80 4.54
CA PRO F 124 34.75 -11.98 5.44
C PRO F 124 36.01 -11.50 4.76
N SER F 125 36.51 -10.36 5.22
CA SER F 125 37.74 -9.85 4.68
C SER F 125 38.87 -10.72 5.17
N ASN F 134 38.16 -6.33 11.52
CA ASN F 134 37.38 -7.52 11.17
C ASN F 134 36.05 -7.17 10.46
N LEU F 135 36.00 -7.44 9.16
CA LEU F 135 34.97 -6.90 8.27
C LEU F 135 34.29 -8.01 7.46
N LEU F 136 32.98 -7.90 7.34
CA LEU F 136 32.22 -8.76 6.51
C LEU F 136 31.87 -7.91 5.28
N VAL F 137 32.04 -8.50 4.10
CA VAL F 137 31.95 -7.70 2.83
C VAL F 137 30.76 -8.22 2.06
N CYS F 138 29.81 -7.34 1.75
CA CYS F 138 28.72 -7.62 0.80
C CYS F 138 29.11 -6.97 -0.54
N HIS F 139 29.57 -7.81 -1.45
CA HIS F 139 30.05 -7.38 -2.75
C HIS F 139 28.90 -7.63 -3.74
N VAL F 140 28.41 -6.51 -4.23
CA VAL F 140 27.25 -6.47 -5.12
C VAL F 140 27.71 -6.06 -6.54
N THR F 141 27.42 -6.85 -7.55
CA THR F 141 28.09 -6.69 -8.86
C THR F 141 27.10 -6.74 -10.00
N ASP F 142 27.53 -6.19 -11.15
CA ASP F 142 26.90 -6.33 -12.40
C ASP F 142 25.50 -5.77 -12.57
N PHE F 143 25.24 -4.63 -11.93
CA PHE F 143 23.92 -4.10 -11.98
C PHE F 143 23.85 -2.80 -12.79
N TYR F 144 22.63 -2.43 -13.14
CA TYR F 144 22.33 -1.21 -13.86
C TYR F 144 20.79 -0.92 -13.69
N PRO F 145 20.42 0.32 -13.40
CA PRO F 145 21.25 1.50 -13.16
C PRO F 145 21.93 1.57 -11.81
N GLY F 146 22.56 2.72 -11.52
CA GLY F 146 23.45 2.83 -10.47
C GLY F 146 22.88 2.90 -9.09
N SER F 147 21.70 3.47 -8.97
N SER F 147 21.62 3.33 -9.02
CA SER F 147 21.17 3.65 -7.61
CA SER F 147 20.96 3.51 -7.72
C SER F 147 20.80 2.26 -7.04
C SER F 147 20.76 2.17 -7.03
N ILE F 148 21.22 2.06 -5.79
CA ILE F 148 21.06 0.78 -5.09
C ILE F 148 21.06 1.04 -3.61
N GLN F 149 20.46 0.12 -2.85
CA GLN F 149 20.45 0.23 -1.37
C GLN F 149 20.87 -1.14 -0.83
N VAL F 150 21.87 -1.13 0.00
CA VAL F 150 22.39 -2.33 0.59
C VAL F 150 22.23 -2.16 2.11
N ARG F 151 21.67 -3.15 2.78
CA ARG F 151 21.40 -3.10 4.23
C ARG F 151 21.98 -4.38 4.90
N TRP F 152 22.45 -4.21 6.12
CA TRP F 152 23.10 -5.29 6.88
C TRP F 152 22.22 -5.58 8.11
N PHE F 153 22.07 -6.86 8.44
CA PHE F 153 21.32 -7.33 9.60
C PHE F 153 22.17 -8.36 10.36
N LEU F 154 22.15 -8.23 11.69
CA LEU F 154 22.77 -9.28 12.54
C LEU F 154 21.69 -9.90 13.41
N ASN F 155 21.49 -11.21 13.31
CA ASN F 155 20.44 -11.93 14.01
C ASN F 155 19.09 -11.24 13.93
N GLY F 156 18.71 -10.88 12.70
CA GLY F 156 17.42 -10.27 12.44
C GLY F 156 17.25 -8.78 12.72
N GLN F 157 18.24 -8.11 13.23
CA GLN F 157 18.12 -6.70 13.54
C GLN F 157 19.09 -5.89 12.71
N GLU F 158 18.63 -4.78 12.14
CA GLU F 158 19.50 -4.02 11.25
C GLU F 158 20.62 -3.28 11.92
N GLU F 159 21.80 -3.27 11.31
CA GLU F 159 22.97 -2.50 11.77
C GLU F 159 23.20 -1.32 10.88
N THR F 160 23.41 -0.13 11.43
CA THR F 160 23.71 1.02 10.54
C THR F 160 25.06 1.67 10.89
N ALA F 161 25.28 1.89 12.16
CA ALA F 161 26.62 2.24 12.61
C ALA F 161 27.53 1.00 12.56
N GLY F 162 28.78 1.23 12.25
CA GLY F 162 29.69 0.16 11.95
C GLY F 162 29.68 -0.25 10.47
N VAL F 163 28.93 0.45 9.64
CA VAL F 163 28.84 0.12 8.19
C VAL F 163 29.69 1.11 7.41
N VAL F 164 30.55 0.60 6.50
CA VAL F 164 31.27 1.47 5.60
C VAL F 164 31.11 0.94 4.17
N SER F 165 31.29 1.79 3.20
CA SER F 165 31.11 1.41 1.82
C SER F 165 32.14 2.00 0.90
N THR F 166 32.34 1.31 -0.20
CA THR F 166 33.05 1.97 -1.30
C THR F 166 32.12 3.00 -1.94
N ASN F 167 32.67 3.84 -2.79
CA ASN F 167 31.84 4.59 -3.73
C ASN F 167 31.14 3.56 -4.62
N LEU F 168 30.02 3.98 -5.22
CA LEU F 168 29.51 3.28 -6.39
C LEU F 168 30.62 3.27 -7.43
N ILE F 169 30.94 2.09 -7.96
CA ILE F 169 32.07 1.90 -8.89
C ILE F 169 31.46 1.57 -10.27
N ARG F 170 31.82 2.37 -11.25
CA ARG F 170 31.39 2.21 -12.64
C ARG F 170 32.44 1.24 -13.31
N ASN F 171 32.00 0.16 -14.02
CA ASN F 171 32.91 -0.83 -14.61
C ASN F 171 33.29 -0.43 -16.03
N GLY F 172 32.58 0.56 -16.58
CA GLY F 172 32.82 1.04 -17.94
C GLY F 172 32.11 0.32 -19.03
N ASP F 173 31.37 -0.73 -18.70
CA ASP F 173 30.71 -1.59 -19.64
C ASP F 173 29.17 -1.61 -19.44
N TRP F 174 28.68 -0.48 -18.97
CA TRP F 174 27.22 -0.31 -18.67
C TRP F 174 26.72 -1.17 -17.47
N THR F 175 27.63 -1.41 -16.56
CA THR F 175 27.33 -2.04 -15.27
C THR F 175 28.09 -1.38 -14.19
N PHE F 176 27.58 -1.48 -12.94
CA PHE F 176 28.18 -1.00 -11.75
C PHE F 176 28.50 -2.11 -10.71
N GLN F 177 29.29 -1.79 -9.71
CA GLN F 177 29.42 -2.63 -8.53
C GLN F 177 29.57 -1.76 -7.30
N ILE F 178 29.40 -2.35 -6.11
CA ILE F 178 29.67 -1.70 -4.90
C ILE F 178 30.04 -2.71 -3.81
N LEU F 179 30.84 -2.30 -2.86
CA LEU F 179 31.19 -3.16 -1.70
C LEU F 179 30.76 -2.41 -0.47
N VAL F 180 29.97 -3.10 0.33
CA VAL F 180 29.40 -2.57 1.59
C VAL F 180 29.86 -3.49 2.70
N MET F 181 30.49 -2.89 3.68
CA MET F 181 31.23 -3.64 4.70
C MET F 181 30.72 -3.40 6.13
N LEU F 182 30.68 -4.44 6.89
CA LEU F 182 30.21 -4.38 8.29
C LEU F 182 31.35 -4.82 9.23
N GLU F 183 31.70 -3.94 10.15
CA GLU F 183 32.59 -4.29 11.25
C GLU F 183 31.89 -5.26 12.11
N MET F 184 32.53 -6.39 12.35
CA MET F 184 31.89 -7.37 13.16
C MET F 184 32.79 -7.98 14.24
N THR F 185 32.11 -8.61 15.21
CA THR F 185 32.72 -9.32 16.34
C THR F 185 31.83 -10.52 16.55
N PRO F 186 31.89 -11.45 15.62
CA PRO F 186 31.03 -12.60 15.58
C PRO F 186 31.26 -13.61 16.71
N GLN F 187 30.17 -14.23 17.15
CA GLN F 187 30.14 -15.30 18.15
C GLN F 187 29.58 -16.45 17.41
N GLN F 188 29.85 -17.65 17.89
CA GLN F 188 29.25 -18.90 17.41
C GLN F 188 27.74 -18.74 17.31
N GLY F 189 27.16 -19.10 16.17
CA GLY F 189 25.72 -18.97 16.00
C GLY F 189 25.19 -17.61 15.46
N ASP F 190 25.98 -16.54 15.53
CA ASP F 190 25.66 -15.25 14.82
C ASP F 190 25.31 -15.46 13.37
N VAL F 191 24.16 -14.92 12.94
CA VAL F 191 23.77 -15.03 11.53
C VAL F 191 23.67 -13.62 10.92
N TYR F 192 24.49 -13.35 9.90
CA TYR F 192 24.58 -12.04 9.28
C TYR F 192 23.90 -12.10 7.91
N THR F 193 23.12 -11.05 7.59
CA THR F 193 22.40 -11.04 6.31
C THR F 193 22.60 -9.75 5.62
N CYS F 194 22.97 -9.80 4.32
N CYS F 194 22.99 -9.85 4.33
CA CYS F 194 23.08 -8.56 3.51
CA CYS F 194 23.09 -8.68 3.43
C CYS F 194 21.87 -8.56 2.57
C CYS F 194 21.73 -8.62 2.69
N GLN F 195 21.13 -7.43 2.55
CA GLN F 195 19.91 -7.27 1.78
C GLN F 195 20.09 -6.19 0.74
N VAL F 196 19.76 -6.54 -0.47
CA VAL F 196 19.94 -5.62 -1.59
C VAL F 196 18.65 -5.25 -2.27
N GLU F 197 18.41 -3.93 -2.40
CA GLU F 197 17.23 -3.39 -3.02
C GLU F 197 17.62 -2.67 -4.31
N HIS F 198 16.97 -3.03 -5.39
CA HIS F 198 17.31 -2.41 -6.68
C HIS F 198 16.07 -2.40 -7.60
N THR F 199 16.00 -1.41 -8.52
CA THR F 199 14.84 -1.21 -9.39
C THR F 199 14.66 -2.37 -10.34
N SER F 200 15.71 -3.09 -10.64
CA SER F 200 15.59 -4.32 -11.45
C SER F 200 14.90 -5.53 -10.78
N LEU F 201 14.79 -5.48 -9.44
CA LEU F 201 14.29 -6.58 -8.61
C LEU F 201 12.82 -6.31 -8.22
N ASP F 202 12.02 -7.36 -8.18
CA ASP F 202 10.64 -7.18 -7.66
C ASP F 202 10.53 -7.50 -6.20
N SER F 203 11.62 -7.98 -5.62
CA SER F 203 11.73 -8.15 -4.19
C SER F 203 13.22 -8.11 -3.84
N PRO F 204 13.55 -7.92 -2.57
CA PRO F 204 14.99 -7.77 -2.27
C PRO F 204 15.79 -9.12 -2.39
N VAL F 205 17.07 -9.02 -2.59
CA VAL F 205 17.94 -10.21 -2.58
C VAL F 205 18.60 -10.19 -1.25
N THR F 206 18.63 -11.35 -0.58
CA THR F 206 19.33 -11.52 0.68
C THR F 206 20.32 -12.67 0.61
N VAL F 207 21.47 -12.44 1.20
CA VAL F 207 22.49 -13.46 1.33
C VAL F 207 22.87 -13.50 2.79
N GLU F 208 22.86 -14.73 3.34
CA GLU F 208 23.29 -15.01 4.74
C GLU F 208 24.71 -15.49 4.86
N TRP F 209 25.36 -15.12 5.95
CA TRP F 209 26.66 -15.65 6.28
C TRP F 209 26.62 -16.04 7.76
N LYS F 210 27.00 -17.27 8.04
CA LYS F 210 26.95 -17.79 9.43
C LYS F 210 28.36 -17.95 9.92
N ALA F 211 28.61 -17.31 11.04
CA ALA F 211 29.83 -17.44 11.80
C ALA F 211 30.08 -18.90 12.23
N ILE G 1 -22.66 -24.80 7.96
CA ILE G 1 -21.29 -25.37 7.85
C ILE G 1 -20.46 -24.34 7.16
N LYS G 2 -19.27 -24.05 7.70
CA LYS G 2 -18.41 -23.07 7.07
C LYS G 2 -17.87 -23.64 5.76
N ALA G 3 -17.92 -22.83 4.74
CA ALA G 3 -17.34 -23.18 3.45
C ALA G 3 -16.98 -22.01 2.62
N ASP G 4 -15.83 -22.07 2.03
CA ASP G 4 -15.42 -21.23 0.94
C ASP G 4 -16.18 -21.54 -0.35
N HIS G 5 -16.43 -22.82 -0.57
CA HIS G 5 -17.07 -23.24 -1.83
C HIS G 5 -17.73 -24.57 -1.52
N VAL G 6 -18.78 -24.90 -2.24
CA VAL G 6 -19.56 -26.10 -2.00
C VAL G 6 -19.78 -26.76 -3.36
N SER G 7 -19.40 -28.03 -3.47
CA SER G 7 -19.54 -28.81 -4.66
C SER G 7 -20.45 -29.98 -4.33
N THR G 8 -21.49 -30.20 -5.12
CA THR G 8 -22.47 -31.16 -4.78
C THR G 8 -22.91 -32.04 -6.03
N TYR G 9 -22.88 -33.32 -5.87
CA TYR G 9 -23.63 -34.19 -6.77
C TYR G 9 -25.07 -34.25 -6.20
N ALA G 10 -26.01 -33.96 -7.03
CA ALA G 10 -27.41 -34.02 -6.69
C ALA G 10 -28.16 -34.85 -7.69
N ALA G 11 -28.98 -35.73 -7.17
CA ALA G 11 -29.79 -36.61 -8.06
C ALA G 11 -31.20 -36.89 -7.50
N PHE G 12 -32.17 -37.16 -8.36
CA PHE G 12 -33.46 -37.55 -7.86
C PHE G 12 -34.06 -38.52 -8.83
N VAL G 13 -34.99 -39.26 -8.30
CA VAL G 13 -35.84 -40.10 -9.12
C VAL G 13 -37.28 -39.87 -8.64
N GLN G 14 -38.25 -40.06 -9.55
CA GLN G 14 -39.65 -39.92 -9.16
C GLN G 14 -40.55 -40.65 -10.09
N THR G 15 -41.81 -40.76 -9.67
CA THR G 15 -42.81 -41.44 -10.53
C THR G 15 -43.07 -40.82 -11.91
N HIS G 16 -43.30 -39.52 -11.96
CA HIS G 16 -43.68 -38.79 -13.18
C HIS G 16 -42.45 -38.24 -13.88
N ARG G 17 -42.58 -37.83 -15.15
CA ARG G 17 -41.46 -37.25 -15.88
C ARG G 17 -41.10 -35.83 -15.43
N PRO G 18 -39.81 -35.52 -15.30
CA PRO G 18 -38.65 -36.43 -15.60
C PRO G 18 -38.47 -37.45 -14.48
N THR G 19 -38.30 -38.75 -14.85
CA THR G 19 -38.28 -39.77 -13.82
C THR G 19 -36.91 -39.84 -13.06
N GLY G 20 -35.91 -39.17 -13.60
CA GLY G 20 -34.48 -39.29 -13.09
C GLY G 20 -33.69 -38.07 -13.53
N GLU G 21 -32.80 -37.58 -12.67
CA GLU G 21 -31.82 -36.55 -13.01
C GLU G 21 -30.57 -36.77 -12.15
N PHE G 22 -29.39 -36.60 -12.74
CA PHE G 22 -28.14 -36.76 -12.09
C PHE G 22 -27.20 -35.63 -12.51
N MET G 23 -26.82 -34.76 -11.56
CA MET G 23 -26.05 -33.61 -11.90
C MET G 23 -25.01 -33.27 -10.88
N PHE G 24 -24.06 -32.45 -11.33
CA PHE G 24 -23.04 -31.92 -10.41
C PHE G 24 -23.02 -30.39 -10.46
N GLU G 25 -22.99 -29.73 -9.30
CA GLU G 25 -22.97 -28.30 -9.21
C GLU G 25 -21.80 -27.76 -8.35
N PHE G 26 -21.28 -26.62 -8.78
CA PHE G 26 -20.17 -25.93 -8.06
C PHE G 26 -20.76 -24.55 -7.66
N ASP G 27 -20.84 -24.32 -6.38
CA ASP G 27 -21.36 -23.00 -5.86
C ASP G 27 -22.71 -22.67 -6.48
N GLU G 28 -23.51 -23.74 -6.61
CA GLU G 28 -24.89 -23.64 -7.04
C GLU G 28 -25.13 -23.48 -8.52
N ASP G 29 -24.10 -23.60 -9.34
CA ASP G 29 -24.25 -23.59 -10.76
C ASP G 29 -23.96 -25.01 -11.32
N GLU G 30 -24.86 -25.49 -12.18
CA GLU G 30 -24.70 -26.87 -12.70
C GLU G 30 -23.50 -26.88 -13.66
N MET G 31 -22.62 -27.80 -13.43
CA MET G 31 -21.43 -27.98 -14.23
C MET G 31 -21.56 -29.08 -15.31
N PHE G 32 -22.18 -30.17 -14.94
CA PHE G 32 -22.50 -31.27 -15.86
C PHE G 32 -23.65 -32.07 -15.34
N TYR G 33 -24.22 -32.85 -16.25
CA TYR G 33 -25.19 -33.83 -15.89
C TYR G 33 -25.06 -35.02 -16.79
N VAL G 34 -25.65 -36.10 -16.38
CA VAL G 34 -25.70 -37.31 -17.27
C VAL G 34 -27.06 -37.32 -17.90
N ASP G 35 -27.06 -37.28 -19.23
CA ASP G 35 -28.27 -37.50 -20.01
C ASP G 35 -28.67 -38.99 -20.01
N LEU G 36 -29.71 -39.30 -19.29
CA LEU G 36 -30.04 -40.64 -19.02
C LEU G 36 -30.64 -41.41 -20.22
N ASP G 37 -31.14 -40.72 -21.22
CA ASP G 37 -31.55 -41.36 -22.54
C ASP G 37 -30.40 -41.65 -23.43
N LYS G 38 -29.55 -40.65 -23.60
CA LYS G 38 -28.37 -40.76 -24.45
C LYS G 38 -27.22 -41.49 -23.79
N LYS G 39 -27.22 -41.55 -22.44
CA LYS G 39 -26.21 -42.19 -21.63
C LYS G 39 -24.83 -41.58 -21.82
N GLU G 40 -24.77 -40.25 -21.65
CA GLU G 40 -23.57 -39.52 -21.86
C GLU G 40 -23.57 -38.30 -20.93
N THR G 41 -22.38 -37.84 -20.64
CA THR G 41 -22.17 -36.65 -19.86
C THR G 41 -22.32 -35.43 -20.73
N VAL G 42 -23.09 -34.48 -20.21
CA VAL G 42 -23.27 -33.20 -20.84
C VAL G 42 -22.72 -32.08 -20.02
N TRP G 43 -21.84 -31.29 -20.63
CA TRP G 43 -21.08 -30.23 -19.90
C TRP G 43 -21.79 -28.89 -20.13
N HIS G 44 -21.88 -28.06 -19.09
CA HIS G 44 -22.67 -26.84 -19.19
C HIS G 44 -22.02 -25.81 -20.16
N LEU G 45 -20.73 -25.63 -20.01
CA LEU G 45 -19.93 -24.70 -20.79
C LEU G 45 -18.98 -25.54 -21.64
N GLU G 46 -18.84 -25.12 -22.89
CA GLU G 46 -17.89 -25.76 -23.82
C GLU G 46 -16.51 -25.98 -23.28
N GLU G 47 -16.00 -25.02 -22.52
CA GLU G 47 -14.65 -25.15 -22.06
C GLU G 47 -14.54 -26.30 -21.05
N PHE G 48 -15.62 -26.62 -20.33
CA PHE G 48 -15.49 -27.60 -19.30
C PHE G 48 -15.27 -28.92 -20.02
N GLY G 49 -16.02 -29.12 -21.07
CA GLY G 49 -16.02 -30.34 -21.86
C GLY G 49 -14.72 -30.59 -22.58
N GLN G 50 -13.96 -29.54 -22.84
CA GLN G 50 -12.66 -29.66 -23.46
C GLN G 50 -11.65 -30.10 -22.42
N ALA G 51 -11.82 -29.73 -21.15
CA ALA G 51 -10.86 -30.06 -20.11
C ALA G 51 -11.14 -31.37 -19.33
N PHE G 52 -12.42 -31.71 -19.13
CA PHE G 52 -12.74 -32.73 -18.15
C PHE G 52 -13.54 -33.82 -18.77
N SER G 53 -13.67 -34.95 -18.04
CA SER G 53 -14.54 -36.02 -18.41
C SER G 53 -15.24 -36.52 -17.13
N PHE G 54 -16.28 -37.31 -17.36
CA PHE G 54 -16.94 -38.05 -16.28
C PHE G 54 -17.59 -39.29 -16.94
N GLU G 55 -17.36 -40.44 -16.34
CA GLU G 55 -17.95 -41.65 -16.87
C GLU G 55 -19.43 -41.66 -16.53
N ALA G 56 -20.25 -41.64 -17.57
CA ALA G 56 -21.71 -41.58 -17.43
C ALA G 56 -22.28 -42.72 -16.65
N GLN G 57 -21.65 -43.90 -16.74
CA GLN G 57 -22.09 -45.06 -15.99
C GLN G 57 -22.10 -44.83 -14.49
N GLY G 58 -21.31 -43.91 -14.01
CA GLY G 58 -21.41 -43.56 -12.59
C GLY G 58 -22.75 -42.94 -12.22
N GLY G 59 -23.28 -42.15 -13.14
CA GLY G 59 -24.59 -41.53 -12.98
C GLY G 59 -25.72 -42.51 -13.09
N LEU G 60 -25.64 -43.33 -14.12
CA LEU G 60 -26.64 -44.35 -14.40
C LEU G 60 -26.70 -45.31 -13.20
N ALA G 61 -25.56 -45.71 -12.66
CA ALA G 61 -25.55 -46.59 -11.53
C ALA G 61 -26.23 -45.94 -10.30
N ASN G 62 -25.96 -44.63 -10.07
CA ASN G 62 -26.64 -44.00 -8.97
C ASN G 62 -28.10 -43.90 -9.20
N ILE G 63 -28.53 -43.65 -10.42
CA ILE G 63 -29.96 -43.60 -10.68
C ILE G 63 -30.65 -44.98 -10.40
N ALA G 64 -29.92 -46.05 -10.74
CA ALA G 64 -30.43 -47.40 -10.40
C ALA G 64 -30.59 -47.65 -8.91
N ILE G 65 -29.62 -47.17 -8.14
CA ILE G 65 -29.66 -47.25 -6.69
C ILE G 65 -30.81 -46.39 -6.12
N LEU G 66 -30.90 -45.15 -6.60
CA LEU G 66 -31.98 -44.27 -6.07
C LEU G 66 -33.37 -44.85 -6.41
N ASN G 67 -33.55 -45.47 -7.57
CA ASN G 67 -34.78 -46.13 -7.86
C ASN G 67 -35.14 -47.23 -6.91
N ASN G 68 -34.14 -48.02 -6.50
CA ASN G 68 -34.33 -48.95 -5.47
C ASN G 68 -34.75 -48.30 -4.19
N ASN G 69 -34.04 -47.22 -3.81
CA ASN G 69 -34.35 -46.50 -2.58
C ASN G 69 -35.75 -45.90 -2.58
N LEU G 70 -36.20 -45.44 -3.74
CA LEU G 70 -37.56 -44.86 -3.86
C LEU G 70 -38.61 -45.95 -3.57
N ASN G 71 -38.42 -47.13 -4.17
CA ASN G 71 -39.35 -48.22 -3.91
C ASN G 71 -39.36 -48.63 -2.50
N THR G 72 -38.20 -48.64 -1.87
CA THR G 72 -38.07 -48.98 -0.48
C THR G 72 -38.82 -47.96 0.39
N LEU G 73 -38.63 -46.70 0.10
CA LEU G 73 -39.22 -45.66 0.95
C LEU G 73 -40.75 -45.51 0.73
N ILE G 74 -41.20 -45.81 -0.48
CA ILE G 74 -42.65 -45.67 -0.77
C ILE G 74 -43.29 -46.72 0.14
N GLN G 75 -42.70 -47.89 0.24
CA GLN G 75 -43.25 -48.93 1.15
C GLN G 75 -43.09 -48.55 2.63
N ARG G 76 -41.93 -48.16 3.06
CA ARG G 76 -41.73 -47.86 4.43
C ARG G 76 -42.59 -46.66 4.89
N SER G 77 -42.86 -45.70 4.03
CA SER G 77 -43.63 -44.53 4.39
C SER G 77 -45.13 -44.74 4.24
N ASN G 78 -45.56 -45.95 3.86
CA ASN G 78 -46.97 -46.21 3.50
C ASN G 78 -47.50 -45.27 2.46
N HIS G 79 -46.74 -45.13 1.34
CA HIS G 79 -47.08 -44.32 0.21
C HIS G 79 -47.40 -42.91 0.63
N THR G 80 -46.52 -42.30 1.40
CA THR G 80 -46.67 -40.91 1.73
C THR G 80 -46.28 -40.00 0.55
N GLN G 81 -47.26 -39.25 0.02
CA GLN G 81 -47.03 -38.25 -1.01
C GLN G 81 -46.92 -36.88 -0.39
N ALA G 82 -46.00 -36.06 -0.88
CA ALA G 82 -45.81 -34.75 -0.34
C ALA G 82 -46.80 -33.74 -0.89
N THR G 83 -47.00 -32.67 -0.13
CA THR G 83 -47.74 -31.47 -0.57
C THR G 83 -47.11 -30.84 -1.82
N ASN G 84 -47.96 -30.43 -2.74
CA ASN G 84 -47.50 -29.67 -3.90
C ASN G 84 -47.17 -28.26 -3.48
N ASP G 85 -45.92 -27.83 -3.67
N ASP G 85 -45.91 -27.82 -3.65
CA ASP G 85 -45.46 -26.50 -3.29
CA ASP G 85 -45.46 -26.46 -3.31
C ASP G 85 -45.35 -25.70 -4.60
C ASP G 85 -45.37 -25.71 -4.62
N PRO G 86 -46.23 -24.69 -4.81
CA PRO G 86 -46.29 -24.04 -6.11
C PRO G 86 -45.09 -23.10 -6.35
N PRO G 87 -44.70 -22.85 -7.59
CA PRO G 87 -43.64 -21.94 -8.01
C PRO G 87 -43.89 -20.47 -7.85
N GLU G 88 -42.81 -19.79 -7.63
CA GLU G 88 -42.67 -18.33 -7.87
C GLU G 88 -41.92 -18.13 -9.17
N VAL G 89 -42.44 -17.24 -9.99
CA VAL G 89 -41.88 -17.01 -11.30
C VAL G 89 -41.45 -15.60 -11.51
N THR G 90 -40.28 -15.37 -12.09
CA THR G 90 -39.82 -14.04 -12.49
C THR G 90 -39.31 -14.08 -13.90
N VAL G 91 -39.50 -12.98 -14.67
CA VAL G 91 -39.03 -12.89 -16.06
C VAL G 91 -38.13 -11.67 -16.12
N PHE G 92 -36.95 -11.82 -16.71
CA PHE G 92 -35.98 -10.70 -16.78
C PHE G 92 -34.97 -10.91 -17.85
N PRO G 93 -34.46 -9.82 -18.42
CA PRO G 93 -33.50 -9.97 -19.49
C PRO G 93 -32.08 -10.18 -18.95
N LYS G 94 -31.30 -10.84 -19.74
CA LYS G 94 -29.89 -11.12 -19.36
C LYS G 94 -29.03 -9.82 -19.41
N GLU G 95 -29.27 -8.96 -20.40
N GLU G 95 -29.30 -8.97 -20.41
CA GLU G 95 -28.53 -7.71 -20.56
CA GLU G 95 -28.61 -7.70 -20.61
C GLU G 95 -29.51 -6.55 -20.61
C GLU G 95 -29.59 -6.53 -20.49
N PRO G 96 -29.08 -5.33 -20.24
CA PRO G 96 -30.04 -4.20 -20.34
C PRO G 96 -30.53 -4.10 -21.80
N VAL G 97 -31.79 -3.71 -21.92
CA VAL G 97 -32.47 -3.83 -23.21
C VAL G 97 -32.08 -2.73 -24.14
N GLU G 98 -31.62 -3.02 -25.33
CA GLU G 98 -31.42 -1.98 -26.33
C GLU G 98 -32.24 -2.38 -27.55
N LEU G 99 -33.14 -1.51 -28.06
CA LEU G 99 -33.99 -1.95 -29.22
C LEU G 99 -33.11 -2.29 -30.40
N GLY G 100 -33.37 -3.43 -31.03
CA GLY G 100 -32.63 -3.88 -32.18
C GLY G 100 -31.39 -4.69 -31.96
N GLN G 101 -30.95 -4.85 -30.71
CA GLN G 101 -29.73 -5.65 -30.38
C GLN G 101 -30.11 -6.97 -29.65
N PRO G 102 -29.71 -8.12 -30.23
CA PRO G 102 -30.05 -9.44 -29.71
C PRO G 102 -29.78 -9.48 -28.21
N ASN G 103 -30.65 -10.18 -27.49
CA ASN G 103 -30.61 -10.28 -26.02
C ASN G 103 -31.22 -11.65 -25.71
N THR G 104 -31.35 -11.96 -24.42
CA THR G 104 -31.91 -13.23 -23.94
C THR G 104 -32.83 -13.01 -22.85
N LEU G 105 -34.04 -13.53 -22.93
CA LEU G 105 -34.97 -13.34 -21.82
C LEU G 105 -34.95 -14.61 -20.95
N ILE G 106 -35.04 -14.42 -19.64
CA ILE G 106 -34.92 -15.47 -18.71
C ILE G 106 -36.19 -15.59 -17.98
N CYS G 107 -36.70 -16.81 -17.91
CA CYS G 107 -37.83 -17.05 -16.97
C CYS G 107 -37.35 -17.98 -15.89
N HIS G 108 -37.36 -17.52 -14.66
CA HIS G 108 -36.83 -18.24 -13.52
C HIS G 108 -38.01 -18.71 -12.68
N ILE G 109 -38.10 -20.03 -12.52
CA ILE G 109 -39.21 -20.69 -11.80
C ILE G 109 -38.63 -21.27 -10.51
N ASP G 110 -39.14 -20.89 -9.34
CA ASP G 110 -38.43 -21.17 -8.10
C ASP G 110 -39.33 -21.70 -6.99
N LYS G 111 -38.73 -22.44 -6.07
CA LYS G 111 -39.31 -22.88 -4.80
C LYS G 111 -40.45 -23.89 -4.92
N PHE G 112 -40.40 -24.77 -5.93
CA PHE G 112 -41.53 -25.62 -6.19
C PHE G 112 -41.17 -27.09 -5.95
N PHE G 113 -42.21 -27.90 -5.77
CA PHE G 113 -42.11 -29.32 -5.51
C PHE G 113 -43.46 -29.95 -5.85
N PRO G 114 -43.46 -31.03 -6.63
CA PRO G 114 -42.37 -31.85 -7.16
C PRO G 114 -41.85 -31.21 -8.43
N PRO G 115 -40.73 -31.73 -8.97
CA PRO G 115 -40.16 -31.21 -10.19
C PRO G 115 -40.89 -31.77 -11.37
N VAL G 116 -42.13 -31.26 -11.56
CA VAL G 116 -42.94 -31.66 -12.67
C VAL G 116 -43.62 -30.35 -13.12
N LEU G 117 -43.39 -29.97 -14.35
CA LEU G 117 -43.77 -28.64 -14.79
C LEU G 117 -44.07 -28.62 -16.23
N ASN G 118 -44.96 -27.70 -16.64
CA ASN G 118 -44.99 -27.27 -18.05
C ASN G 118 -44.72 -25.80 -18.13
N VAL G 119 -43.78 -25.46 -19.03
CA VAL G 119 -43.40 -24.09 -19.33
C VAL G 119 -43.49 -23.83 -20.82
N THR G 120 -44.10 -22.69 -21.19
CA THR G 120 -44.15 -22.31 -22.59
CA THR G 120 -44.22 -22.31 -22.58
C THR G 120 -43.88 -20.84 -22.73
N TRP G 121 -43.07 -20.52 -23.70
CA TRP G 121 -42.83 -19.11 -24.06
C TRP G 121 -43.86 -18.66 -25.14
N LEU G 122 -44.36 -17.46 -24.97
CA LEU G 122 -45.28 -16.81 -25.93
C LEU G 122 -44.81 -15.38 -26.18
N CYS G 123 -44.78 -15.04 -27.46
CA CYS G 123 -44.40 -13.76 -27.96
C CYS G 123 -45.66 -13.17 -28.63
N ASN G 124 -46.15 -12.07 -28.09
CA ASN G 124 -47.49 -11.51 -28.58
C ASN G 124 -48.55 -12.67 -28.69
N GLY G 125 -48.59 -13.55 -27.68
CA GLY G 125 -49.58 -14.67 -27.61
C GLY G 125 -49.25 -15.94 -28.39
N GLU G 126 -48.21 -15.89 -29.20
CA GLU G 126 -47.85 -16.95 -30.14
C GLU G 126 -46.68 -17.80 -29.55
N LEU G 127 -46.87 -19.09 -29.61
CA LEU G 127 -45.95 -20.08 -29.16
C LEU G 127 -44.62 -19.85 -29.79
N VAL G 128 -43.56 -19.83 -28.98
CA VAL G 128 -42.22 -19.70 -29.51
C VAL G 128 -41.57 -21.08 -29.37
N THR G 129 -41.06 -21.62 -30.46
CA THR G 129 -40.36 -22.92 -30.41
C THR G 129 -38.88 -22.85 -30.87
N GLU G 130 -38.48 -21.77 -31.52
CA GLU G 130 -37.10 -21.54 -31.93
C GLU G 130 -36.38 -20.54 -31.05
N GLY G 131 -35.11 -20.80 -30.82
CA GLY G 131 -34.32 -19.92 -30.02
C GLY G 131 -34.57 -20.07 -28.50
N VAL G 132 -35.04 -21.22 -28.07
CA VAL G 132 -35.43 -21.45 -26.67
C VAL G 132 -34.49 -22.51 -26.08
N ALA G 133 -34.26 -22.42 -24.77
CA ALA G 133 -33.45 -23.41 -24.08
C ALA G 133 -33.95 -23.48 -22.66
N GLU G 134 -33.54 -24.51 -21.95
CA GLU G 134 -33.91 -24.63 -20.53
C GLU G 134 -32.81 -25.32 -19.72
N SER G 135 -32.72 -25.00 -18.42
CA SER G 135 -31.87 -25.77 -17.50
C SER G 135 -32.51 -27.11 -17.12
N LEU G 136 -31.77 -27.85 -16.26
CA LEU G 136 -32.30 -29.00 -15.56
C LEU G 136 -33.24 -28.51 -14.48
N PHE G 137 -33.90 -29.42 -13.83
CA PHE G 137 -34.51 -29.12 -12.53
C PHE G 137 -33.42 -29.06 -11.51
N LEU G 138 -33.20 -27.89 -10.94
CA LEU G 138 -32.03 -27.67 -10.14
C LEU G 138 -32.42 -27.78 -8.66
N PRO G 139 -31.55 -28.41 -7.87
CA PRO G 139 -31.89 -28.63 -6.44
C PRO G 139 -31.71 -27.38 -5.60
N ARG G 140 -32.53 -27.27 -4.62
CA ARG G 140 -32.36 -26.30 -3.61
C ARG G 140 -32.00 -26.99 -2.33
N THR G 141 -31.38 -26.24 -1.43
CA THR G 141 -31.00 -26.77 -0.13
C THR G 141 -32.16 -27.08 0.81
N ASP G 142 -33.36 -26.60 0.55
CA ASP G 142 -34.52 -26.99 1.23
C ASP G 142 -35.29 -28.05 0.54
N TYR G 143 -34.67 -28.62 -0.48
CA TYR G 143 -35.26 -29.81 -1.16
C TYR G 143 -36.48 -29.61 -2.06
N SER G 144 -36.78 -28.36 -2.36
CA SER G 144 -37.60 -27.98 -3.48
C SER G 144 -36.64 -27.72 -4.63
N PHE G 145 -37.19 -27.19 -5.71
CA PHE G 145 -36.45 -27.06 -7.01
C PHE G 145 -36.58 -25.71 -7.64
N HIS G 146 -35.70 -25.38 -8.56
CA HIS G 146 -35.85 -24.23 -9.37
C HIS G 146 -35.43 -24.59 -10.74
N LYS G 147 -35.75 -23.72 -11.68
CA LYS G 147 -35.50 -24.01 -13.12
C LYS G 147 -35.42 -22.73 -13.92
N PHE G 148 -34.59 -22.67 -14.95
CA PHE G 148 -34.52 -21.57 -15.89
C PHE G 148 -34.91 -21.97 -17.29
N HIS G 149 -35.72 -21.10 -17.94
CA HIS G 149 -35.97 -21.11 -19.34
C HIS G 149 -35.46 -19.86 -20.00
N TYR G 150 -34.99 -19.98 -21.21
CA TYR G 150 -34.38 -18.96 -21.94
C TYR G 150 -34.93 -18.78 -23.33
N LEU G 151 -34.94 -17.54 -23.80
CA LEU G 151 -35.42 -17.17 -25.13
C LEU G 151 -34.53 -16.10 -25.72
N THR G 152 -33.91 -16.41 -26.85
CA THR G 152 -33.15 -15.38 -27.55
C THR G 152 -34.09 -14.51 -28.34
N PHE G 153 -33.87 -13.21 -28.29
CA PHE G 153 -34.74 -12.31 -29.05
C PHE G 153 -34.11 -11.02 -29.40
N VAL G 154 -34.76 -10.32 -30.35
CA VAL G 154 -34.39 -8.95 -30.60
C VAL G 154 -35.46 -8.02 -30.09
N PRO G 155 -35.13 -7.21 -29.09
CA PRO G 155 -36.09 -6.36 -28.44
C PRO G 155 -36.65 -5.25 -29.37
N SER G 156 -37.95 -5.01 -29.22
CA SER G 156 -38.66 -4.01 -30.03
C SER G 156 -39.81 -3.48 -29.22
N ALA G 157 -40.17 -2.23 -29.49
CA ALA G 157 -41.23 -1.56 -28.73
C ALA G 157 -42.63 -2.25 -28.92
N GLU G 158 -42.79 -2.93 -30.02
CA GLU G 158 -44.13 -3.45 -30.39
C GLU G 158 -44.38 -4.87 -29.84
N ASP G 159 -43.38 -5.52 -29.24
CA ASP G 159 -43.51 -6.90 -28.78
C ASP G 159 -43.63 -7.04 -27.28
N PHE G 160 -44.32 -8.07 -26.85
CA PHE G 160 -44.28 -8.48 -25.45
C PHE G 160 -44.20 -10.00 -25.38
N TYR G 161 -43.87 -10.48 -24.16
CA TYR G 161 -43.59 -11.88 -23.93
C TYR G 161 -44.30 -12.32 -22.72
N ASP G 162 -44.63 -13.62 -22.70
CA ASP G 162 -45.21 -14.21 -21.51
C ASP G 162 -44.53 -15.56 -21.30
N CYS G 163 -44.32 -15.92 -20.04
CA CYS G 163 -43.87 -17.22 -19.67
C CYS G 163 -45.06 -17.88 -18.96
N ARG G 164 -45.60 -18.94 -19.59
CA ARG G 164 -46.74 -19.67 -19.05
C ARG G 164 -46.30 -20.93 -18.35
N VAL G 165 -46.66 -20.98 -17.09
CA VAL G 165 -46.19 -22.03 -16.19
C VAL G 165 -47.33 -22.82 -15.57
N GLU G 166 -47.24 -24.13 -15.67
CA GLU G 166 -48.20 -25.02 -15.02
C GLU G 166 -47.50 -25.95 -14.04
N HIS G 167 -48.07 -26.05 -12.85
CA HIS G 167 -47.62 -26.94 -11.83
C HIS G 167 -48.83 -27.46 -11.00
N TRP G 168 -48.69 -28.62 -10.45
CA TRP G 168 -49.79 -29.18 -9.68
C TRP G 168 -50.21 -28.36 -8.46
N GLY G 169 -49.35 -27.55 -7.91
CA GLY G 169 -49.67 -26.74 -6.76
C GLY G 169 -50.42 -25.44 -7.13
N LEU G 170 -50.49 -25.13 -8.40
CA LEU G 170 -51.21 -23.94 -8.90
C LEU G 170 -52.67 -24.35 -9.23
N ASP G 171 -53.62 -23.58 -8.74
CA ASP G 171 -55.03 -23.73 -9.19
C ASP G 171 -55.20 -23.43 -10.70
N GLN G 172 -54.50 -22.42 -11.19
CA GLN G 172 -54.55 -22.08 -12.59
C GLN G 172 -53.13 -21.88 -13.11
N PRO G 173 -52.95 -21.91 -14.43
CA PRO G 173 -51.67 -21.53 -15.02
C PRO G 173 -51.24 -20.17 -14.65
N LEU G 174 -49.94 -20.02 -14.44
CA LEU G 174 -49.34 -18.76 -14.08
C LEU G 174 -48.81 -18.16 -15.37
N LEU G 175 -49.14 -16.88 -15.64
CA LEU G 175 -48.75 -16.28 -16.91
C LEU G 175 -48.00 -15.06 -16.51
N LYS G 176 -46.67 -15.05 -16.65
CA LYS G 176 -45.85 -13.95 -16.14
C LYS G 176 -45.43 -13.11 -17.36
N HIS G 177 -45.78 -11.83 -17.36
CA HIS G 177 -45.69 -11.00 -18.55
C HIS G 177 -44.40 -10.18 -18.55
N TRP G 178 -43.82 -9.83 -19.72
CA TRP G 178 -42.66 -8.91 -19.75
C TRP G 178 -42.72 -8.10 -21.05
N GLU G 179 -42.42 -6.80 -20.97
CA GLU G 179 -42.33 -5.94 -22.22
C GLU G 179 -41.04 -5.14 -22.24
N ALA G 180 -40.55 -4.81 -23.43
CA ALA G 180 -39.30 -4.02 -23.67
C ALA G 180 -39.45 -2.54 -23.48
N GLN H 1 -8.86 -34.29 -17.41
CA GLN H 1 -8.98 -35.47 -16.61
C GLN H 1 -10.40 -35.62 -15.97
N ALA H 2 -10.57 -36.75 -15.30
CA ALA H 2 -11.87 -37.25 -15.01
C ALA H 2 -12.26 -36.86 -13.64
N TYR H 3 -13.48 -36.35 -13.51
CA TYR H 3 -14.15 -36.17 -12.20
C TYR H 3 -14.46 -37.54 -11.61
N ASP H 4 -14.35 -37.64 -10.31
CA ASP H 4 -14.51 -38.85 -9.53
C ASP H 4 -15.91 -38.73 -8.95
N GLY H 5 -16.61 -39.83 -8.93
CA GLY H 5 -17.93 -39.92 -8.30
C GLY H 5 -18.01 -41.05 -7.30
N LYS H 6 -19.14 -41.19 -6.58
CA LYS H 6 -19.30 -42.31 -5.75
C LYS H 6 -20.70 -42.83 -5.69
N ASP H 7 -20.87 -44.09 -5.31
CA ASP H 7 -22.20 -44.70 -5.33
C ASP H 7 -22.91 -44.35 -4.02
N TYR H 8 -24.21 -44.08 -4.11
CA TYR H 8 -25.06 -44.12 -2.97
C TYR H 8 -25.21 -45.53 -2.40
N ILE H 9 -25.69 -45.58 -1.16
CA ILE H 9 -26.08 -46.78 -0.47
CA ILE H 9 -26.05 -46.84 -0.56
C ILE H 9 -27.47 -47.24 -0.92
N ALA H 10 -27.65 -48.56 -1.15
CA ALA H 10 -28.97 -49.10 -1.41
C ALA H 10 -29.67 -49.57 -0.17
N LEU H 11 -30.62 -48.75 0.33
CA LEU H 11 -31.21 -48.91 1.59
C LEU H 11 -32.02 -50.20 1.61
N LYS H 12 -32.18 -50.78 2.81
CA LYS H 12 -32.93 -52.05 2.96
C LYS H 12 -34.33 -51.87 3.46
N GLY H 13 -35.14 -52.86 3.17
CA GLY H 13 -36.33 -53.13 3.99
C GLY H 13 -37.55 -53.33 3.15
N SER H 26 -54.34 -34.36 -7.03
CA SER H 26 -53.27 -34.41 -8.10
C SER H 26 -52.88 -35.85 -8.42
N PRO H 27 -52.14 -36.07 -9.50
CA PRO H 27 -51.63 -37.41 -9.76
C PRO H 27 -50.73 -37.98 -8.63
N GLU H 28 -50.56 -39.26 -8.63
CA GLU H 28 -49.80 -39.97 -7.61
C GLU H 28 -48.28 -39.84 -8.00
N ASN H 29 -47.49 -39.40 -7.08
CA ASN H 29 -46.03 -39.17 -7.39
C ASN H 29 -45.27 -39.26 -6.08
N TYR H 30 -44.13 -39.97 -6.13
CA TYR H 30 -43.27 -40.13 -4.97
C TYR H 30 -41.86 -39.83 -5.54
N LEU H 31 -41.01 -39.24 -4.70
CA LEU H 31 -39.67 -38.86 -5.09
C LEU H 31 -38.65 -39.21 -4.04
N PHE H 32 -37.45 -39.52 -4.52
CA PHE H 32 -36.28 -39.78 -3.67
C PHE H 32 -35.12 -38.97 -4.21
N GLN H 33 -34.47 -38.26 -3.33
CA GLN H 33 -33.34 -37.48 -3.72
C GLN H 33 -32.14 -37.75 -2.86
N GLY H 34 -30.97 -37.50 -3.44
CA GLY H 34 -29.71 -37.70 -2.71
C GLY H 34 -28.84 -36.48 -2.96
N ARG H 35 -27.91 -36.25 -2.02
CA ARG H 35 -26.90 -35.28 -2.21
C ARG H 35 -25.57 -35.84 -1.76
N GLN H 36 -24.50 -35.55 -2.48
CA GLN H 36 -23.14 -35.86 -2.07
C GLN H 36 -22.42 -34.53 -2.08
N GLU H 37 -22.22 -33.98 -0.91
CA GLU H 37 -21.85 -32.54 -0.80
C GLU H 37 -20.41 -32.44 -0.21
N CYS H 38 -19.54 -31.67 -0.87
CA CYS H 38 -18.13 -31.45 -0.44
C CYS H 38 -18.03 -29.92 -0.08
N TYR H 39 -17.78 -29.66 1.21
CA TYR H 39 -17.62 -28.28 1.73
C TYR H 39 -16.12 -28.01 1.86
N ALA H 40 -15.58 -27.12 1.01
CA ALA H 40 -14.16 -26.75 0.95
C ALA H 40 -13.98 -25.54 1.87
N PHE H 41 -13.06 -25.64 2.84
CA PHE H 41 -12.88 -24.53 3.84
C PHE H 41 -11.46 -24.65 4.38
N ASN H 42 -10.66 -23.58 4.22
CA ASN H 42 -9.41 -23.48 4.95
C ASN H 42 -8.52 -24.68 4.83
N GLY H 43 -8.34 -25.17 3.59
CA GLY H 43 -7.50 -26.29 3.23
C GLY H 43 -8.10 -27.65 3.53
N THR H 44 -9.36 -27.67 3.92
N THR H 44 -9.32 -27.69 4.07
CA THR H 44 -9.99 -28.89 4.35
CA THR H 44 -9.98 -28.91 4.42
C THR H 44 -11.33 -29.15 3.64
C THR H 44 -11.20 -29.17 3.49
N GLN H 45 -11.69 -30.42 3.59
CA GLN H 45 -12.93 -30.88 2.97
C GLN H 45 -13.77 -31.64 3.95
N ARG H 46 -15.06 -31.37 3.98
CA ARG H 46 -16.02 -32.04 4.77
C ARG H 46 -17.05 -32.60 3.81
N PHE H 47 -17.37 -33.86 3.97
CA PHE H 47 -18.33 -34.53 3.15
C PHE H 47 -19.61 -34.84 3.89
N LEU H 48 -20.75 -34.56 3.24
CA LEU H 48 -22.08 -35.00 3.70
C LEU H 48 -22.80 -35.76 2.62
N GLU H 49 -23.37 -36.91 2.95
CA GLU H 49 -24.17 -37.66 1.99
C GLU H 49 -25.54 -37.69 2.62
N ARG H 50 -26.53 -37.14 1.91
CA ARG H 50 -27.88 -36.97 2.43
C ARG H 50 -28.85 -37.86 1.65
N TYR H 51 -29.75 -38.51 2.34
CA TYR H 51 -30.83 -39.33 1.79
C TYR H 51 -32.17 -38.68 2.15
N ILE H 52 -32.95 -38.37 1.13
CA ILE H 52 -34.16 -37.54 1.29
C ILE H 52 -35.34 -38.23 0.57
N TYR H 53 -36.43 -38.39 1.32
CA TYR H 53 -37.62 -38.92 0.76
C TYR H 53 -38.62 -37.73 0.60
N ASN H 54 -39.08 -37.45 -0.64
CA ASN H 54 -39.79 -36.22 -0.97
C ASN H 54 -38.95 -35.03 -0.53
N ARG H 55 -39.35 -34.29 0.51
CA ARG H 55 -38.53 -33.21 1.04
C ARG H 55 -38.00 -33.44 2.45
N GLU H 56 -38.09 -34.66 2.92
CA GLU H 56 -37.63 -35.09 4.26
C GLU H 56 -36.29 -35.80 4.22
N GLU H 57 -35.25 -35.09 4.63
CA GLU H 57 -33.91 -35.70 4.88
C GLU H 57 -34.07 -36.63 6.04
N PHE H 58 -33.79 -37.91 5.88
CA PHE H 58 -34.00 -38.92 6.96
C PHE H 58 -32.77 -39.63 7.53
N VAL H 59 -31.70 -39.69 6.76
CA VAL H 59 -30.41 -40.21 7.18
C VAL H 59 -29.29 -39.55 6.44
N ARG H 60 -28.17 -39.40 7.12
CA ARG H 60 -27.06 -38.74 6.60
C ARG H 60 -25.77 -39.35 7.05
N PHE H 61 -24.77 -39.27 6.20
CA PHE H 61 -23.36 -39.51 6.61
C PHE H 61 -22.68 -38.11 6.63
N ASP H 62 -21.93 -37.80 7.69
CA ASP H 62 -21.22 -36.55 7.80
C ASP H 62 -19.80 -36.90 8.26
N SER H 63 -18.83 -36.53 7.49
CA SER H 63 -17.45 -36.92 7.78
C SER H 63 -16.97 -36.30 9.12
N ASP H 64 -17.56 -35.22 9.61
CA ASP H 64 -17.23 -34.75 11.00
C ASP H 64 -17.64 -35.71 12.10
N VAL H 65 -18.66 -36.51 11.88
CA VAL H 65 -19.14 -37.53 12.80
C VAL H 65 -18.46 -38.88 12.55
N GLY H 66 -18.20 -39.18 11.25
CA GLY H 66 -17.63 -40.46 10.85
C GLY H 66 -18.54 -41.64 10.77
N GLU H 67 -19.81 -41.44 10.97
CA GLU H 67 -20.76 -42.52 10.78
C GLU H 67 -22.09 -41.98 10.37
N PHE H 68 -23.00 -42.90 10.05
CA PHE H 68 -24.33 -42.53 9.67
C PHE H 68 -25.13 -42.07 10.89
N ARG H 69 -26.05 -41.15 10.68
CA ARG H 69 -26.97 -40.72 11.71
C ARG H 69 -28.31 -40.52 11.12
N ALA H 70 -29.32 -40.96 11.85
CA ALA H 70 -30.68 -40.70 11.45
C ALA H 70 -31.02 -39.25 11.74
N VAL H 71 -31.60 -38.59 10.78
CA VAL H 71 -31.99 -37.21 10.89
C VAL H 71 -33.45 -37.16 11.39
N THR H 72 -34.27 -38.10 10.96
CA THR H 72 -35.62 -38.29 11.49
C THR H 72 -35.88 -39.75 11.80
N GLU H 73 -37.04 -40.01 12.38
CA GLU H 73 -37.35 -41.36 12.84
C GLU H 73 -37.35 -42.32 11.71
N LEU H 74 -37.78 -41.85 10.55
CA LEU H 74 -37.74 -42.65 9.37
C LEU H 74 -36.39 -43.28 9.10
N GLY H 75 -35.28 -42.69 9.48
CA GLY H 75 -34.01 -43.27 9.14
C GLY H 75 -33.33 -44.15 10.21
N ARG H 76 -34.03 -44.40 11.32
CA ARG H 76 -33.44 -45.21 12.41
C ARG H 76 -32.96 -46.61 12.01
N PRO H 77 -33.75 -47.28 11.18
CA PRO H 77 -33.39 -48.60 10.54
C PRO H 77 -32.09 -48.55 9.77
N ASP H 78 -31.91 -47.42 9.08
CA ASP H 78 -30.81 -47.25 8.20
C ASP H 78 -29.55 -47.01 9.03
N GLU H 79 -29.65 -46.13 10.05
CA GLU H 79 -28.45 -45.76 10.76
C GLU H 79 -27.82 -46.99 11.42
N GLU H 80 -28.63 -47.83 12.04
CA GLU H 80 -28.04 -48.98 12.72
C GLU H 80 -27.44 -50.05 11.81
N TYR H 81 -28.15 -50.34 10.74
CA TYR H 81 -27.59 -51.24 9.76
C TYR H 81 -26.30 -50.75 9.06
N TRP H 82 -26.30 -49.52 8.55
CA TRP H 82 -25.18 -49.12 7.71
C TRP H 82 -23.94 -48.90 8.64
N ASN H 83 -24.21 -48.55 9.90
CA ASN H 83 -23.08 -48.35 10.82
C ASN H 83 -22.37 -49.68 11.14
N SER H 84 -23.01 -50.77 10.86
CA SER H 84 -22.35 -52.09 11.00
C SER H 84 -21.49 -52.50 9.76
N GLN H 85 -21.61 -51.79 8.64
CA GLN H 85 -20.99 -52.21 7.35
C GLN H 85 -19.68 -51.48 7.23
N LYS H 86 -18.61 -52.08 7.78
CA LYS H 86 -17.40 -51.37 8.02
C LYS H 86 -16.72 -51.05 6.68
N ASP H 87 -16.92 -51.84 5.62
CA ASP H 87 -16.33 -51.50 4.29
C ASP H 87 -17.01 -50.16 3.76
N ILE H 88 -18.28 -49.98 4.09
CA ILE H 88 -19.01 -48.78 3.67
C ILE H 88 -18.48 -47.61 4.49
N LEU H 89 -18.31 -47.76 5.80
CA LEU H 89 -17.73 -46.64 6.60
C LEU H 89 -16.32 -46.29 6.10
N GLU H 90 -15.54 -47.30 5.67
CA GLU H 90 -14.20 -47.07 5.17
C GLU H 90 -14.30 -46.15 3.93
N GLU H 91 -15.23 -46.48 3.06
CA GLU H 91 -15.36 -45.72 1.82
C GLU H 91 -15.86 -44.26 2.04
N GLU H 92 -16.85 -44.11 2.90
CA GLU H 92 -17.42 -42.83 3.19
C GLU H 92 -16.43 -41.94 3.89
N ARG H 93 -15.67 -42.49 4.86
CA ARG H 93 -14.61 -41.72 5.56
C ARG H 93 -13.49 -41.25 4.70
N ALA H 94 -13.24 -41.91 3.60
CA ALA H 94 -12.23 -41.56 2.67
C ALA H 94 -12.59 -40.47 1.64
N VAL H 95 -13.89 -40.15 1.59
CA VAL H 95 -14.38 -39.19 0.57
C VAL H 95 -13.78 -37.77 0.65
N PRO H 96 -13.57 -37.24 1.84
CA PRO H 96 -13.03 -35.88 1.88
C PRO H 96 -11.67 -35.74 1.18
N ASP H 97 -10.76 -36.69 1.49
CA ASP H 97 -9.34 -36.64 1.00
C ASP H 97 -9.16 -37.30 -0.32
N ARG H 98 -10.21 -37.96 -0.83
CA ARG H 98 -10.21 -38.57 -2.09
C ARG H 98 -11.11 -37.78 -3.07
N MET H 99 -12.36 -38.19 -3.30
CA MET H 99 -13.29 -37.47 -4.21
C MET H 99 -13.33 -35.95 -4.02
N CYS H 100 -13.57 -35.51 -2.83
CA CYS H 100 -13.73 -34.03 -2.68
C CYS H 100 -12.48 -33.30 -3.10
N ARG H 101 -11.37 -33.61 -2.46
CA ARG H 101 -10.10 -32.94 -2.73
C ARG H 101 -9.72 -33.04 -4.16
N HIS H 102 -9.77 -34.24 -4.72
CA HIS H 102 -9.37 -34.43 -6.08
C HIS H 102 -10.19 -33.56 -7.06
N ASN H 103 -11.52 -33.55 -6.88
CA ASN H 103 -12.41 -32.85 -7.80
C ASN H 103 -12.17 -31.32 -7.68
N TYR H 104 -11.96 -30.88 -6.48
CA TYR H 104 -11.75 -29.44 -6.16
C TYR H 104 -10.52 -28.92 -6.86
N GLU H 105 -9.42 -29.70 -6.83
CA GLU H 105 -8.16 -29.37 -7.53
CA GLU H 105 -8.18 -29.33 -7.49
C GLU H 105 -8.28 -29.44 -9.04
N LEU H 106 -8.96 -30.47 -9.50
CA LEU H 106 -9.18 -30.71 -10.89
C LEU H 106 -9.89 -29.56 -11.56
N GLY H 107 -10.99 -29.14 -10.96
CA GLY H 107 -11.82 -28.14 -11.65
C GLY H 107 -11.34 -26.71 -11.47
N GLY H 108 -10.48 -26.50 -10.49
CA GLY H 108 -9.96 -25.17 -10.10
C GLY H 108 -9.79 -24.16 -11.24
N PRO H 109 -9.01 -24.46 -12.29
CA PRO H 109 -8.75 -23.52 -13.38
C PRO H 109 -9.96 -22.98 -14.12
N MET H 110 -11.06 -23.70 -14.05
CA MET H 110 -12.34 -23.24 -14.72
C MET H 110 -13.48 -22.90 -13.76
N THR H 111 -13.28 -23.07 -12.45
CA THR H 111 -14.30 -22.83 -11.45
C THR H 111 -13.81 -21.81 -10.48
N LEU H 112 -12.96 -22.19 -9.52
CA LEU H 112 -12.27 -21.24 -8.61
C LEU H 112 -11.66 -20.07 -9.31
N GLN H 113 -11.00 -20.29 -10.44
CA GLN H 113 -10.32 -19.27 -11.18
C GLN H 113 -11.17 -18.59 -12.24
N ARG H 114 -12.41 -18.95 -12.38
CA ARG H 114 -13.24 -18.33 -13.37
C ARG H 114 -13.49 -16.81 -13.00
N ARG H 115 -13.24 -15.97 -13.97
CA ARG H 115 -13.35 -14.49 -13.81
C ARG H 115 -13.97 -13.97 -15.09
N VAL H 116 -15.17 -13.39 -14.99
CA VAL H 116 -15.81 -12.74 -16.12
C VAL H 116 -16.18 -11.32 -15.70
N GLN H 117 -15.76 -10.33 -16.51
CA GLN H 117 -15.85 -8.93 -16.07
C GLN H 117 -17.24 -8.38 -16.23
N PRO H 118 -17.68 -7.58 -15.26
CA PRO H 118 -18.97 -6.94 -15.43
C PRO H 118 -19.12 -5.92 -16.53
N ARG H 119 -20.29 -5.84 -17.09
CA ARG H 119 -20.68 -4.71 -17.95
C ARG H 119 -21.60 -3.82 -17.11
N VAL H 120 -21.51 -2.53 -17.32
CA VAL H 120 -22.25 -1.58 -16.52
C VAL H 120 -23.10 -0.62 -17.39
N ASN H 121 -24.34 -0.40 -16.98
CA ASN H 121 -25.24 0.50 -17.71
C ASN H 121 -26.00 1.31 -16.72
N VAL H 122 -26.02 2.62 -16.97
CA VAL H 122 -26.76 3.51 -16.10
C VAL H 122 -27.90 4.26 -16.85
N SER H 123 -29.07 4.16 -16.30
CA SER H 123 -30.18 4.86 -16.88
C SER H 123 -31.24 5.13 -15.85
N PRO H 124 -32.06 6.20 -16.07
CA PRO H 124 -33.13 6.45 -15.10
C PRO H 124 -34.24 5.45 -15.23
N SER H 125 -34.98 5.14 -14.15
CA SER H 125 -35.81 3.89 -14.07
C SER H 125 -36.61 3.51 -15.31
N ASN H 134 -38.50 7.93 -7.88
CA ASN H 134 -37.60 8.55 -8.84
C ASN H 134 -36.08 8.08 -8.85
N LEU H 135 -35.73 7.15 -9.75
CA LEU H 135 -34.61 6.23 -9.52
C LEU H 135 -33.58 6.22 -10.64
N LEU H 136 -32.31 6.21 -10.27
CA LEU H 136 -31.29 6.07 -11.25
C LEU H 136 -30.80 4.62 -11.06
N VAL H 137 -30.70 3.86 -12.12
CA VAL H 137 -30.39 2.42 -12.04
C VAL H 137 -29.00 2.12 -12.60
N CYS H 138 -28.15 1.49 -11.79
CA CYS H 138 -26.87 0.99 -12.25
C CYS H 138 -27.06 -0.50 -12.44
N HIS H 139 -27.25 -0.91 -13.65
CA HIS H 139 -27.52 -2.30 -14.02
C HIS H 139 -26.21 -2.95 -14.38
N VAL H 140 -25.76 -3.89 -13.57
CA VAL H 140 -24.46 -4.48 -13.69
C VAL H 140 -24.65 -5.97 -14.11
N THR H 141 -24.07 -6.33 -15.22
CA THR H 141 -24.37 -7.64 -15.82
C THR H 141 -23.16 -8.47 -16.17
N ASP H 142 -23.42 -9.77 -16.35
CA ASP H 142 -22.55 -10.70 -17.09
C ASP H 142 -21.22 -10.95 -16.29
N PHE H 143 -21.29 -11.00 -14.97
CA PHE H 143 -20.11 -11.18 -14.20
C PHE H 143 -20.04 -12.51 -13.42
N TYR H 144 -18.81 -12.90 -13.06
CA TYR H 144 -18.56 -14.07 -12.26
C TYR H 144 -17.14 -13.90 -11.61
N PRO H 145 -16.98 -14.23 -10.35
CA PRO H 145 -17.99 -14.71 -9.37
C PRO H 145 -18.96 -13.64 -8.82
N GLY H 146 -19.82 -14.05 -7.93
CA GLY H 146 -20.93 -13.30 -7.38
C GLY H 146 -20.57 -12.08 -6.57
N SER H 147 -19.45 -12.11 -5.87
CA SER H 147 -19.16 -10.97 -4.98
C SER H 147 -18.87 -9.75 -5.82
N ILE H 148 -19.51 -8.66 -5.46
CA ILE H 148 -19.33 -7.42 -6.21
C ILE H 148 -19.65 -6.25 -5.32
N GLN H 149 -19.06 -5.12 -5.62
CA GLN H 149 -19.40 -3.92 -4.83
C GLN H 149 -19.75 -2.79 -5.82
N VAL H 150 -20.90 -2.21 -5.54
CA VAL H 150 -21.36 -1.13 -6.36
C VAL H 150 -21.56 0.10 -5.57
N ARG H 151 -20.99 1.23 -6.02
CA ARG H 151 -21.12 2.45 -5.22
C ARG H 151 -21.64 3.64 -6.03
N TRP H 152 -22.38 4.55 -5.40
CA TRP H 152 -22.95 5.72 -6.06
C TRP H 152 -22.34 6.99 -5.57
N PHE H 153 -22.09 7.91 -6.46
CA PHE H 153 -21.55 9.25 -6.20
C PHE H 153 -22.42 10.29 -6.88
N LEU H 154 -22.68 11.43 -6.14
CA LEU H 154 -23.32 12.64 -6.73
C LEU H 154 -22.38 13.76 -6.59
N ASN H 155 -21.96 14.39 -7.69
CA ASN H 155 -21.05 15.55 -7.68
C ASN H 155 -19.84 15.28 -6.81
N GLY H 156 -19.25 14.12 -7.01
CA GLY H 156 -18.07 13.76 -6.35
C GLY H 156 -18.18 13.21 -4.92
N GLN H 157 -19.36 13.10 -4.34
CA GLN H 157 -19.47 12.68 -2.94
C GLN H 157 -20.30 11.42 -2.90
N GLU H 158 -19.81 10.43 -2.21
CA GLU H 158 -20.52 9.19 -2.14
C GLU H 158 -21.87 9.19 -1.41
N GLU H 159 -22.84 8.50 -1.99
CA GLU H 159 -24.19 8.37 -1.44
C GLU H 159 -24.42 6.97 -0.90
N THR H 160 -24.95 6.82 0.32
CA THR H 160 -25.20 5.46 0.86
C THR H 160 -26.61 5.24 1.31
N ALA H 161 -27.10 6.18 2.11
CA ALA H 161 -28.51 6.09 2.40
C ALA H 161 -29.26 6.66 1.16
N GLY H 162 -30.43 6.14 0.83
CA GLY H 162 -31.06 6.48 -0.45
C GLY H 162 -30.77 5.41 -1.53
N VAL H 163 -29.88 4.44 -1.21
CA VAL H 163 -29.49 3.38 -2.18
C VAL H 163 -30.29 2.12 -1.86
N VAL H 164 -30.89 1.53 -2.88
CA VAL H 164 -31.52 0.21 -2.73
C VAL H 164 -30.99 -0.72 -3.85
N SER H 165 -31.15 -2.01 -3.70
CA SER H 165 -30.74 -2.91 -4.76
C SER H 165 -31.55 -4.14 -4.82
N THR H 166 -31.52 -4.76 -5.98
CA THR H 166 -32.05 -6.11 -6.10
C THR H 166 -31.19 -7.06 -5.27
N ASN H 167 -31.68 -8.31 -5.22
CA ASN H 167 -30.79 -9.33 -4.75
C ASN H 167 -29.76 -9.55 -5.86
N LEU H 168 -28.69 -10.26 -5.51
CA LEU H 168 -27.73 -10.74 -6.48
C LEU H 168 -28.48 -11.79 -7.33
N ILE H 169 -28.56 -11.60 -8.62
CA ILE H 169 -29.38 -12.49 -9.49
C ILE H 169 -28.49 -13.44 -10.26
N ARG H 170 -28.77 -14.73 -10.11
CA ARG H 170 -28.11 -15.72 -10.85
C ARG H 170 -28.80 -15.96 -12.18
N ASN H 171 -28.07 -15.96 -13.31
CA ASN H 171 -28.66 -16.10 -14.65
C ASN H 171 -28.82 -17.56 -15.00
N GLY H 172 -28.08 -18.40 -14.27
CA GLY H 172 -28.16 -19.84 -14.46
C GLY H 172 -27.16 -20.35 -15.48
N ASP H 173 -26.38 -19.48 -16.12
CA ASP H 173 -25.44 -19.77 -17.17
C ASP H 173 -23.97 -19.43 -16.74
N TRP H 174 -23.71 -19.52 -15.45
CA TRP H 174 -22.42 -19.17 -14.83
C TRP H 174 -22.08 -17.65 -14.91
N THR H 175 -23.12 -16.83 -14.88
CA THR H 175 -22.98 -15.39 -14.78
C THR H 175 -24.07 -14.88 -13.88
N PHE H 176 -23.79 -13.71 -13.36
CA PHE H 176 -24.64 -13.00 -12.45
C PHE H 176 -25.01 -11.59 -12.98
N GLN H 177 -26.04 -11.02 -12.39
CA GLN H 177 -26.32 -9.58 -12.53
C GLN H 177 -26.85 -9.04 -11.25
N ILE H 178 -26.87 -7.73 -11.20
CA ILE H 178 -27.50 -6.99 -10.08
C ILE H 178 -27.92 -5.56 -10.51
N LEU H 179 -28.97 -5.04 -9.92
CA LEU H 179 -29.38 -3.65 -10.14
C LEU H 179 -29.31 -2.90 -8.82
N VAL H 180 -28.61 -1.79 -8.85
CA VAL H 180 -28.40 -0.95 -7.64
C VAL H 180 -28.92 0.42 -8.08
N MET H 181 -29.81 0.94 -7.28
CA MET H 181 -30.58 2.10 -7.58
C MET H 181 -30.43 3.24 -6.52
N LEU H 182 -30.42 4.44 -7.02
CA LEU H 182 -30.26 5.68 -6.23
C LEU H 182 -31.53 6.51 -6.41
N GLU H 183 -32.15 6.79 -5.29
CA GLU H 183 -33.22 7.75 -5.21
C GLU H 183 -32.65 9.15 -5.47
N MET H 184 -33.13 9.82 -6.50
CA MET H 184 -32.50 11.06 -6.88
C MET H 184 -33.53 12.19 -7.04
N THR H 185 -33.05 13.43 -6.93
CA THR H 185 -33.82 14.64 -7.24
C THR H 185 -32.88 15.51 -7.97
N PRO H 186 -32.72 15.24 -9.27
CA PRO H 186 -31.67 15.84 -10.04
C PRO H 186 -31.93 17.28 -10.48
N GLN H 187 -30.86 18.04 -10.65
CA GLN H 187 -30.94 19.41 -11.13
C GLN H 187 -29.96 19.51 -12.24
N GLN H 188 -30.15 20.46 -13.14
CA GLN H 188 -29.19 20.60 -14.25
C GLN H 188 -27.78 20.85 -13.66
N GLY H 189 -26.79 20.24 -14.29
CA GLY H 189 -25.44 20.32 -13.74
C GLY H 189 -25.07 19.11 -12.85
N ASP H 190 -26.04 18.48 -12.17
CA ASP H 190 -25.75 17.30 -11.29
C ASP H 190 -25.13 16.16 -12.12
N VAL H 191 -23.98 15.62 -11.65
CA VAL H 191 -23.29 14.50 -12.26
C VAL H 191 -23.36 13.29 -11.29
N TYR H 192 -23.93 12.17 -11.79
CA TYR H 192 -24.06 10.95 -10.97
C TYR H 192 -23.07 9.93 -11.53
N THR H 193 -22.42 9.16 -10.67
CA THR H 193 -21.46 8.16 -11.08
C THR H 193 -21.69 6.91 -10.31
N CYS H 194 -21.77 5.79 -11.04
CA CYS H 194 -21.85 4.41 -10.51
C CYS H 194 -20.45 3.85 -10.64
N GLN H 195 -19.87 3.28 -9.56
CA GLN H 195 -18.54 2.67 -9.60
C GLN H 195 -18.66 1.22 -9.19
N VAL H 196 -18.06 0.33 -9.95
CA VAL H 196 -18.19 -1.09 -9.74
C VAL H 196 -16.78 -1.65 -9.50
N GLU H 197 -16.67 -2.41 -8.39
CA GLU H 197 -15.46 -3.10 -8.03
C GLU H 197 -15.72 -4.64 -8.03
N HIS H 198 -14.80 -5.36 -8.67
CA HIS H 198 -15.00 -6.79 -8.79
C HIS H 198 -13.59 -7.44 -9.00
N THR H 199 -13.49 -8.69 -8.58
CA THR H 199 -12.22 -9.40 -8.66
C THR H 199 -11.68 -9.54 -10.04
N SER H 200 -12.54 -9.55 -11.03
CA SER H 200 -12.10 -9.63 -12.39
C SER H 200 -11.44 -8.40 -12.99
N LEU H 201 -11.61 -7.28 -12.32
CA LEU H 201 -11.13 -5.97 -12.76
C LEU H 201 -9.80 -5.56 -12.05
N ASP H 202 -8.86 -5.00 -12.77
CA ASP H 202 -7.65 -4.42 -12.08
C ASP H 202 -7.82 -2.94 -11.63
N SER H 203 -8.89 -2.26 -12.10
CA SER H 203 -9.32 -1.03 -11.48
C SER H 203 -10.85 -0.95 -11.63
N PRO H 204 -11.48 -0.09 -10.90
CA PRO H 204 -12.94 0.04 -10.94
C PRO H 204 -13.50 0.56 -12.24
N VAL H 205 -14.68 0.07 -12.60
CA VAL H 205 -15.41 0.63 -13.74
C VAL H 205 -16.30 1.75 -13.26
N THR H 206 -16.26 2.91 -13.93
CA THR H 206 -17.17 4.00 -13.56
C THR H 206 -17.98 4.37 -14.78
N VAL H 207 -19.22 4.60 -14.57
CA VAL H 207 -20.11 5.12 -15.63
C VAL H 207 -20.80 6.36 -15.06
N GLU H 208 -20.79 7.45 -15.82
CA GLU H 208 -21.49 8.66 -15.44
C GLU H 208 -22.82 8.86 -16.10
N TRP H 209 -23.68 9.57 -15.44
CA TRP H 209 -24.94 10.03 -16.02
C TRP H 209 -25.12 11.49 -15.60
N LYS H 210 -25.32 12.36 -16.61
CA LYS H 210 -25.57 13.82 -16.33
C LYS H 210 -27.04 14.18 -16.41
N ALA H 211 -27.50 14.94 -15.42
CA ALA H 211 -28.86 15.43 -15.37
C ALA H 211 -28.93 16.71 -16.21
#